data_4OJZ
#
_entry.id   4OJZ
#
_cell.length_a   85.820
_cell.length_b   128.620
_cell.length_c   88.130
_cell.angle_alpha   90.00
_cell.angle_beta   111.81
_cell.angle_gamma   90.00
#
_symmetry.space_group_name_H-M   'P 1 21 1'
#
loop_
_entity.id
_entity.type
_entity.pdbx_description
1 polymer 'Putative alginate lyase'
2 branched 'beta-D-mannopyranuronic acid-(1-4)-alpha-D-mannopyranuronic acid-(1-4)-alpha-L-gulopyranuronic acid'
3 non-polymer 'ZINC ION'
4 non-polymer 1,2-ETHANEDIOL
5 water water
#
_entity_poly.entity_id   1
_entity_poly.type   'polypeptide(L)'
_entity_poly.pdbx_seq_one_letter_code
;MLSVNTIKNTLLAAVLVSVPATAQVSGNGHPNLIVTEQDVANIAASWESYDAYAEQLNADKTNLDAFMAEGVVVPMPKDA
GGGYTHEQHKRNYKAIRNAGFLYQVTGDEKYLTFAKDLLLAYAKMYPSLGEHPNRKEQSPGRLFWQSLNEAVWLVYSIQG
YDAIIDGLAAEEKQEIESGVFLPMAKFLSVESPETFNKIHNHGTWAVAAVGMTGYVLGNDELVEISLMGLDKTGKAGFMK
QLDKLFSPDGYYTEGPYAQRYALMPFIWFAKAIETNEPERKIFEYRNNILLKAVYTTIDLSYAGYFFPINDALKDKGIDT
VELVHALAIVYSITGDNTLLDIAQEQGRISLTGDGLKVAKAVGEGLTQPYNYRSILLGDGADGDQGALSIHRLGEGHNHM
ALVAKNTSQGMGHGHFDKLNWLLYDNGNEIVTDYGAARYLNVEAKYGGHYLAENNTWAKQTIAHNTLVVNEQSHFYGDVT
TADLHHPEVLSFYSGEDYQLSSAKEANAYDGVEFVRSMLLVNVPSLEHPIVVDVLNVSADKASTFDLPLYFNGQIIDFSF
KVKDNKNVMKMLGKRNGYQHLWLRNTAPVGDASERATWILDDRFYSYAFVTSTPSKKQNVLIAELGANDPNYNLRQQQVL
IRRVEKAKQASFVSVLEPHGKYDGSLETTSGAYSNVKSVKHVSENGKDVVVVDLKDGSNVVVALSYNANSEQVHKVNAGE
EAIEWKGFSSVVVRRK
;
_entity_poly.pdbx_strand_id   A,B
#
loop_
_chem_comp.id
_chem_comp.type
_chem_comp.name
_chem_comp.formula
BEM D-saccharide, beta linking 'beta-D-mannopyranuronic acid' 'C6 H10 O7'
EDO non-polymer 1,2-ETHANEDIOL 'C2 H6 O2'
LGU L-saccharide, alpha linking 'alpha-L-gulopyranuronic acid' 'C6 H10 O7'
MAV D-saccharide, alpha linking 'alpha-D-mannopyranuronic acid' 'C6 H10 O7'
ZN non-polymer 'ZINC ION' 'Zn 2'
#
# COMPACT_ATOMS: atom_id res chain seq x y z
N HIS A 30 -27.55 -28.04 25.30
CA HIS A 30 -27.02 -26.69 24.98
C HIS A 30 -25.53 -26.57 25.33
N PRO A 31 -24.73 -25.93 24.47
CA PRO A 31 -25.20 -25.33 23.21
C PRO A 31 -25.45 -26.38 22.13
N ASN A 32 -26.27 -26.03 21.15
CA ASN A 32 -26.55 -26.92 20.03
C ASN A 32 -27.08 -26.12 18.84
N LEU A 33 -26.17 -25.38 18.20
CA LEU A 33 -26.53 -24.51 17.08
C LEU A 33 -25.33 -24.38 16.16
N ILE A 34 -24.48 -23.38 16.42
CA ILE A 34 -23.25 -23.21 15.62
C ILE A 34 -22.10 -23.97 16.27
N VAL A 35 -22.17 -24.09 17.60
CA VAL A 35 -21.31 -25.01 18.33
C VAL A 35 -22.17 -26.02 19.09
N THR A 36 -21.66 -27.23 19.27
CA THR A 36 -22.38 -28.26 20.02
C THR A 36 -21.70 -28.54 21.35
N GLU A 37 -22.36 -29.35 22.18
CA GLU A 37 -21.76 -29.80 23.43
C GLU A 37 -20.47 -30.58 23.14
N GLN A 38 -20.49 -31.44 22.13
CA GLN A 38 -19.30 -32.19 21.73
C GLN A 38 -18.17 -31.27 21.29
N ASP A 39 -18.51 -30.20 20.55
CA ASP A 39 -17.55 -29.17 20.16
C ASP A 39 -16.85 -28.56 21.37
N VAL A 40 -17.64 -28.14 22.36
CA VAL A 40 -17.12 -27.57 23.61
C VAL A 40 -16.17 -28.58 24.29
N ALA A 41 -16.57 -29.84 24.32
CA ALA A 41 -15.73 -30.92 24.86
C ALA A 41 -14.37 -30.96 24.15
N ASN A 42 -14.41 -31.03 22.82
CA ASN A 42 -13.19 -31.02 22.01
C ASN A 42 -12.31 -29.80 22.26
N ILE A 43 -12.92 -28.61 22.26
CA ILE A 43 -12.21 -27.36 22.51
C ILE A 43 -11.57 -27.36 23.90
N ALA A 44 -12.37 -27.70 24.92
CA ALA A 44 -11.87 -27.81 26.28
C ALA A 44 -10.67 -28.75 26.39
N ALA A 45 -10.72 -29.87 25.66
CA ALA A 45 -9.66 -30.86 25.71
C ALA A 45 -8.34 -30.44 25.03
N SER A 46 -8.41 -29.51 24.07
CA SER A 46 -7.22 -29.28 23.23
C SER A 46 -6.90 -27.87 22.73
N TRP A 47 -7.72 -26.86 23.05
CA TRP A 47 -7.55 -25.53 22.41
C TRP A 47 -6.20 -24.85 22.67
N GLU A 48 -5.64 -25.06 23.85
CA GLU A 48 -4.35 -24.47 24.18
C GLU A 48 -3.17 -25.18 23.50
N SER A 49 -3.45 -26.33 22.86
CA SER A 49 -2.44 -27.08 22.12
C SER A 49 -2.13 -26.47 20.75
N TYR A 50 -3.01 -25.59 20.26
CA TYR A 50 -2.84 -25.01 18.93
C TYR A 50 -2.59 -23.51 18.99
N ASP A 51 -1.39 -23.09 18.58
CA ASP A 51 -0.91 -21.73 18.80
C ASP A 51 -1.83 -20.65 18.24
N ALA A 52 -2.16 -20.74 16.96
CA ALA A 52 -2.98 -19.71 16.32
C ALA A 52 -4.39 -19.62 16.91
N TYR A 53 -5.04 -20.78 17.09
CA TYR A 53 -6.36 -20.86 17.71
C TYR A 53 -6.36 -20.23 19.11
N ALA A 54 -5.39 -20.65 19.92
CA ALA A 54 -5.24 -20.14 21.29
C ALA A 54 -4.96 -18.64 21.32
N GLU A 55 -4.12 -18.16 20.41
CA GLU A 55 -3.79 -16.73 20.31
C GLU A 55 -5.03 -15.89 20.01
N GLN A 56 -5.88 -16.38 19.10
CA GLN A 56 -7.08 -15.65 18.73
C GLN A 56 -8.16 -15.72 19.81
N LEU A 57 -8.28 -16.88 20.46
CA LEU A 57 -9.21 -17.04 21.57
C LEU A 57 -8.84 -16.10 22.72
N ASN A 58 -7.54 -16.10 23.08
CA ASN A 58 -7.02 -15.18 24.10
C ASN A 58 -7.18 -13.70 23.74
N ALA A 59 -7.06 -13.38 22.46
CA ALA A 59 -7.29 -12.02 21.97
C ALA A 59 -8.76 -11.60 22.16
N ASP A 60 -9.68 -12.47 21.75
CA ASP A 60 -11.11 -12.24 21.98
C ASP A 60 -11.42 -12.08 23.47
N LYS A 61 -10.83 -12.95 24.29
CA LYS A 61 -10.99 -12.90 25.75
C LYS A 61 -10.52 -11.55 26.32
N THR A 62 -9.34 -11.12 25.89
CA THR A 62 -8.77 -9.84 26.32
C THR A 62 -9.68 -8.67 25.93
N ASN A 63 -10.12 -8.66 24.68
CA ASN A 63 -11.00 -7.61 24.18
C ASN A 63 -12.34 -7.57 24.90
N LEU A 64 -12.92 -8.74 25.15
CA LEU A 64 -14.20 -8.81 25.86
C LEU A 64 -14.08 -8.28 27.29
N ASP A 65 -13.02 -8.70 27.99
CA ASP A 65 -12.72 -8.19 29.35
C ASP A 65 -12.69 -6.67 29.40
N ALA A 66 -12.01 -6.06 28.43
CA ALA A 66 -11.93 -4.60 28.31
C ALA A 66 -13.31 -3.99 28.07
N PHE A 67 -14.07 -4.60 27.15
CA PHE A 67 -15.44 -4.16 26.87
C PHE A 67 -16.33 -4.29 28.11
N MET A 68 -16.19 -5.40 28.83
CA MET A 68 -16.99 -5.65 30.06
C MET A 68 -16.74 -4.62 31.15
N ALA A 69 -15.49 -4.15 31.23
CA ALA A 69 -15.08 -3.12 32.19
C ALA A 69 -15.83 -1.79 31.98
N GLU A 70 -16.39 -1.62 30.79
CA GLU A 70 -17.24 -0.45 30.47
C GLU A 70 -18.64 -0.60 31.05
N GLY A 71 -18.95 -1.80 31.56
CA GLY A 71 -20.29 -2.11 32.06
C GLY A 71 -21.26 -2.45 30.95
N VAL A 72 -22.53 -2.62 31.30
CA VAL A 72 -23.59 -2.96 30.35
C VAL A 72 -24.15 -1.67 29.74
N VAL A 73 -23.91 -1.49 28.44
CA VAL A 73 -24.24 -0.23 27.76
C VAL A 73 -25.15 -0.49 26.56
N VAL A 74 -26.45 -0.27 26.77
CA VAL A 74 -27.47 -0.58 25.79
C VAL A 74 -28.28 0.70 25.52
N PRO A 75 -27.80 1.55 24.60
CA PRO A 75 -28.47 2.83 24.37
C PRO A 75 -29.79 2.71 23.61
N MET A 76 -30.70 3.65 23.85
CA MET A 76 -31.90 3.76 23.05
C MET A 76 -31.48 4.03 21.61
N PRO A 77 -32.16 3.40 20.62
CA PRO A 77 -31.78 3.57 19.22
C PRO A 77 -31.92 5.03 18.77
N LYS A 78 -30.89 5.55 18.12
CA LYS A 78 -30.86 6.95 17.70
C LYS A 78 -30.23 7.14 16.32
N ASP A 79 -29.06 6.51 16.12
CA ASP A 79 -28.23 6.77 14.93
C ASP A 79 -28.35 5.71 13.84
N ALA A 80 -28.22 6.15 12.59
CA ALA A 80 -28.22 5.25 11.44
C ALA A 80 -26.84 4.63 11.20
N GLY A 81 -26.55 4.24 9.95
CA GLY A 81 -25.30 3.57 9.60
C GLY A 81 -24.05 4.31 10.04
N GLY A 82 -23.17 3.61 10.75
CA GLY A 82 -21.92 4.19 11.22
C GLY A 82 -22.03 5.06 12.47
N GLY A 83 -23.25 5.37 12.88
CA GLY A 83 -23.49 6.19 14.06
C GLY A 83 -23.22 5.46 15.37
N TYR A 84 -23.17 6.20 16.47
CA TYR A 84 -22.87 5.62 17.77
C TYR A 84 -23.78 4.46 18.20
N THR A 85 -25.10 4.65 18.20
CA THR A 85 -26.00 3.54 18.64
C THR A 85 -25.93 2.32 17.72
N HIS A 86 -25.83 2.58 16.42
CA HIS A 86 -25.64 1.54 15.40
C HIS A 86 -24.45 0.64 15.74
N GLU A 87 -23.29 1.27 15.96
CA GLU A 87 -22.05 0.53 16.22
C GLU A 87 -21.99 -0.04 17.64
N GLN A 88 -22.68 0.61 18.58
CA GLN A 88 -22.76 0.08 19.96
C GLN A 88 -23.56 -1.22 20.03
N HIS A 89 -24.70 -1.25 19.36
CA HIS A 89 -25.53 -2.47 19.34
C HIS A 89 -24.84 -3.57 18.55
N LYS A 90 -24.01 -3.17 17.58
CA LYS A 90 -23.12 -4.11 16.89
C LYS A 90 -22.09 -4.70 17.85
N ARG A 91 -21.39 -3.82 18.60
CA ARG A 91 -20.47 -4.27 19.64
C ARG A 91 -21.15 -5.23 20.62
N ASN A 92 -22.37 -4.89 21.01
CA ASN A 92 -23.16 -5.74 21.91
C ASN A 92 -23.49 -7.14 21.40
N TYR A 93 -23.92 -7.25 20.14
CA TYR A 93 -24.22 -8.59 19.63
C TYR A 93 -22.99 -9.48 19.54
N LYS A 94 -21.83 -8.89 19.25
CA LYS A 94 -20.59 -9.65 19.23
C LYS A 94 -20.20 -10.06 20.64
N ALA A 95 -20.37 -9.13 21.58
CA ALA A 95 -20.14 -9.38 23.02
C ALA A 95 -20.99 -10.53 23.58
N ILE A 96 -22.28 -10.56 23.22
CA ILE A 96 -23.19 -11.62 23.68
C ILE A 96 -22.71 -12.98 23.15
N ARG A 97 -22.43 -13.05 21.85
CA ARG A 97 -21.92 -14.28 21.25
C ARG A 97 -20.59 -14.70 21.88
N ASN A 98 -19.64 -13.77 21.94
CA ASN A 98 -18.31 -14.05 22.50
C ASN A 98 -18.37 -14.47 23.97
N ALA A 99 -19.20 -13.77 24.75
CA ALA A 99 -19.38 -14.09 26.17
C ALA A 99 -19.93 -15.50 26.36
N GLY A 100 -20.92 -15.85 25.56
CA GLY A 100 -21.50 -17.20 25.58
C GLY A 100 -20.46 -18.26 25.29
N PHE A 101 -19.69 -18.05 24.24
CA PHE A 101 -18.63 -18.99 23.85
C PHE A 101 -17.59 -19.15 24.96
N LEU A 102 -17.11 -18.02 25.49
CA LEU A 102 -16.06 -18.03 26.52
C LEU A 102 -16.53 -18.65 27.82
N TYR A 103 -17.81 -18.44 28.17
CA TYR A 103 -18.41 -19.13 29.30
C TYR A 103 -18.32 -20.65 29.12
N GLN A 104 -18.68 -21.13 27.94
CA GLN A 104 -18.64 -22.56 27.66
C GLN A 104 -17.22 -23.13 27.72
N VAL A 105 -16.26 -22.40 27.16
CA VAL A 105 -14.87 -22.85 27.09
C VAL A 105 -14.12 -22.74 28.42
N THR A 106 -14.29 -21.62 29.12
CA THR A 106 -13.53 -21.35 30.35
C THR A 106 -14.27 -21.78 31.63
N GLY A 107 -15.60 -21.87 31.56
CA GLY A 107 -16.42 -22.16 32.73
C GLY A 107 -16.54 -20.98 33.68
N ASP A 108 -16.04 -19.83 33.25
CA ASP A 108 -16.04 -18.63 34.09
C ASP A 108 -17.41 -17.94 34.05
N GLU A 109 -18.04 -17.88 35.22
CA GLU A 109 -19.39 -17.32 35.39
C GLU A 109 -19.56 -15.85 35.03
N LYS A 110 -18.50 -15.06 35.11
CA LYS A 110 -18.58 -13.63 34.74
C LYS A 110 -19.00 -13.42 33.27
N TYR A 111 -18.69 -14.39 32.42
CA TYR A 111 -19.06 -14.32 31.01
C TYR A 111 -20.56 -14.61 30.82
N LEU A 112 -21.04 -15.63 31.53
CA LEU A 112 -22.47 -15.92 31.63
C LEU A 112 -23.20 -14.67 32.11
N THR A 113 -22.68 -14.07 33.19
CA THR A 113 -23.33 -12.94 33.85
C THR A 113 -23.44 -11.72 32.95
N PHE A 114 -22.39 -11.45 32.18
CA PHE A 114 -22.40 -10.32 31.26
C PHE A 114 -23.37 -10.54 30.09
N ALA A 115 -23.33 -11.73 29.48
CA ALA A 115 -24.28 -12.10 28.43
C ALA A 115 -25.73 -11.99 28.93
N LYS A 116 -25.99 -12.57 30.09
CA LYS A 116 -27.29 -12.48 30.75
C LYS A 116 -27.72 -11.02 30.99
N ASP A 117 -26.82 -10.22 31.57
CA ASP A 117 -27.13 -8.81 31.90
C ASP A 117 -27.42 -7.95 30.66
N LEU A 118 -26.65 -8.15 29.58
CA LEU A 118 -26.94 -7.49 28.31
C LEU A 118 -28.34 -7.87 27.78
N LEU A 119 -28.62 -9.17 27.75
CA LEU A 119 -29.90 -9.65 27.21
C LEU A 119 -31.11 -9.24 28.05
N LEU A 120 -30.93 -9.16 29.37
CA LEU A 120 -32.00 -8.65 30.25
C LEU A 120 -32.26 -7.17 29.99
N ALA A 121 -31.21 -6.40 29.75
CA ALA A 121 -31.35 -4.97 29.39
C ALA A 121 -32.08 -4.82 28.04
N TYR A 122 -31.74 -5.70 27.10
CA TYR A 122 -32.44 -5.73 25.82
C TYR A 122 -33.90 -6.12 25.98
N ALA A 123 -34.16 -7.12 26.84
CA ALA A 123 -35.52 -7.59 27.09
C ALA A 123 -36.40 -6.48 27.69
N LYS A 124 -35.80 -5.63 28.52
CA LYS A 124 -36.54 -4.51 29.12
C LYS A 124 -36.86 -3.43 28.09
N MET A 125 -35.91 -3.16 27.20
CA MET A 125 -36.04 -2.06 26.23
C MET A 125 -36.91 -2.41 25.02
N TYR A 126 -36.72 -3.61 24.49
CA TYR A 126 -37.23 -3.95 23.16
C TYR A 126 -38.75 -3.86 22.98
N PRO A 127 -39.56 -4.34 23.96
CA PRO A 127 -41.01 -4.25 23.76
C PRO A 127 -41.54 -2.82 23.57
N SER A 128 -40.82 -1.82 24.06
CA SER A 128 -41.27 -0.43 23.92
C SER A 128 -40.90 0.20 22.58
N LEU A 129 -40.07 -0.47 21.79
CA LEU A 129 -39.52 0.14 20.59
C LEU A 129 -40.46 0.17 19.39
N GLY A 130 -40.64 1.36 18.83
CA GLY A 130 -41.26 1.53 17.52
C GLY A 130 -40.18 1.57 16.46
N GLU A 131 -40.53 2.07 15.28
CA GLU A 131 -39.57 2.19 14.17
C GLU A 131 -38.43 3.14 14.53
N HIS A 132 -37.23 2.79 14.09
CA HIS A 132 -36.04 3.59 14.35
C HIS A 132 -36.27 5.05 13.94
N PRO A 133 -35.80 6.02 14.77
CA PRO A 133 -36.04 7.44 14.46
C PRO A 133 -35.39 7.93 13.16
N ASN A 134 -34.36 7.23 12.69
CA ASN A 134 -33.72 7.53 11.41
C ASN A 134 -33.74 6.32 10.48
N ARG A 135 -34.91 5.68 10.42
CA ARG A 135 -35.09 4.42 9.72
C ARG A 135 -34.90 4.51 8.22
N LYS A 136 -34.50 3.38 7.63
CA LYS A 136 -34.44 3.24 6.18
C LYS A 136 -35.87 3.09 5.67
N GLU A 137 -36.18 3.85 4.62
CA GLU A 137 -37.52 3.88 4.03
C GLU A 137 -37.99 2.49 3.59
N GLN A 138 -37.14 1.78 2.86
CA GLN A 138 -37.52 0.52 2.22
C GLN A 138 -37.75 -0.64 3.20
N SER A 139 -36.91 -0.73 4.23
CA SER A 139 -36.97 -1.85 5.18
C SER A 139 -36.49 -1.42 6.56
N PRO A 140 -37.34 -0.69 7.31
CA PRO A 140 -36.93 -0.10 8.58
C PRO A 140 -36.66 -1.13 9.66
N GLY A 141 -35.75 -0.81 10.57
CA GLY A 141 -35.53 -1.59 11.78
C GLY A 141 -36.17 -0.91 12.97
N ARG A 142 -35.88 -1.45 14.16
CA ARG A 142 -36.28 -0.80 15.40
C ARG A 142 -35.02 -0.48 16.20
N LEU A 143 -34.27 -1.52 16.55
CA LEU A 143 -32.97 -1.37 17.20
C LEU A 143 -31.96 -0.68 16.28
N PHE A 144 -32.06 -0.99 14.98
CA PHE A 144 -31.20 -0.40 13.95
C PHE A 144 -32.03 0.36 12.91
N TRP A 145 -31.37 1.19 12.12
CA TRP A 145 -32.06 1.99 11.11
C TRP A 145 -32.73 1.14 10.02
N GLN A 146 -32.15 -0.02 9.74
CA GLN A 146 -32.68 -0.95 8.76
C GLN A 146 -32.77 -2.34 9.39
N SER A 147 -33.71 -3.14 8.91
CA SER A 147 -33.95 -4.46 9.48
C SER A 147 -32.81 -5.45 9.20
N LEU A 148 -32.00 -5.16 8.19
CA LEU A 148 -30.84 -6.02 7.88
C LEU A 148 -29.94 -6.22 9.11
N ASN A 149 -29.51 -5.11 9.73
CA ASN A 149 -28.64 -5.17 10.89
C ASN A 149 -29.33 -5.81 12.09
N GLU A 150 -30.64 -5.63 12.18
CA GLU A 150 -31.46 -6.29 13.20
C GLU A 150 -31.40 -7.82 13.10
N ALA A 151 -31.51 -8.35 11.89
CA ALA A 151 -31.31 -9.78 11.64
C ALA A 151 -29.92 -10.26 12.06
N VAL A 152 -28.88 -9.51 11.67
CA VAL A 152 -27.50 -9.86 12.06
C VAL A 152 -27.37 -9.94 13.59
N TRP A 153 -27.92 -8.92 14.26
CA TRP A 153 -27.95 -8.87 15.72
C TRP A 153 -28.53 -10.15 16.30
N LEU A 154 -29.63 -10.63 15.71
CA LEU A 154 -30.32 -11.79 16.23
C LEU A 154 -29.52 -13.07 15.97
N VAL A 155 -28.97 -13.20 14.77
CA VAL A 155 -28.10 -14.33 14.42
C VAL A 155 -26.96 -14.50 15.43
N TYR A 156 -26.30 -13.39 15.79
CA TYR A 156 -25.22 -13.41 16.76
C TYR A 156 -25.67 -13.64 18.21
N SER A 157 -26.65 -12.85 18.65
CA SER A 157 -27.12 -12.90 20.04
C SER A 157 -27.76 -14.22 20.46
N ILE A 158 -28.43 -14.90 19.52
CA ILE A 158 -29.08 -16.18 19.80
C ILE A 158 -28.07 -17.30 20.05
N GLN A 159 -26.89 -17.18 19.44
CA GLN A 159 -25.79 -18.11 19.72
C GLN A 159 -25.27 -17.92 21.14
N GLY A 160 -25.16 -16.66 21.56
CA GLY A 160 -24.77 -16.32 22.92
C GLY A 160 -25.77 -16.88 23.92
N TYR A 161 -27.05 -16.66 23.64
CA TYR A 161 -28.12 -17.18 24.50
C TYR A 161 -28.08 -18.71 24.61
N ASP A 162 -27.93 -19.36 23.46
CA ASP A 162 -27.83 -20.82 23.37
C ASP A 162 -26.70 -21.37 24.26
N ALA A 163 -25.62 -20.60 24.37
CA ALA A 163 -24.44 -21.01 25.13
C ALA A 163 -24.59 -20.82 26.64
N ILE A 164 -25.49 -19.92 27.05
CA ILE A 164 -25.70 -19.62 28.48
C ILE A 164 -27.01 -20.13 29.06
N ILE A 165 -27.90 -20.62 28.21
CA ILE A 165 -29.27 -20.94 28.61
C ILE A 165 -29.36 -21.96 29.76
N ASP A 166 -28.49 -22.97 29.73
CA ASP A 166 -28.46 -24.01 30.78
C ASP A 166 -28.01 -23.50 32.15
N GLY A 167 -27.42 -22.31 32.21
CA GLY A 167 -27.02 -21.68 33.46
C GLY A 167 -27.93 -20.58 33.96
N LEU A 168 -29.12 -20.45 33.37
CA LEU A 168 -30.06 -19.39 33.73
C LEU A 168 -31.27 -19.95 34.47
N ALA A 169 -31.86 -19.13 35.34
CA ALA A 169 -33.12 -19.48 36.00
C ALA A 169 -34.27 -19.41 35.00
N ALA A 170 -35.32 -20.20 35.24
CA ALA A 170 -36.48 -20.26 34.36
C ALA A 170 -37.08 -18.88 34.09
N GLU A 171 -37.14 -18.05 35.14
CA GLU A 171 -37.75 -16.72 35.04
C GLU A 171 -36.93 -15.77 34.17
N GLU A 172 -35.60 -15.94 34.21
CA GLU A 172 -34.71 -15.13 33.38
C GLU A 172 -34.85 -15.51 31.91
N LYS A 173 -34.92 -16.82 31.65
CA LYS A 173 -35.16 -17.33 30.30
C LYS A 173 -36.43 -16.76 29.69
N GLN A 174 -37.52 -16.80 30.45
CA GLN A 174 -38.81 -16.33 29.97
C GLN A 174 -38.82 -14.83 29.72
N GLU A 175 -38.14 -14.08 30.59
CA GLU A 175 -37.98 -12.64 30.43
C GLU A 175 -37.23 -12.27 29.13
N ILE A 176 -36.12 -12.96 28.88
CA ILE A 176 -35.30 -12.71 27.69
C ILE A 176 -36.04 -13.13 26.41
N GLU A 177 -36.63 -14.33 26.43
CA GLU A 177 -37.37 -14.85 25.29
C GLU A 177 -38.60 -14.03 24.94
N SER A 178 -39.42 -13.71 25.94
CA SER A 178 -40.64 -12.94 25.69
C SER A 178 -40.36 -11.46 25.45
N GLY A 179 -39.24 -10.98 25.98
CA GLY A 179 -38.89 -9.56 25.89
C GLY A 179 -38.15 -9.16 24.63
N VAL A 180 -37.18 -9.97 24.22
CA VAL A 180 -36.40 -9.61 23.02
C VAL A 180 -36.50 -10.59 21.85
N PHE A 181 -36.20 -11.86 22.08
CA PHE A 181 -36.10 -12.81 20.97
C PHE A 181 -37.40 -13.09 20.23
N LEU A 182 -38.49 -13.35 20.96
CA LEU A 182 -39.75 -13.61 20.28
C LEU A 182 -40.34 -12.38 19.58
N PRO A 183 -40.34 -11.20 20.23
CA PRO A 183 -40.83 -10.01 19.53
C PRO A 183 -39.94 -9.61 18.34
N MET A 184 -38.63 -9.75 18.49
CA MET A 184 -37.74 -9.48 17.35
C MET A 184 -37.98 -10.46 16.20
N ALA A 185 -38.08 -11.75 16.51
CA ALA A 185 -38.41 -12.76 15.50
C ALA A 185 -39.73 -12.48 14.79
N LYS A 186 -40.72 -12.03 15.56
CA LYS A 186 -42.03 -11.67 15.00
C LYS A 186 -41.91 -10.45 14.08
N PHE A 187 -41.15 -9.45 14.52
CA PHE A 187 -40.88 -8.25 13.73
C PHE A 187 -40.23 -8.59 12.38
N LEU A 188 -39.21 -9.45 12.41
CA LEU A 188 -38.44 -9.78 11.21
C LEU A 188 -39.18 -10.72 10.24
N SER A 189 -40.21 -11.38 10.73
CA SER A 189 -40.95 -12.35 9.93
C SER A 189 -42.36 -11.88 9.57
N VAL A 190 -43.33 -12.18 10.43
CA VAL A 190 -44.74 -11.88 10.15
C VAL A 190 -44.97 -10.37 9.98
N GLU A 191 -44.25 -9.55 10.74
CA GLU A 191 -44.44 -8.10 10.64
C GLU A 191 -43.66 -7.46 9.48
N SER A 192 -42.78 -8.24 8.84
CA SER A 192 -42.05 -7.77 7.66
C SER A 192 -42.09 -8.77 6.50
N PRO A 193 -43.31 -9.07 5.98
CA PRO A 193 -43.45 -10.12 4.95
C PRO A 193 -42.70 -9.80 3.65
N GLU A 194 -42.59 -8.51 3.32
CA GLU A 194 -41.88 -8.07 2.12
C GLU A 194 -40.37 -8.39 2.16
N THR A 195 -39.81 -8.49 3.37
CA THR A 195 -38.41 -8.86 3.53
C THR A 195 -38.29 -10.37 3.76
N PHE A 196 -39.07 -10.89 4.69
CA PHE A 196 -38.99 -12.30 5.07
C PHE A 196 -39.27 -13.26 3.90
N ASN A 197 -40.15 -12.85 2.99
CA ASN A 197 -40.47 -13.68 1.82
C ASN A 197 -39.66 -13.31 0.57
N LYS A 198 -38.69 -12.42 0.73
CA LYS A 198 -37.86 -11.95 -0.38
C LYS A 198 -36.86 -13.03 -0.79
N ILE A 199 -36.72 -13.23 -2.10
CA ILE A 199 -35.71 -14.13 -2.64
C ILE A 199 -34.48 -13.27 -2.95
N HIS A 200 -33.70 -13.02 -1.90
CA HIS A 200 -32.64 -12.02 -1.88
C HIS A 200 -31.84 -12.26 -0.59
N ASN A 201 -30.59 -11.82 -0.52
CA ASN A 201 -29.82 -12.09 0.71
C ASN A 201 -30.33 -11.39 1.98
N HIS A 202 -31.13 -10.33 1.82
CA HIS A 202 -31.84 -9.73 2.95
C HIS A 202 -32.89 -10.70 3.49
N GLY A 203 -33.47 -11.48 2.59
CA GLY A 203 -34.39 -12.56 2.97
C GLY A 203 -33.62 -13.68 3.66
N THR A 204 -32.41 -13.96 3.18
CA THR A 204 -31.56 -15.00 3.78
C THR A 204 -31.16 -14.66 5.22
N TRP A 205 -30.75 -13.41 5.44
CA TRP A 205 -30.45 -12.94 6.80
C TRP A 205 -31.66 -13.06 7.73
N ALA A 206 -32.83 -12.64 7.24
CA ALA A 206 -34.06 -12.71 8.01
C ALA A 206 -34.45 -14.15 8.40
N VAL A 207 -34.47 -15.07 7.43
CA VAL A 207 -34.82 -16.47 7.70
C VAL A 207 -33.78 -17.18 8.57
N ALA A 208 -32.51 -16.80 8.44
CA ALA A 208 -31.46 -17.36 9.30
C ALA A 208 -31.70 -16.92 10.75
N ALA A 209 -31.98 -15.62 10.94
CA ALA A 209 -32.20 -15.06 12.27
C ALA A 209 -33.41 -15.71 12.95
N VAL A 210 -34.51 -15.79 12.22
CA VAL A 210 -35.75 -16.35 12.75
C VAL A 210 -35.65 -17.87 12.95
N GLY A 211 -35.02 -18.56 11.98
CA GLY A 211 -34.87 -20.01 12.05
C GLY A 211 -33.93 -20.50 13.14
N MET A 212 -32.80 -19.83 13.30
CA MET A 212 -31.89 -20.10 14.41
C MET A 212 -32.56 -19.88 15.77
N THR A 213 -33.33 -18.79 15.88
CA THR A 213 -34.14 -18.52 17.07
C THR A 213 -35.10 -19.68 17.34
N GLY A 214 -35.75 -20.15 16.28
CA GLY A 214 -36.67 -21.29 16.36
C GLY A 214 -36.03 -22.52 16.95
N TYR A 215 -34.81 -22.84 16.51
CA TYR A 215 -34.08 -24.00 17.02
C TYR A 215 -33.68 -23.87 18.48
N VAL A 216 -33.15 -22.70 18.85
CA VAL A 216 -32.71 -22.47 20.24
C VAL A 216 -33.88 -22.53 21.22
N LEU A 217 -35.00 -21.90 20.86
CA LEU A 217 -36.18 -21.83 21.71
C LEU A 217 -37.09 -23.06 21.58
N GLY A 218 -36.76 -23.97 20.66
CA GLY A 218 -37.58 -25.15 20.39
C GLY A 218 -38.95 -24.79 19.85
N ASN A 219 -38.99 -23.79 18.98
CA ASN A 219 -40.24 -23.29 18.41
C ASN A 219 -40.37 -23.75 16.96
N ASP A 220 -41.19 -24.78 16.74
CA ASP A 220 -41.35 -25.39 15.40
C ASP A 220 -41.86 -24.40 14.36
N GLU A 221 -42.83 -23.56 14.75
CA GLU A 221 -43.39 -22.54 13.88
C GLU A 221 -42.30 -21.67 13.24
N LEU A 222 -41.39 -21.12 14.06
CA LEU A 222 -40.34 -20.23 13.56
C LEU A 222 -39.38 -20.93 12.59
N VAL A 223 -39.02 -22.18 12.89
CA VAL A 223 -38.20 -22.97 11.96
C VAL A 223 -38.95 -23.21 10.64
N GLU A 224 -40.22 -23.63 10.72
CA GLU A 224 -41.01 -23.96 9.53
C GLU A 224 -41.19 -22.79 8.56
N ILE A 225 -41.53 -21.62 9.11
CA ILE A 225 -41.69 -20.43 8.28
C ILE A 225 -40.36 -19.95 7.69
N SER A 226 -39.25 -20.19 8.39
CA SER A 226 -37.93 -19.83 7.89
C SER A 226 -37.53 -20.73 6.73
N LEU A 227 -37.87 -22.01 6.85
CA LEU A 227 -37.55 -22.98 5.80
C LEU A 227 -38.46 -22.89 4.58
N MET A 228 -39.75 -22.58 4.80
CA MET A 228 -40.76 -22.71 3.75
C MET A 228 -41.61 -21.46 3.51
N GLY A 229 -41.19 -20.33 4.07
CA GLY A 229 -41.91 -19.06 3.92
C GLY A 229 -43.05 -18.91 4.92
N LEU A 230 -43.61 -17.71 5.01
CA LEU A 230 -44.66 -17.42 5.98
C LEU A 230 -45.89 -18.31 5.84
N ASP A 231 -46.30 -18.59 4.59
CA ASP A 231 -47.45 -19.45 4.35
C ASP A 231 -47.08 -20.94 4.27
N LYS A 232 -45.79 -21.24 4.44
CA LYS A 232 -45.28 -22.62 4.53
C LYS A 232 -45.37 -23.47 3.25
N THR A 233 -45.71 -22.83 2.13
CA THR A 233 -45.86 -23.51 0.84
C THR A 233 -44.53 -23.77 0.12
N GLY A 234 -43.46 -23.11 0.58
CA GLY A 234 -42.16 -23.20 -0.09
C GLY A 234 -42.02 -22.29 -1.31
N LYS A 235 -42.97 -21.39 -1.52
CA LYS A 235 -42.84 -20.37 -2.57
C LYS A 235 -41.74 -19.38 -2.18
N ALA A 236 -41.64 -19.09 -0.88
CA ALA A 236 -40.54 -18.31 -0.33
C ALA A 236 -39.82 -19.14 0.73
N GLY A 237 -38.81 -18.56 1.35
CA GLY A 237 -38.09 -19.23 2.43
C GLY A 237 -36.71 -19.74 2.04
N PHE A 238 -36.03 -20.37 3.01
CA PHE A 238 -34.65 -20.82 2.86
C PHE A 238 -34.43 -21.77 1.69
N MET A 239 -35.29 -22.78 1.56
CA MET A 239 -35.12 -23.79 0.51
C MET A 239 -35.22 -23.16 -0.89
N LYS A 240 -36.16 -22.24 -1.06
CA LYS A 240 -36.30 -21.49 -2.31
C LYS A 240 -35.06 -20.65 -2.59
N GLN A 241 -34.55 -19.97 -1.55
CA GLN A 241 -33.33 -19.18 -1.70
C GLN A 241 -32.15 -20.02 -2.19
N LEU A 242 -31.97 -21.20 -1.59
CA LEU A 242 -30.92 -22.13 -2.04
C LEU A 242 -31.03 -22.49 -3.53
N ASP A 243 -32.26 -22.67 -4.01
CA ASP A 243 -32.54 -22.96 -5.42
C ASP A 243 -32.32 -21.77 -6.36
N LYS A 244 -32.67 -20.58 -5.89
CA LYS A 244 -32.70 -19.39 -6.75
C LYS A 244 -31.48 -18.46 -6.66
N LEU A 245 -30.84 -18.41 -5.49
CA LEU A 245 -29.78 -17.40 -5.29
C LEU A 245 -28.36 -17.80 -5.72
N PHE A 246 -28.18 -19.08 -6.07
CA PHE A 246 -26.92 -19.57 -6.62
C PHE A 246 -27.17 -20.24 -7.97
N SER A 247 -26.21 -20.09 -8.88
CA SER A 247 -26.12 -20.95 -10.05
C SER A 247 -25.80 -22.36 -9.56
N PRO A 248 -25.93 -23.38 -10.43
CA PRO A 248 -25.60 -24.75 -9.99
C PRO A 248 -24.14 -24.93 -9.54
N ASP A 249 -23.27 -24.00 -9.94
CA ASP A 249 -21.86 -24.04 -9.51
C ASP A 249 -21.61 -23.22 -8.24
N GLY A 250 -22.67 -22.66 -7.67
CA GLY A 250 -22.56 -21.85 -6.47
C GLY A 250 -22.12 -20.41 -6.67
N TYR A 251 -22.44 -19.82 -7.82
CA TYR A 251 -22.11 -18.42 -8.08
C TYR A 251 -23.33 -17.53 -7.81
N TYR A 252 -23.10 -16.46 -7.05
CA TYR A 252 -24.13 -15.50 -6.67
C TYR A 252 -24.14 -14.34 -7.69
N THR A 253 -25.26 -14.11 -8.35
CA THR A 253 -25.32 -13.16 -9.49
C THR A 253 -24.80 -11.74 -9.21
N GLU A 254 -25.11 -11.18 -8.04
CA GLU A 254 -24.68 -9.81 -7.72
C GLU A 254 -23.17 -9.61 -7.67
N GLY A 255 -22.43 -10.71 -7.52
CA GLY A 255 -20.96 -10.65 -7.49
C GLY A 255 -20.37 -11.07 -6.15
N PRO A 256 -19.03 -11.21 -6.09
CA PRO A 256 -18.30 -11.70 -4.91
C PRO A 256 -18.64 -10.97 -3.61
N TYR A 257 -18.83 -9.65 -3.70
CA TYR A 257 -19.09 -8.84 -2.51
C TYR A 257 -20.40 -9.24 -1.84
N ALA A 258 -21.43 -9.45 -2.64
CA ALA A 258 -22.72 -9.96 -2.15
C ALA A 258 -22.63 -11.44 -1.78
N GLN A 259 -21.89 -12.21 -2.57
CA GLN A 259 -21.74 -13.63 -2.28
C GLN A 259 -21.24 -13.89 -0.87
N ARG A 260 -20.11 -13.27 -0.51
CA ARG A 260 -19.51 -13.50 0.81
C ARG A 260 -20.44 -13.07 1.95
N TYR A 261 -21.23 -12.03 1.71
CA TYR A 261 -22.16 -11.54 2.72
C TYR A 261 -23.30 -12.53 2.91
N ALA A 262 -23.87 -13.01 1.80
CA ALA A 262 -24.92 -14.01 1.83
C ALA A 262 -24.43 -15.33 2.44
N LEU A 263 -23.13 -15.59 2.30
CA LEU A 263 -22.56 -16.88 2.73
C LEU A 263 -22.73 -17.16 4.22
N MET A 264 -22.70 -16.10 5.05
CA MET A 264 -22.88 -16.27 6.50
C MET A 264 -24.27 -16.82 6.89
N PRO A 265 -25.36 -16.11 6.54
CA PRO A 265 -26.66 -16.69 6.90
C PRO A 265 -26.96 -18.02 6.21
N PHE A 266 -26.48 -18.23 4.99
CA PHE A 266 -26.65 -19.52 4.33
C PHE A 266 -25.94 -20.63 5.11
N ILE A 267 -24.66 -20.40 5.44
CA ILE A 267 -23.85 -21.46 6.05
C ILE A 267 -24.17 -21.65 7.53
N TRP A 268 -24.56 -20.58 8.21
CA TRP A 268 -24.89 -20.67 9.63
C TRP A 268 -26.28 -21.25 9.89
N PHE A 269 -27.26 -20.86 9.08
CA PHE A 269 -28.58 -21.52 9.18
C PHE A 269 -28.45 -23.00 8.80
N ALA A 270 -27.67 -23.30 7.77
CA ALA A 270 -27.41 -24.69 7.39
C ALA A 270 -26.76 -25.45 8.54
N LYS A 271 -25.80 -24.83 9.20
CA LYS A 271 -25.11 -25.43 10.35
C LYS A 271 -26.11 -25.74 11.48
N ALA A 272 -26.97 -24.77 11.77
CA ALA A 272 -28.02 -24.93 12.78
C ALA A 272 -28.99 -26.05 12.39
N ILE A 273 -29.37 -26.10 11.12
CA ILE A 273 -30.21 -27.18 10.61
C ILE A 273 -29.50 -28.52 10.82
N GLU A 274 -28.21 -28.58 10.50
CA GLU A 274 -27.44 -29.82 10.63
C GLU A 274 -27.31 -30.31 12.08
N THR A 275 -27.06 -29.40 13.02
CA THR A 275 -26.87 -29.80 14.42
C THR A 275 -28.18 -30.14 15.12
N ASN A 276 -29.30 -29.72 14.54
CA ASN A 276 -30.61 -29.95 15.12
C ASN A 276 -31.49 -30.94 14.36
N GLU A 277 -31.40 -30.90 13.03
CA GLU A 277 -32.16 -31.83 12.19
C GLU A 277 -31.26 -32.41 11.09
N PRO A 278 -30.29 -33.27 11.49
CA PRO A 278 -29.33 -33.82 10.52
C PRO A 278 -30.01 -34.59 9.40
N GLU A 279 -31.19 -35.13 9.68
CA GLU A 279 -31.96 -35.90 8.71
C GLU A 279 -32.39 -35.10 7.47
N ARG A 280 -32.37 -33.77 7.56
CA ARG A 280 -32.67 -32.93 6.41
C ARG A 280 -31.56 -32.95 5.35
N LYS A 281 -30.36 -33.39 5.75
CA LYS A 281 -29.21 -33.49 4.84
C LYS A 281 -28.95 -32.16 4.13
N ILE A 282 -28.98 -31.07 4.91
CA ILE A 282 -28.90 -29.72 4.32
C ILE A 282 -27.59 -29.51 3.53
N PHE A 283 -26.50 -30.14 3.94
CA PHE A 283 -25.24 -29.97 3.21
C PHE A 283 -25.11 -30.87 1.97
N GLU A 284 -26.16 -31.63 1.68
CA GLU A 284 -26.22 -32.39 0.43
C GLU A 284 -27.16 -31.75 -0.57
N TYR A 285 -28.00 -30.84 -0.09
CA TYR A 285 -29.08 -30.27 -0.88
C TYR A 285 -28.59 -29.62 -2.19
N ARG A 286 -29.32 -29.89 -3.28
CA ARG A 286 -29.01 -29.33 -4.60
C ARG A 286 -27.56 -29.65 -5.00
N ASN A 287 -27.24 -30.94 -4.99
CA ASN A 287 -25.90 -31.41 -5.35
C ASN A 287 -24.81 -30.65 -4.60
N ASN A 288 -24.94 -30.58 -3.27
CA ASN A 288 -23.99 -29.89 -2.39
C ASN A 288 -23.82 -28.42 -2.73
N ILE A 289 -24.93 -27.69 -2.93
CA ILE A 289 -24.85 -26.29 -3.33
C ILE A 289 -24.07 -25.41 -2.34
N LEU A 290 -24.27 -25.63 -1.04
CA LEU A 290 -23.57 -24.85 -0.03
C LEU A 290 -22.06 -25.03 -0.05
N LEU A 291 -21.62 -26.27 -0.22
CA LEU A 291 -20.20 -26.58 -0.39
C LEU A 291 -19.62 -25.85 -1.60
N LYS A 292 -20.31 -25.96 -2.73
CA LYS A 292 -19.89 -25.29 -3.95
C LYS A 292 -19.83 -23.78 -3.78
N ALA A 293 -20.80 -23.24 -3.05
CA ALA A 293 -20.86 -21.80 -2.81
C ALA A 293 -19.62 -21.30 -2.06
N VAL A 294 -19.13 -22.08 -1.10
CA VAL A 294 -17.92 -21.72 -0.34
C VAL A 294 -16.66 -21.76 -1.22
N TYR A 295 -16.49 -22.84 -1.97
CA TYR A 295 -15.36 -22.96 -2.91
C TYR A 295 -15.36 -21.83 -3.94
N THR A 296 -16.54 -21.54 -4.49
CA THR A 296 -16.71 -20.47 -5.48
C THR A 296 -16.33 -19.10 -4.90
N THR A 297 -16.71 -18.85 -3.64
CA THR A 297 -16.29 -17.63 -2.95
C THR A 297 -14.77 -17.49 -2.95
N ILE A 298 -14.06 -18.58 -2.63
CA ILE A 298 -12.59 -18.57 -2.68
C ILE A 298 -12.08 -18.31 -4.10
N ASP A 299 -12.73 -18.95 -5.07
CA ASP A 299 -12.36 -18.86 -6.48
C ASP A 299 -12.64 -17.46 -7.06
N LEU A 300 -13.37 -16.64 -6.30
CA LEU A 300 -13.67 -15.25 -6.68
C LEU A 300 -12.69 -14.27 -6.01
N SER A 301 -11.56 -14.79 -5.54
CA SER A 301 -10.57 -13.97 -4.86
C SER A 301 -9.18 -14.10 -5.47
N TYR A 302 -8.35 -13.09 -5.26
CA TYR A 302 -6.96 -13.11 -5.67
C TYR A 302 -6.10 -12.46 -4.59
N ALA A 303 -5.09 -13.20 -4.14
CA ALA A 303 -4.15 -12.73 -3.13
C ALA A 303 -4.88 -12.16 -1.91
N GLY A 304 -6.00 -12.77 -1.58
CA GLY A 304 -6.73 -12.42 -0.37
C GLY A 304 -7.90 -11.46 -0.53
N TYR A 305 -8.11 -10.95 -1.75
CA TYR A 305 -9.17 -9.96 -1.98
C TYR A 305 -10.13 -10.39 -3.07
N PHE A 306 -11.42 -10.10 -2.87
CA PHE A 306 -12.45 -10.45 -3.84
C PHE A 306 -12.42 -9.51 -5.05
N PHE A 307 -12.76 -10.05 -6.21
CA PHE A 307 -12.82 -9.26 -7.44
C PHE A 307 -13.86 -8.15 -7.26
N PRO A 308 -13.44 -6.87 -7.35
CA PRO A 308 -14.40 -5.80 -7.01
C PRO A 308 -15.35 -5.46 -8.15
N ILE A 309 -16.07 -6.46 -8.64
CA ILE A 309 -17.05 -6.25 -9.71
C ILE A 309 -18.40 -5.84 -9.16
N ASN A 310 -19.15 -5.06 -9.94
CA ASN A 310 -20.42 -4.49 -9.51
C ASN A 310 -20.24 -3.75 -8.18
N ASP A 311 -21.28 -3.74 -7.35
CA ASP A 311 -21.21 -3.13 -6.03
C ASP A 311 -20.20 -3.92 -5.21
N ALA A 312 -19.10 -3.26 -4.85
CA ALA A 312 -18.03 -3.91 -4.10
C ALA A 312 -17.18 -2.87 -3.40
N LEU A 313 -16.62 -3.21 -2.25
CA LEU A 313 -15.63 -2.36 -1.61
C LEU A 313 -14.27 -3.02 -1.66
N LYS A 314 -13.26 -2.24 -2.06
CA LYS A 314 -11.95 -2.77 -2.41
C LYS A 314 -11.19 -3.42 -1.26
N ASP A 315 -11.55 -3.07 -0.02
CA ASP A 315 -10.87 -3.66 1.14
C ASP A 315 -11.51 -4.95 1.64
N LYS A 316 -12.52 -5.46 0.94
CA LYS A 316 -13.16 -6.71 1.35
C LYS A 316 -12.35 -7.92 0.87
N GLY A 317 -11.96 -8.78 1.80
CA GLY A 317 -11.11 -9.91 1.47
C GLY A 317 -11.48 -11.19 2.20
N ILE A 318 -10.68 -12.23 1.98
CA ILE A 318 -10.97 -13.57 2.48
C ILE A 318 -10.99 -13.72 4.00
N ASP A 319 -10.40 -12.76 4.73
CA ASP A 319 -10.45 -12.80 6.20
C ASP A 319 -11.81 -12.32 6.76
N THR A 320 -12.71 -11.88 5.87
CA THR A 320 -14.08 -11.55 6.24
C THR A 320 -14.69 -12.77 6.97
N VAL A 321 -15.38 -12.52 8.09
CA VAL A 321 -15.77 -13.63 8.99
C VAL A 321 -16.69 -14.68 8.37
N GLU A 322 -17.49 -14.27 7.38
CA GLU A 322 -18.38 -15.20 6.68
C GLU A 322 -17.58 -16.33 6.03
N LEU A 323 -16.47 -16.00 5.38
CA LEU A 323 -15.67 -17.01 4.70
C LEU A 323 -14.78 -17.79 5.69
N VAL A 324 -14.35 -17.11 6.75
CA VAL A 324 -13.62 -17.76 7.84
C VAL A 324 -14.46 -18.90 8.44
N HIS A 325 -15.69 -18.59 8.83
CA HIS A 325 -16.60 -19.62 9.37
C HIS A 325 -17.00 -20.65 8.32
N ALA A 326 -17.31 -20.19 7.11
CA ALA A 326 -17.73 -21.11 6.05
C ALA A 326 -16.63 -22.10 5.68
N LEU A 327 -15.38 -21.62 5.63
CA LEU A 327 -14.27 -22.50 5.27
C LEU A 327 -14.08 -23.57 6.34
N ALA A 328 -14.22 -23.20 7.61
CA ALA A 328 -14.03 -24.16 8.70
C ALA A 328 -15.11 -25.23 8.63
N ILE A 329 -16.34 -24.80 8.35
CA ILE A 329 -17.48 -25.72 8.21
C ILE A 329 -17.28 -26.68 7.03
N VAL A 330 -16.85 -26.16 5.88
CA VAL A 330 -16.60 -27.01 4.73
C VAL A 330 -15.41 -27.95 4.99
N TYR A 331 -14.36 -27.48 5.67
CA TYR A 331 -13.23 -28.36 5.98
C TYR A 331 -13.68 -29.54 6.88
N SER A 332 -14.50 -29.23 7.87
CA SER A 332 -15.08 -30.23 8.77
C SER A 332 -15.88 -31.32 8.04
N ILE A 333 -16.61 -30.92 7.00
CA ILE A 333 -17.43 -31.85 6.20
C ILE A 333 -16.58 -32.68 5.23
N THR A 334 -15.65 -32.02 4.55
CA THR A 334 -14.95 -32.62 3.42
C THR A 334 -13.61 -33.27 3.78
N GLY A 335 -12.91 -32.67 4.76
CA GLY A 335 -11.52 -33.03 5.03
C GLY A 335 -10.56 -32.61 3.91
N ASP A 336 -10.96 -31.60 3.13
CA ASP A 336 -10.15 -31.14 1.99
C ASP A 336 -8.97 -30.32 2.50
N ASN A 337 -7.80 -30.94 2.53
CA ASN A 337 -6.59 -30.31 3.09
C ASN A 337 -6.05 -29.11 2.31
N THR A 338 -6.53 -28.91 1.09
CA THR A 338 -6.14 -27.72 0.32
C THR A 338 -6.80 -26.46 0.87
N LEU A 339 -7.92 -26.63 1.57
CA LEU A 339 -8.57 -25.50 2.27
C LEU A 339 -7.68 -24.90 3.36
N LEU A 340 -6.77 -25.71 3.89
CA LEU A 340 -5.87 -25.26 4.95
C LEU A 340 -4.88 -24.21 4.45
N ASP A 341 -4.53 -24.28 3.16
CA ASP A 341 -3.70 -23.29 2.52
C ASP A 341 -4.41 -21.93 2.58
N ILE A 342 -5.68 -21.91 2.22
CA ILE A 342 -6.50 -20.69 2.25
C ILE A 342 -6.71 -20.18 3.69
N ALA A 343 -6.95 -21.11 4.61
CA ALA A 343 -7.09 -20.75 6.04
C ALA A 343 -5.85 -20.01 6.56
N GLN A 344 -4.68 -20.48 6.19
CA GLN A 344 -3.43 -19.80 6.55
C GLN A 344 -3.34 -18.39 5.95
N GLU A 345 -3.79 -18.23 4.70
CA GLU A 345 -3.82 -16.92 4.04
C GLU A 345 -4.84 -15.98 4.68
N GLN A 346 -5.90 -16.54 5.27
CA GLN A 346 -6.91 -15.74 5.99
C GLN A 346 -6.33 -15.08 7.24
N GLY A 347 -5.43 -15.78 7.92
CA GLY A 347 -4.78 -15.26 9.13
C GLY A 347 -5.77 -15.02 10.27
N ARG A 348 -6.89 -15.72 10.20
CA ARG A 348 -7.98 -15.59 11.16
C ARG A 348 -8.71 -16.94 11.13
N ILE A 349 -9.00 -17.48 12.31
CA ILE A 349 -9.65 -18.78 12.40
C ILE A 349 -11.03 -18.70 13.09
N SER A 350 -11.95 -19.55 12.64
CA SER A 350 -13.28 -19.65 13.24
C SER A 350 -13.13 -20.22 14.65
N LEU A 351 -13.56 -19.47 15.65
CA LEU A 351 -13.52 -19.95 17.03
C LEU A 351 -14.74 -20.81 17.31
N THR A 352 -14.73 -21.99 16.70
CA THR A 352 -15.82 -22.96 16.77
C THR A 352 -15.16 -24.33 16.88
N GLY A 353 -15.97 -25.38 16.91
CA GLY A 353 -15.48 -26.76 16.81
C GLY A 353 -14.94 -27.04 15.42
N ASP A 354 -15.60 -26.47 14.40
CA ASP A 354 -15.16 -26.64 13.03
C ASP A 354 -13.80 -25.95 12.82
N GLY A 355 -13.62 -24.78 13.42
CA GLY A 355 -12.33 -24.08 13.39
C GLY A 355 -11.22 -24.82 14.14
N LEU A 356 -11.61 -25.53 15.20
CA LEU A 356 -10.66 -26.33 15.96
C LEU A 356 -10.04 -27.41 15.06
N LYS A 357 -10.87 -28.03 14.23
CA LYS A 357 -10.43 -29.06 13.28
C LYS A 357 -9.45 -28.52 12.24
N VAL A 358 -9.68 -27.29 11.77
CA VAL A 358 -8.74 -26.59 10.89
C VAL A 358 -7.40 -26.37 11.61
N ALA A 359 -7.46 -25.84 12.83
CA ALA A 359 -6.26 -25.52 13.61
C ALA A 359 -5.44 -26.79 13.87
N LYS A 360 -6.15 -27.87 14.20
CA LYS A 360 -5.55 -29.17 14.46
C LYS A 360 -4.84 -29.69 13.20
N ALA A 361 -5.52 -29.66 12.06
CA ALA A 361 -4.98 -30.17 10.82
C ALA A 361 -3.75 -29.39 10.35
N VAL A 362 -3.79 -28.06 10.49
CA VAL A 362 -2.65 -27.20 10.20
C VAL A 362 -1.46 -27.54 11.10
N GLY A 363 -1.71 -27.70 12.40
CA GLY A 363 -0.68 -28.04 13.37
C GLY A 363 -0.05 -29.39 13.11
N GLU A 364 -0.83 -30.29 12.51
CA GLU A 364 -0.33 -31.62 12.14
C GLU A 364 0.38 -31.63 10.78
N GLY A 365 0.52 -30.47 10.16
CA GLY A 365 1.22 -30.33 8.88
C GLY A 365 0.53 -30.95 7.68
N LEU A 366 -0.80 -30.98 7.73
CA LEU A 366 -1.59 -31.60 6.66
C LEU A 366 -1.90 -30.67 5.46
N THR A 367 -1.50 -29.40 5.56
CA THR A 367 -1.77 -28.40 4.51
C THR A 367 -1.28 -28.85 3.13
N GLN A 368 -2.16 -28.74 2.13
CA GLN A 368 -1.77 -28.91 0.74
C GLN A 368 -2.09 -27.61 -0.02
N PRO A 369 -1.36 -27.32 -1.11
CA PRO A 369 -1.62 -26.08 -1.85
C PRO A 369 -3.02 -26.06 -2.47
N TYR A 370 -3.67 -24.90 -2.43
CA TYR A 370 -4.97 -24.75 -3.07
C TYR A 370 -4.84 -24.95 -4.58
N ASN A 371 -5.74 -25.74 -5.16
CA ASN A 371 -5.72 -25.96 -6.60
C ASN A 371 -6.55 -24.89 -7.29
N TYR A 372 -5.90 -23.82 -7.72
CA TYR A 372 -6.56 -22.77 -8.47
C TYR A 372 -6.90 -23.30 -9.85
N ARG A 373 -8.12 -23.05 -10.30
CA ARG A 373 -8.58 -23.52 -11.60
C ARG A 373 -9.06 -22.34 -12.44
N SER A 374 -8.87 -22.45 -13.75
CA SER A 374 -9.55 -21.56 -14.67
C SER A 374 -10.97 -22.06 -14.80
N ILE A 375 -11.93 -21.19 -14.57
CA ILE A 375 -13.32 -21.61 -14.50
C ILE A 375 -14.25 -20.69 -15.28
N LEU A 376 -15.33 -21.27 -15.80
CA LEU A 376 -16.41 -20.50 -16.41
C LEU A 376 -17.61 -20.59 -15.47
N LEU A 377 -17.96 -19.47 -14.84
CA LEU A 377 -19.11 -19.45 -13.94
C LEU A 377 -20.35 -18.90 -14.63
N GLY A 378 -21.20 -19.81 -15.12
CA GLY A 378 -22.49 -19.44 -15.68
C GLY A 378 -23.32 -18.64 -14.69
N ASP A 379 -23.94 -17.58 -15.19
CA ASP A 379 -24.70 -16.64 -14.37
C ASP A 379 -26.21 -16.97 -14.32
N GLY A 380 -26.85 -16.61 -13.21
CA GLY A 380 -28.29 -16.87 -13.01
C GLY A 380 -28.52 -18.20 -12.32
N ALA A 381 -29.74 -18.40 -11.82
CA ALA A 381 -30.10 -19.62 -11.09
C ALA A 381 -29.80 -20.90 -11.88
N ASP A 382 -29.95 -20.83 -13.20
CA ASP A 382 -29.68 -21.97 -14.07
C ASP A 382 -28.30 -21.92 -14.73
N GLY A 383 -27.51 -20.89 -14.42
CA GLY A 383 -26.15 -20.75 -14.97
C GLY A 383 -26.09 -20.57 -16.47
N ASP A 384 -27.14 -19.96 -17.03
CA ASP A 384 -27.30 -19.81 -18.48
C ASP A 384 -27.53 -18.37 -18.95
N GLN A 385 -27.11 -17.40 -18.14
CA GLN A 385 -27.29 -15.98 -18.48
C GLN A 385 -25.95 -15.25 -18.57
N GLY A 386 -25.14 -15.62 -19.54
CA GLY A 386 -23.78 -15.11 -19.60
C GLY A 386 -22.95 -15.79 -18.53
N ALA A 387 -21.73 -15.29 -18.32
CA ALA A 387 -20.80 -15.97 -17.42
C ALA A 387 -19.66 -15.08 -16.94
N LEU A 388 -19.16 -15.40 -15.75
CA LEU A 388 -17.90 -14.83 -15.28
C LEU A 388 -16.75 -15.82 -15.53
N SER A 389 -15.83 -15.43 -16.41
CA SER A 389 -14.64 -16.22 -16.70
C SER A 389 -13.50 -15.82 -15.77
N ILE A 390 -12.88 -16.82 -15.14
CA ILE A 390 -11.71 -16.58 -14.31
C ILE A 390 -10.57 -17.45 -14.84
N HIS A 391 -9.56 -16.79 -15.40
CA HIS A 391 -8.41 -17.44 -16.02
C HIS A 391 -7.19 -17.28 -15.13
N ARG A 392 -6.59 -18.39 -14.75
CA ARG A 392 -5.43 -18.35 -13.86
C ARG A 392 -4.26 -19.12 -14.45
N LEU A 393 -3.07 -18.56 -14.27
CA LEU A 393 -1.85 -19.15 -14.79
C LEU A 393 -0.70 -18.82 -13.84
N GLY A 394 0.06 -19.83 -13.44
CA GLY A 394 1.19 -19.64 -12.54
C GLY A 394 0.99 -20.36 -11.21
N GLU A 395 2.07 -20.51 -10.47
CA GLU A 395 2.05 -21.26 -9.21
C GLU A 395 1.83 -20.33 -8.03
N GLY A 396 1.36 -20.90 -6.92
CA GLY A 396 1.18 -20.15 -5.68
C GLY A 396 0.02 -19.17 -5.73
N HIS A 397 -0.08 -18.32 -4.72
CA HIS A 397 -1.18 -17.37 -4.62
C HIS A 397 -0.98 -16.12 -5.49
N ASN A 398 0.27 -15.73 -5.71
CA ASN A 398 0.55 -14.52 -6.49
C ASN A 398 0.80 -14.83 -7.96
N HIS A 399 -0.17 -15.50 -8.58
CA HIS A 399 -0.10 -15.88 -9.99
C HIS A 399 -0.69 -14.77 -10.88
N MET A 400 -1.02 -15.10 -12.11
CA MET A 400 -1.68 -14.16 -13.02
C MET A 400 -3.13 -14.59 -13.19
N ALA A 401 -4.05 -13.65 -13.04
CA ALA A 401 -5.47 -13.97 -13.13
C ALA A 401 -6.15 -12.91 -13.97
N LEU A 402 -6.87 -13.36 -14.99
CA LEU A 402 -7.69 -12.48 -15.83
C LEU A 402 -9.15 -12.82 -15.57
N VAL A 403 -9.95 -11.81 -15.29
CA VAL A 403 -11.37 -11.95 -15.09
C VAL A 403 -12.11 -11.31 -16.26
N ALA A 404 -12.95 -12.08 -16.95
CA ALA A 404 -13.78 -11.54 -18.03
C ALA A 404 -15.23 -11.50 -17.57
N LYS A 405 -15.78 -10.28 -17.46
CA LYS A 405 -17.11 -10.09 -16.92
C LYS A 405 -18.16 -10.08 -18.03
N ASN A 406 -18.55 -11.28 -18.45
CA ASN A 406 -19.51 -11.47 -19.52
C ASN A 406 -20.88 -11.85 -18.94
N THR A 407 -21.25 -11.15 -17.87
CA THR A 407 -22.37 -11.55 -17.00
C THR A 407 -23.65 -10.72 -17.22
N SER A 408 -24.75 -11.23 -16.66
CA SER A 408 -26.03 -10.54 -16.60
C SER A 408 -25.92 -9.27 -15.75
N GLN A 409 -27.01 -8.52 -15.63
CA GLN A 409 -26.94 -7.21 -14.96
C GLN A 409 -26.64 -7.31 -13.46
N GLY A 410 -27.31 -8.24 -12.78
CA GLY A 410 -27.22 -8.34 -11.31
C GLY A 410 -28.13 -7.33 -10.62
N MET A 411 -29.16 -6.88 -11.35
CA MET A 411 -30.15 -5.92 -10.87
C MET A 411 -29.52 -4.62 -10.36
N GLY A 412 -30.06 -4.07 -9.26
CA GLY A 412 -29.67 -2.76 -8.75
C GLY A 412 -28.20 -2.58 -8.40
N HIS A 413 -27.57 -3.66 -7.94
CA HIS A 413 -26.15 -3.63 -7.57
C HIS A 413 -25.22 -3.74 -8.78
N GLY A 414 -25.79 -3.99 -9.97
CA GLY A 414 -24.99 -4.26 -11.16
C GLY A 414 -24.39 -3.05 -11.84
N HIS A 415 -23.24 -3.24 -12.47
CA HIS A 415 -22.61 -2.14 -13.21
C HIS A 415 -22.89 -2.26 -14.70
N PHE A 416 -22.82 -1.14 -15.41
CA PHE A 416 -23.08 -1.12 -16.85
C PHE A 416 -21.79 -1.35 -17.61
N ASP A 417 -21.29 -2.59 -17.50
CA ASP A 417 -19.94 -2.89 -17.94
C ASP A 417 -19.81 -4.24 -18.62
N LYS A 418 -20.70 -4.51 -19.59
CA LYS A 418 -20.64 -5.78 -20.32
C LYS A 418 -19.29 -5.98 -21.00
N LEU A 419 -18.69 -7.15 -20.77
CA LEU A 419 -17.42 -7.54 -21.40
C LEU A 419 -16.20 -6.86 -20.77
N ASN A 420 -16.42 -6.26 -19.60
CA ASN A 420 -15.36 -5.66 -18.81
C ASN A 420 -14.33 -6.72 -18.42
N TRP A 421 -13.11 -6.29 -18.08
CA TRP A 421 -12.10 -7.23 -17.60
C TRP A 421 -11.26 -6.65 -16.48
N LEU A 422 -10.62 -7.54 -15.73
CA LEU A 422 -9.70 -7.18 -14.66
C LEU A 422 -8.47 -8.07 -14.83
N LEU A 423 -7.31 -7.55 -14.44
CA LEU A 423 -6.08 -8.31 -14.48
C LEU A 423 -5.37 -8.20 -13.14
N TYR A 424 -4.91 -9.35 -12.64
CA TYR A 424 -4.16 -9.45 -11.42
C TYR A 424 -2.83 -10.14 -11.71
N ASP A 425 -1.79 -9.71 -11.02
CA ASP A 425 -0.44 -10.24 -11.19
C ASP A 425 0.41 -9.86 -10.00
N ASN A 426 1.33 -10.74 -9.60
CA ASN A 426 2.34 -10.38 -8.61
C ASN A 426 1.73 -9.92 -7.27
N GLY A 427 0.57 -10.46 -6.93
CA GLY A 427 -0.12 -10.11 -5.69
C GLY A 427 -0.87 -8.79 -5.74
N ASN A 428 -0.93 -8.18 -6.92
CA ASN A 428 -1.57 -6.86 -7.11
C ASN A 428 -2.71 -6.90 -8.13
N GLU A 429 -3.64 -5.97 -8.00
CA GLU A 429 -4.58 -5.66 -9.09
C GLU A 429 -3.87 -4.76 -10.08
N ILE A 430 -3.88 -5.13 -11.36
CA ILE A 430 -3.11 -4.41 -12.38
C ILE A 430 -4.01 -3.54 -13.24
N VAL A 431 -5.06 -4.18 -13.78
CA VAL A 431 -6.10 -3.51 -14.57
C VAL A 431 -7.35 -3.65 -13.71
N THR A 432 -7.98 -2.52 -13.38
CA THR A 432 -8.81 -2.45 -12.20
C THR A 432 -10.29 -2.13 -12.44
N ASP A 433 -11.09 -2.45 -11.43
CA ASP A 433 -12.50 -2.12 -11.38
C ASP A 433 -12.70 -1.29 -10.11
N TYR A 434 -13.37 -0.15 -10.26
CA TYR A 434 -13.49 0.84 -9.19
C TYR A 434 -14.24 0.32 -7.95
N GLY A 435 -15.25 -0.53 -8.17
CA GLY A 435 -16.16 -0.91 -7.11
C GLY A 435 -17.17 0.21 -6.90
N ALA A 436 -17.71 0.29 -5.68
CA ALA A 436 -18.76 1.28 -5.36
C ALA A 436 -18.20 2.58 -4.80
N ALA A 437 -18.95 3.67 -4.95
CA ALA A 437 -18.64 4.92 -4.25
C ALA A 437 -19.40 4.92 -2.94
N ARG A 438 -18.69 4.56 -1.87
CA ARG A 438 -19.29 4.31 -0.56
C ARG A 438 -18.17 4.12 0.46
N TYR A 439 -18.39 4.60 1.68
CA TYR A 439 -17.44 4.43 2.76
C TYR A 439 -18.15 3.72 3.90
N LEU A 440 -17.82 2.44 4.05
CA LEU A 440 -18.54 1.53 4.95
C LEU A 440 -18.59 2.04 6.37
N ASN A 441 -19.81 2.21 6.89
CA ASN A 441 -20.03 2.64 8.27
C ASN A 441 -19.34 3.96 8.64
N VAL A 442 -19.14 4.82 7.65
CA VAL A 442 -18.61 6.15 7.91
C VAL A 442 -19.76 7.12 7.86
N GLU A 443 -20.27 7.51 9.04
CA GLU A 443 -21.49 8.30 9.11
C GLU A 443 -21.39 9.63 8.35
N ALA A 444 -20.23 10.28 8.43
CA ALA A 444 -19.99 11.54 7.73
C ALA A 444 -20.00 11.40 6.21
N LYS A 445 -19.79 10.18 5.72
CA LYS A 445 -20.04 9.92 4.30
C LYS A 445 -21.43 9.32 4.11
N TYR A 446 -22.46 10.17 4.29
CA TYR A 446 -23.86 9.82 4.01
C TYR A 446 -24.35 8.54 4.71
N GLY A 447 -24.02 8.42 6.00
CA GLY A 447 -24.46 7.29 6.82
C GLY A 447 -23.96 5.94 6.33
N GLY A 448 -22.76 5.96 5.74
CA GLY A 448 -22.15 4.76 5.17
C GLY A 448 -22.90 4.17 3.99
N HIS A 449 -23.83 4.94 3.43
CA HIS A 449 -24.66 4.45 2.33
C HIS A 449 -24.03 4.82 0.98
N TYR A 450 -24.65 4.40 -0.12
CA TYR A 450 -24.15 4.70 -1.46
C TYR A 450 -24.22 6.20 -1.72
N LEU A 451 -23.10 6.77 -2.17
CA LEU A 451 -23.00 8.20 -2.42
C LEU A 451 -23.58 8.56 -3.77
N ALA A 452 -23.80 9.85 -4.01
CA ALA A 452 -24.33 10.33 -5.28
C ALA A 452 -23.51 9.80 -6.47
N GLU A 453 -22.19 9.79 -6.29
CA GLU A 453 -21.27 9.38 -7.34
C GLU A 453 -21.28 7.86 -7.59
N ASN A 454 -21.95 7.10 -6.73
CA ASN A 454 -22.12 5.67 -7.01
C ASN A 454 -22.86 5.46 -8.32
N ASN A 455 -23.97 6.19 -8.49
CA ASN A 455 -24.72 6.16 -9.75
C ASN A 455 -24.04 6.93 -10.88
N THR A 456 -23.53 8.12 -10.58
CA THR A 456 -23.04 9.02 -11.64
C THR A 456 -21.64 8.67 -12.13
N TRP A 457 -20.85 7.99 -11.29
CA TRP A 457 -19.53 7.54 -11.69
C TRP A 457 -19.40 6.01 -11.71
N ALA A 458 -19.47 5.40 -10.52
CA ALA A 458 -18.99 4.02 -10.32
C ALA A 458 -19.70 2.97 -11.17
N LYS A 459 -20.99 3.19 -11.45
CA LYS A 459 -21.79 2.25 -12.25
C LYS A 459 -21.60 2.41 -13.76
N GLN A 460 -21.12 3.58 -14.17
CA GLN A 460 -21.11 3.95 -15.59
C GLN A 460 -20.04 3.23 -16.40
N THR A 461 -20.32 3.01 -17.68
CA THR A 461 -19.44 2.23 -18.56
C THR A 461 -18.04 2.83 -18.70
N ILE A 462 -17.98 4.16 -18.87
CA ILE A 462 -16.68 4.86 -18.96
C ILE A 462 -15.74 4.62 -17.78
N ALA A 463 -16.29 4.25 -16.61
CA ALA A 463 -15.48 3.96 -15.42
C ALA A 463 -14.90 2.54 -15.47
N HIS A 464 -15.19 1.82 -16.56
CA HIS A 464 -14.74 0.44 -16.71
C HIS A 464 -13.87 0.22 -17.93
N ASN A 465 -13.22 -0.95 -17.98
CA ASN A 465 -12.36 -1.34 -19.09
C ASN A 465 -13.13 -2.04 -20.21
N THR A 466 -14.11 -1.34 -20.77
CA THR A 466 -14.89 -1.88 -21.88
C THR A 466 -15.40 -0.78 -22.82
N LEU A 467 -15.98 -1.20 -23.95
CA LEU A 467 -16.36 -0.29 -25.02
C LEU A 467 -17.43 0.71 -24.59
N VAL A 468 -17.20 1.99 -24.91
CA VAL A 468 -18.20 3.02 -24.70
C VAL A 468 -18.50 3.66 -26.08
N VAL A 469 -19.78 3.66 -26.46
CA VAL A 469 -20.20 4.19 -27.75
C VAL A 469 -20.90 5.54 -27.58
N ASN A 470 -20.42 6.54 -28.30
CA ASN A 470 -20.95 7.90 -28.25
C ASN A 470 -21.12 8.48 -26.83
N GLU A 471 -20.18 8.14 -25.94
CA GLU A 471 -20.17 8.65 -24.56
C GLU A 471 -21.43 8.31 -23.75
N GLN A 472 -22.12 7.26 -24.16
CA GLN A 472 -23.27 6.76 -23.41
C GLN A 472 -22.94 5.38 -22.82
N SER A 473 -23.51 5.09 -21.67
CA SER A 473 -23.30 3.77 -21.05
C SER A 473 -24.12 2.67 -21.74
N HIS A 474 -23.69 1.42 -21.54
CA HIS A 474 -24.44 0.26 -21.99
C HIS A 474 -25.88 0.36 -21.51
N PHE A 475 -26.80 0.00 -22.39
CA PHE A 475 -28.24 0.07 -22.14
C PHE A 475 -28.68 1.48 -21.78
N TYR A 476 -27.86 2.46 -22.18
CA TYR A 476 -28.10 3.89 -21.89
C TYR A 476 -28.24 4.13 -20.37
N GLY A 477 -27.58 3.25 -19.60
CA GLY A 477 -27.59 3.37 -18.15
C GLY A 477 -28.93 3.08 -17.51
N ASP A 478 -29.79 2.35 -18.22
CA ASP A 478 -31.12 2.01 -17.74
C ASP A 478 -31.12 0.59 -17.18
N VAL A 479 -31.29 0.46 -15.87
CA VAL A 479 -31.27 -0.84 -15.19
C VAL A 479 -32.41 -1.77 -15.65
N THR A 480 -33.57 -1.21 -15.97
CA THR A 480 -34.72 -1.98 -16.45
C THR A 480 -34.41 -2.66 -17.79
N THR A 481 -33.79 -1.91 -18.71
CA THR A 481 -33.38 -2.46 -20.00
C THR A 481 -32.27 -3.50 -19.83
N ALA A 482 -31.29 -3.16 -19.00
CA ALA A 482 -30.12 -4.01 -18.78
C ALA A 482 -30.48 -5.35 -18.14
N ASP A 483 -31.51 -5.34 -17.31
CA ASP A 483 -32.00 -6.55 -16.66
C ASP A 483 -32.61 -7.55 -17.63
N LEU A 484 -32.95 -7.10 -18.82
CA LEU A 484 -33.59 -7.98 -19.82
C LEU A 484 -32.59 -8.78 -20.66
N HIS A 485 -31.30 -8.45 -20.53
CA HIS A 485 -30.28 -9.01 -21.42
C HIS A 485 -29.06 -9.58 -20.70
N HIS A 486 -28.37 -10.49 -21.37
CA HIS A 486 -27.07 -10.98 -20.93
C HIS A 486 -26.17 -11.22 -22.13
N PRO A 487 -24.84 -11.09 -21.95
CA PRO A 487 -23.92 -11.37 -23.05
C PRO A 487 -24.00 -12.83 -23.49
N GLU A 488 -23.62 -13.10 -24.73
CA GLU A 488 -23.59 -14.45 -25.27
C GLU A 488 -22.16 -14.97 -25.24
N VAL A 489 -21.91 -15.99 -24.43
CA VAL A 489 -20.59 -16.60 -24.37
C VAL A 489 -20.36 -17.44 -25.62
N LEU A 490 -19.30 -17.11 -26.37
CA LEU A 490 -19.02 -17.78 -27.64
C LEU A 490 -18.05 -18.94 -27.47
N SER A 491 -17.06 -18.76 -26.60
CA SER A 491 -16.04 -19.79 -26.39
C SER A 491 -15.34 -19.65 -25.04
N PHE A 492 -14.95 -20.80 -24.48
CA PHE A 492 -14.14 -20.83 -23.27
C PHE A 492 -13.16 -21.97 -23.45
N TYR A 493 -11.88 -21.67 -23.27
CA TYR A 493 -10.82 -22.65 -23.40
C TYR A 493 -9.76 -22.43 -22.33
N SER A 494 -9.32 -23.51 -21.70
CA SER A 494 -8.21 -23.44 -20.77
C SER A 494 -7.24 -24.61 -20.98
N GLY A 495 -6.04 -24.27 -21.46
CA GLY A 495 -5.00 -25.27 -21.70
C GLY A 495 -3.65 -24.76 -21.25
N GLU A 496 -2.63 -25.61 -21.38
CA GLU A 496 -1.24 -25.30 -21.04
C GLU A 496 -0.65 -24.28 -22.00
N ASP A 497 -1.12 -24.30 -23.24
CA ASP A 497 -0.63 -23.42 -24.29
C ASP A 497 -1.21 -22.00 -24.15
N TYR A 498 -2.52 -21.91 -24.01
CA TYR A 498 -3.20 -20.63 -23.79
C TYR A 498 -4.57 -20.79 -23.12
N GLN A 499 -5.20 -19.65 -22.85
CA GLN A 499 -6.51 -19.58 -22.21
C GLN A 499 -7.31 -18.57 -23.03
N LEU A 500 -8.62 -18.79 -23.14
CA LEU A 500 -9.48 -17.89 -23.91
C LEU A 500 -10.91 -17.79 -23.38
N SER A 501 -11.43 -16.56 -23.36
CA SER A 501 -12.87 -16.34 -23.26
C SER A 501 -13.27 -15.42 -24.41
N SER A 502 -14.41 -15.73 -25.02
CA SER A 502 -14.96 -14.89 -26.08
C SER A 502 -16.44 -14.71 -25.84
N ALA A 503 -16.92 -13.46 -25.96
CA ALA A 503 -18.32 -13.18 -25.70
C ALA A 503 -18.85 -12.08 -26.62
N LYS A 504 -20.15 -12.12 -26.89
CA LYS A 504 -20.81 -11.12 -27.75
C LYS A 504 -21.85 -10.34 -26.97
N GLU A 505 -21.91 -9.04 -27.24
CA GLU A 505 -22.94 -8.17 -26.68
C GLU A 505 -23.66 -7.46 -27.82
N ALA A 506 -24.89 -7.90 -28.09
CA ALA A 506 -25.66 -7.41 -29.22
C ALA A 506 -26.80 -6.46 -28.83
N ASN A 507 -26.91 -6.18 -27.53
CA ASN A 507 -28.08 -5.46 -27.01
C ASN A 507 -27.78 -4.19 -26.19
N ALA A 508 -26.50 -3.85 -26.05
CA ALA A 508 -26.11 -2.70 -25.21
C ALA A 508 -26.51 -1.36 -25.80
N TYR A 509 -26.53 -1.28 -27.12
CA TYR A 509 -26.95 -0.06 -27.82
C TYR A 509 -27.76 -0.42 -29.05
N ASP A 510 -28.68 0.46 -29.42
CA ASP A 510 -29.40 0.37 -30.69
C ASP A 510 -28.41 0.33 -31.85
N GLY A 511 -28.55 -0.66 -32.73
CA GLY A 511 -27.74 -0.76 -33.93
C GLY A 511 -26.24 -0.92 -33.73
N VAL A 512 -25.84 -1.48 -32.58
CA VAL A 512 -24.43 -1.75 -32.29
C VAL A 512 -24.29 -3.18 -31.81
N GLU A 513 -23.21 -3.82 -32.24
CA GLU A 513 -22.86 -5.17 -31.78
C GLU A 513 -21.38 -5.19 -31.52
N PHE A 514 -20.96 -5.80 -30.41
CA PHE A 514 -19.55 -5.97 -30.15
C PHE A 514 -19.18 -7.34 -29.58
N VAL A 515 -17.97 -7.76 -29.88
CA VAL A 515 -17.45 -9.08 -29.51
C VAL A 515 -16.08 -8.87 -28.91
N ARG A 516 -15.81 -9.54 -27.79
CA ARG A 516 -14.51 -9.44 -27.19
C ARG A 516 -13.95 -10.82 -26.90
N SER A 517 -12.70 -11.01 -27.31
CA SER A 517 -11.95 -12.22 -27.05
C SER A 517 -10.71 -11.84 -26.24
N MET A 518 -10.56 -12.48 -25.09
CA MET A 518 -9.43 -12.21 -24.22
C MET A 518 -8.67 -13.50 -24.00
N LEU A 519 -7.34 -13.42 -24.14
CA LEU A 519 -6.47 -14.59 -24.02
C LEU A 519 -5.36 -14.36 -23.00
N LEU A 520 -4.98 -15.43 -22.33
CA LEU A 520 -3.73 -15.49 -21.59
C LEU A 520 -2.82 -16.45 -22.35
N VAL A 521 -1.65 -15.97 -22.74
CA VAL A 521 -0.76 -16.75 -23.61
C VAL A 521 0.56 -17.08 -22.92
N ASN A 522 0.85 -18.37 -22.86
CA ASN A 522 2.12 -18.88 -22.36
C ASN A 522 3.15 -18.77 -23.47
N VAL A 523 4.12 -17.87 -23.30
CA VAL A 523 5.22 -17.71 -24.24
C VAL A 523 6.48 -18.14 -23.50
N PRO A 524 7.01 -19.33 -23.81
CA PRO A 524 8.15 -19.88 -23.07
C PRO A 524 9.36 -18.95 -22.94
N SER A 525 9.62 -18.14 -23.96
CA SER A 525 10.78 -17.24 -23.94
C SER A 525 10.59 -16.03 -23.01
N LEU A 526 9.36 -15.78 -22.57
CA LEU A 526 9.06 -14.62 -21.69
C LEU A 526 8.84 -15.05 -20.25
N GLU A 527 9.18 -14.17 -19.31
CA GLU A 527 9.11 -14.45 -17.87
C GLU A 527 7.67 -14.74 -17.39
N HIS A 528 6.70 -14.05 -17.99
CA HIS A 528 5.30 -14.13 -17.57
C HIS A 528 4.36 -14.31 -18.75
N PRO A 529 3.15 -14.86 -18.52
CA PRO A 529 2.18 -14.91 -19.60
C PRO A 529 1.80 -13.50 -20.02
N ILE A 530 1.31 -13.37 -21.25
CA ILE A 530 0.81 -12.10 -21.76
C ILE A 530 -0.70 -12.18 -22.03
N VAL A 531 -1.37 -11.04 -21.87
CA VAL A 531 -2.75 -10.92 -22.24
C VAL A 531 -2.82 -10.48 -23.70
N VAL A 532 -3.69 -11.11 -24.48
CA VAL A 532 -4.03 -10.60 -25.81
C VAL A 532 -5.52 -10.27 -25.82
N ASP A 533 -5.85 -9.07 -26.29
CA ASP A 533 -7.22 -8.57 -26.25
C ASP A 533 -7.64 -8.17 -27.66
N VAL A 534 -8.79 -8.69 -28.10
CA VAL A 534 -9.41 -8.34 -29.39
C VAL A 534 -10.88 -7.95 -29.19
N LEU A 535 -11.16 -6.66 -29.32
CA LEU A 535 -12.52 -6.17 -29.18
C LEU A 535 -13.00 -5.55 -30.48
N ASN A 536 -13.94 -6.24 -31.13
CA ASN A 536 -14.51 -5.81 -32.40
C ASN A 536 -15.85 -5.15 -32.18
N VAL A 537 -16.09 -4.02 -32.85
CA VAL A 537 -17.39 -3.35 -32.80
C VAL A 537 -17.87 -2.99 -34.21
N SER A 538 -19.15 -3.22 -34.46
CA SER A 538 -19.84 -2.81 -35.68
C SER A 538 -21.07 -1.99 -35.32
N ALA A 539 -21.25 -0.86 -36.00
CA ALA A 539 -22.35 0.05 -35.72
C ALA A 539 -23.02 0.50 -37.02
N ASP A 540 -24.34 0.60 -36.98
CA ASP A 540 -25.13 1.01 -38.16
C ASP A 540 -24.89 2.47 -38.52
N LYS A 541 -24.65 3.30 -37.50
CA LYS A 541 -24.34 4.71 -37.69
C LYS A 541 -22.89 4.98 -37.26
N ALA A 542 -22.19 5.82 -38.01
CA ALA A 542 -20.82 6.21 -37.66
C ALA A 542 -20.78 6.81 -36.26
N SER A 543 -19.89 6.30 -35.43
CA SER A 543 -19.89 6.61 -34.00
C SER A 543 -18.51 6.88 -33.44
N THR A 544 -18.46 7.41 -32.21
CA THR A 544 -17.22 7.52 -31.45
C THR A 544 -17.12 6.28 -30.55
N PHE A 545 -15.95 5.63 -30.57
CA PHE A 545 -15.70 4.43 -29.76
C PHE A 545 -14.58 4.69 -28.75
N ASP A 546 -14.85 4.45 -27.47
CA ASP A 546 -13.84 4.60 -26.40
C ASP A 546 -13.58 3.24 -25.74
N LEU A 547 -12.30 2.93 -25.54
CA LEU A 547 -11.91 1.75 -24.74
C LEU A 547 -10.91 2.17 -23.66
N PRO A 548 -11.37 2.30 -22.41
CA PRO A 548 -10.51 2.70 -21.31
C PRO A 548 -9.67 1.54 -20.80
N LEU A 549 -8.56 1.87 -20.16
CA LEU A 549 -7.78 0.93 -19.37
C LEU A 549 -7.40 1.61 -18.05
N TYR A 550 -8.07 1.18 -16.99
CA TYR A 550 -7.77 1.66 -15.64
C TYR A 550 -6.66 0.82 -15.07
N PHE A 551 -5.50 1.44 -14.93
CA PHE A 551 -4.29 0.76 -14.53
C PHE A 551 -3.87 1.21 -13.14
N ASN A 552 -3.10 0.34 -12.49
CA ASN A 552 -2.55 0.61 -11.19
C ASN A 552 -1.03 0.71 -11.33
N GLY A 553 -0.47 1.84 -10.92
CA GLY A 553 0.98 2.06 -10.95
C GLY A 553 1.38 3.39 -11.53
N GLN A 554 2.69 3.60 -11.69
CA GLN A 554 3.23 4.88 -12.14
C GLN A 554 3.78 4.76 -13.55
N ILE A 555 3.36 5.66 -14.42
CA ILE A 555 3.82 5.64 -15.81
C ILE A 555 5.33 5.84 -15.89
N ILE A 556 5.99 4.98 -16.67
CA ILE A 556 7.40 5.16 -17.00
C ILE A 556 7.54 6.01 -18.27
N ASP A 557 6.98 5.53 -19.36
CA ASP A 557 6.98 6.28 -20.63
C ASP A 557 5.92 5.76 -21.59
N PHE A 558 5.64 6.57 -22.61
CA PHE A 558 4.71 6.25 -23.68
C PHE A 558 5.51 6.30 -24.98
N SER A 559 5.11 5.54 -25.99
CA SER A 559 5.74 5.63 -27.30
C SER A 559 5.22 6.85 -28.07
N PHE A 560 4.05 7.34 -27.67
CA PHE A 560 3.38 8.43 -28.39
C PHE A 560 3.77 9.79 -27.84
N LYS A 561 3.47 10.83 -28.60
CA LYS A 561 3.83 12.19 -28.25
C LYS A 561 2.57 12.92 -27.79
N VAL A 562 2.50 13.24 -26.50
CA VAL A 562 1.34 13.95 -25.97
C VAL A 562 1.33 15.41 -26.43
N LYS A 563 0.13 15.94 -26.63
CA LYS A 563 -0.03 17.35 -26.93
C LYS A 563 0.04 18.13 -25.64
N ASP A 564 0.66 19.31 -25.70
CA ASP A 564 0.74 20.22 -24.57
C ASP A 564 -0.68 20.51 -24.06
N ASN A 565 -0.91 20.29 -22.76
CA ASN A 565 -2.24 20.56 -22.19
C ASN A 565 -2.49 22.04 -21.87
N LYS A 566 -1.49 22.88 -22.14
CA LYS A 566 -1.61 24.33 -21.99
C LYS A 566 -1.98 24.72 -20.56
N ASN A 567 -1.51 23.93 -19.60
CA ASN A 567 -1.63 24.24 -18.18
C ASN A 567 -3.06 24.31 -17.68
N VAL A 568 -3.92 23.50 -18.29
CA VAL A 568 -5.32 23.41 -17.88
C VAL A 568 -5.79 21.96 -18.03
N MET A 569 -6.60 21.50 -17.07
CA MET A 569 -7.33 20.26 -17.23
C MET A 569 -8.83 20.53 -17.28
N LYS A 570 -9.43 20.21 -18.42
CA LYS A 570 -10.87 20.36 -18.59
C LYS A 570 -11.56 19.03 -18.35
N MET A 571 -12.81 19.12 -17.88
CA MET A 571 -13.69 17.98 -17.75
C MET A 571 -13.78 17.30 -19.11
N LEU A 572 -13.71 15.96 -19.10
CA LEU A 572 -13.58 15.17 -20.32
C LEU A 572 -14.83 15.18 -21.20
N GLY A 573 -15.99 15.05 -20.56
CA GLY A 573 -17.26 15.10 -21.26
C GLY A 573 -18.35 15.51 -20.29
N LYS A 574 -19.59 15.61 -20.78
CA LYS A 574 -20.68 16.21 -20.02
C LYS A 574 -21.52 15.24 -19.22
N ARG A 575 -21.59 13.98 -19.66
CA ARG A 575 -22.61 13.05 -19.16
C ARG A 575 -22.09 11.63 -18.95
N ASN A 576 -22.81 10.85 -18.15
CA ASN A 576 -22.64 9.39 -18.06
C ASN A 576 -21.28 8.95 -17.51
N GLY A 577 -20.73 9.75 -16.61
CA GLY A 577 -19.45 9.43 -15.98
C GLY A 577 -18.31 10.28 -16.49
N TYR A 578 -18.42 10.72 -17.74
CA TYR A 578 -17.40 11.59 -18.35
C TYR A 578 -17.22 12.90 -17.57
N GLN A 579 -18.29 13.33 -16.88
CA GLN A 579 -18.25 14.57 -16.11
C GLN A 579 -17.40 14.49 -14.83
N HIS A 580 -16.89 13.29 -14.54
CA HIS A 580 -16.03 13.10 -13.37
C HIS A 580 -14.55 12.96 -13.72
N LEU A 581 -14.21 13.03 -15.01
CA LEU A 581 -12.82 12.89 -15.45
C LEU A 581 -12.23 14.18 -15.96
N TRP A 582 -10.97 14.44 -15.58
CA TRP A 582 -10.16 15.50 -16.16
C TRP A 582 -9.34 14.95 -17.31
N LEU A 583 -9.29 15.69 -18.42
CA LEU A 583 -8.37 15.35 -19.49
C LEU A 583 -6.98 15.93 -19.19
N ARG A 584 -6.01 15.06 -19.00
CA ARG A 584 -4.65 15.50 -18.69
C ARG A 584 -3.81 15.70 -19.96
N ASN A 585 -3.95 14.78 -20.91
CA ASN A 585 -3.25 14.88 -22.19
C ASN A 585 -4.02 14.11 -23.25
N THR A 586 -3.94 14.61 -24.49
CA THR A 586 -4.34 13.84 -25.66
C THR A 586 -3.10 13.60 -26.53
N ALA A 587 -3.12 12.51 -27.28
CA ALA A 587 -2.04 12.18 -28.20
C ALA A 587 -2.63 11.47 -29.42
N PRO A 588 -2.22 11.89 -30.63
CA PRO A 588 -2.72 11.22 -31.82
C PRO A 588 -2.05 9.86 -32.02
N VAL A 589 -2.81 8.90 -32.53
CA VAL A 589 -2.28 7.59 -32.90
C VAL A 589 -2.86 7.15 -34.25
N GLY A 590 -2.30 6.11 -34.85
CA GLY A 590 -2.71 5.69 -36.17
C GLY A 590 -2.50 4.22 -36.49
N ASP A 591 -1.92 3.95 -37.65
CA ASP A 591 -1.77 2.59 -38.15
C ASP A 591 -0.84 1.72 -37.30
N ALA A 592 0.25 2.29 -36.82
CA ALA A 592 1.26 1.53 -36.07
C ALA A 592 0.88 1.37 -34.61
N SER A 593 1.28 0.25 -34.00
CA SER A 593 0.96 0.03 -32.60
C SER A 593 1.74 0.99 -31.71
N GLU A 594 1.14 1.33 -30.58
CA GLU A 594 1.75 2.21 -29.59
C GLU A 594 1.95 1.45 -28.29
N ARG A 595 2.59 2.08 -27.32
CA ARG A 595 2.94 1.41 -26.07
C ARG A 595 2.87 2.35 -24.89
N ALA A 596 2.33 1.86 -23.78
CA ALA A 596 2.48 2.52 -22.48
C ALA A 596 3.16 1.53 -21.53
N THR A 597 4.20 2.00 -20.83
CA THR A 597 4.87 1.18 -19.83
C THR A 597 4.77 1.84 -18.45
N TRP A 598 4.35 1.06 -17.47
CA TRP A 598 4.30 1.53 -16.09
C TRP A 598 4.95 0.56 -15.09
N ILE A 599 5.18 1.06 -13.87
CA ILE A 599 5.78 0.26 -12.81
C ILE A 599 4.80 0.10 -11.65
N LEU A 600 4.77 -1.08 -11.04
CA LEU A 600 3.97 -1.25 -9.82
C LEU A 600 4.74 -2.20 -8.93
N ASP A 601 5.14 -1.69 -7.76
CA ASP A 601 6.03 -2.41 -6.85
C ASP A 601 7.30 -2.86 -7.57
N ASP A 602 7.54 -4.17 -7.66
CA ASP A 602 8.80 -4.65 -8.24
C ASP A 602 8.71 -5.15 -9.68
N ARG A 603 7.62 -4.83 -10.36
CA ARG A 603 7.39 -5.31 -11.73
C ARG A 603 6.95 -4.20 -12.67
N PHE A 604 7.32 -4.33 -13.94
CA PHE A 604 6.86 -3.41 -14.99
C PHE A 604 5.73 -4.05 -15.79
N TYR A 605 4.88 -3.20 -16.39
CA TYR A 605 3.78 -3.67 -17.21
C TYR A 605 3.74 -2.85 -18.49
N SER A 606 3.66 -3.52 -19.63
CA SER A 606 3.60 -2.82 -20.90
C SER A 606 2.34 -3.17 -21.67
N TYR A 607 1.65 -2.12 -22.09
CA TYR A 607 0.41 -2.21 -22.83
C TYR A 607 0.73 -1.80 -24.24
N ALA A 608 0.76 -2.75 -25.17
CA ALA A 608 0.98 -2.48 -26.59
C ALA A 608 -0.37 -2.53 -27.28
N PHE A 609 -0.69 -1.52 -28.08
CA PHE A 609 -2.06 -1.41 -28.57
C PHE A 609 -2.17 -0.77 -29.94
N VAL A 610 -3.07 -1.33 -30.74
CA VAL A 610 -3.33 -0.84 -32.09
C VAL A 610 -4.82 -1.04 -32.38
N THR A 611 -5.40 -0.09 -33.11
CA THR A 611 -6.80 -0.17 -33.45
C THR A 611 -6.99 -0.10 -34.97
N SER A 612 -7.55 -1.15 -35.54
CA SER A 612 -7.85 -1.19 -36.96
C SER A 612 -9.21 -0.55 -37.18
N THR A 613 -9.27 0.46 -38.04
CA THR A 613 -10.51 1.20 -38.29
C THR A 613 -10.40 2.10 -39.52
N PRO A 614 -11.50 2.25 -40.29
CA PRO A 614 -11.53 3.25 -41.37
C PRO A 614 -11.49 4.69 -40.86
N SER A 615 -11.79 4.91 -39.58
CA SER A 615 -11.77 6.26 -39.01
C SER A 615 -10.53 7.02 -39.44
N LYS A 616 -10.72 8.27 -39.85
CA LYS A 616 -9.60 9.11 -40.25
C LYS A 616 -8.70 9.44 -39.06
N LYS A 617 -9.32 9.69 -37.90
CA LYS A 617 -8.60 10.09 -36.70
C LYS A 617 -8.77 9.10 -35.54
N GLN A 618 -7.71 8.98 -34.75
CA GLN A 618 -7.70 8.19 -33.52
C GLN A 618 -6.85 8.93 -32.52
N ASN A 619 -7.23 8.88 -31.26
CA ASN A 619 -6.46 9.51 -30.20
C ASN A 619 -6.37 8.64 -28.95
N VAL A 620 -5.30 8.84 -28.18
CA VAL A 620 -5.19 8.30 -26.83
C VAL A 620 -5.42 9.45 -25.87
N LEU A 621 -6.30 9.24 -24.91
CA LEU A 621 -6.60 10.23 -23.89
C LEU A 621 -6.12 9.73 -22.54
N ILE A 622 -5.29 10.52 -21.87
CA ILE A 622 -4.91 10.24 -20.49
C ILE A 622 -5.78 11.12 -19.59
N ALA A 623 -6.55 10.46 -18.73
CA ALA A 623 -7.50 11.18 -17.89
C ALA A 623 -7.33 10.82 -16.41
N GLU A 624 -7.80 11.71 -15.55
CA GLU A 624 -7.72 11.55 -14.10
C GLU A 624 -9.08 11.79 -13.45
N LEU A 625 -9.38 11.03 -12.41
CA LEU A 625 -10.67 11.10 -11.73
C LEU A 625 -10.71 12.25 -10.74
N GLY A 626 -11.85 12.94 -10.65
CA GLY A 626 -12.03 13.97 -9.61
C GLY A 626 -12.85 15.20 -9.99
N ALA A 627 -13.31 15.26 -11.23
CA ALA A 627 -14.19 16.37 -11.63
C ALA A 627 -15.60 16.12 -11.10
N ASN A 628 -16.38 17.19 -10.93
CA ASN A 628 -17.70 17.07 -10.29
C ASN A 628 -17.70 16.24 -9.00
N ASP A 629 -16.70 16.47 -8.15
CA ASP A 629 -16.58 15.77 -6.88
C ASP A 629 -16.33 16.77 -5.75
N PRO A 630 -17.29 17.69 -5.52
CA PRO A 630 -17.10 18.76 -4.51
C PRO A 630 -16.94 18.22 -3.09
N ASN A 631 -17.45 17.02 -2.83
CA ASN A 631 -17.40 16.43 -1.49
C ASN A 631 -16.22 15.46 -1.30
N TYR A 632 -15.37 15.37 -2.31
CA TYR A 632 -14.16 14.52 -2.23
C TYR A 632 -14.53 13.09 -1.86
N ASN A 633 -15.52 12.55 -2.57
CA ASN A 633 -15.93 11.17 -2.41
C ASN A 633 -15.13 10.19 -3.25
N LEU A 634 -14.48 10.71 -4.30
CA LEU A 634 -13.78 9.83 -5.24
C LEU A 634 -12.27 9.75 -5.01
N ARG A 635 -11.69 8.60 -5.34
CA ARG A 635 -10.27 8.39 -5.17
C ARG A 635 -9.50 8.99 -6.33
N GLN A 636 -8.19 9.20 -6.14
CA GLN A 636 -7.32 9.54 -7.25
C GLN A 636 -7.19 8.29 -8.14
N GLN A 637 -7.27 8.49 -9.45
CA GLN A 637 -7.18 7.39 -10.41
C GLN A 637 -6.79 7.93 -11.79
N GLN A 638 -5.90 7.22 -12.47
CA GLN A 638 -5.56 7.53 -13.86
C GLN A 638 -6.10 6.48 -14.82
N VAL A 639 -6.25 6.86 -16.08
CA VAL A 639 -6.79 5.97 -17.09
C VAL A 639 -6.23 6.33 -18.47
N LEU A 640 -5.99 5.30 -19.28
CA LEU A 640 -5.61 5.47 -20.67
C LEU A 640 -6.83 5.08 -21.52
N ILE A 641 -7.37 6.05 -22.25
CA ILE A 641 -8.56 5.81 -23.09
C ILE A 641 -8.19 5.86 -24.58
N ARG A 642 -8.49 4.78 -25.30
CA ARG A 642 -8.30 4.73 -26.74
C ARG A 642 -9.58 5.16 -27.42
N ARG A 643 -9.49 6.25 -28.18
CA ARG A 643 -10.66 6.81 -28.82
C ARG A 643 -10.57 6.69 -30.34
N VAL A 644 -11.63 6.13 -30.91
CA VAL A 644 -11.82 6.14 -32.36
C VAL A 644 -12.82 7.25 -32.64
N GLU A 645 -12.39 8.27 -33.36
CA GLU A 645 -13.21 9.49 -33.51
C GLU A 645 -14.54 9.27 -34.24
N LYS A 646 -14.48 8.67 -35.42
CA LYS A 646 -15.68 8.53 -36.25
C LYS A 646 -15.58 7.35 -37.19
N ALA A 647 -16.36 6.31 -36.90
CA ALA A 647 -16.35 5.08 -37.70
C ALA A 647 -17.55 4.19 -37.44
N LYS A 648 -17.84 3.32 -38.40
CA LYS A 648 -18.86 2.30 -38.23
C LYS A 648 -18.28 1.02 -37.67
N GLN A 649 -16.95 0.88 -37.78
CA GLN A 649 -16.24 -0.34 -37.35
C GLN A 649 -14.88 -0.03 -36.73
N ALA A 650 -14.49 -0.87 -35.77
CA ALA A 650 -13.15 -0.82 -35.19
C ALA A 650 -12.82 -2.19 -34.59
N SER A 651 -11.54 -2.52 -34.64
CA SER A 651 -10.96 -3.65 -33.91
C SER A 651 -9.87 -3.15 -32.97
N PHE A 652 -10.20 -3.11 -31.68
CA PHE A 652 -9.27 -2.69 -30.65
C PHE A 652 -8.43 -3.90 -30.24
N VAL A 653 -7.16 -3.89 -30.62
CA VAL A 653 -6.25 -5.01 -30.33
C VAL A 653 -5.22 -4.54 -29.31
N SER A 654 -4.90 -5.38 -28.32
CA SER A 654 -3.83 -5.04 -27.39
C SER A 654 -3.16 -6.26 -26.76
N VAL A 655 -1.96 -6.00 -26.22
CA VAL A 655 -1.19 -6.98 -25.46
C VAL A 655 -0.83 -6.34 -24.12
N LEU A 656 -1.09 -7.06 -23.02
CA LEU A 656 -0.61 -6.61 -21.72
C LEU A 656 0.45 -7.57 -21.18
N GLU A 657 1.65 -7.02 -20.97
CA GLU A 657 2.84 -7.83 -20.69
C GLU A 657 3.52 -7.44 -19.35
N PRO A 658 3.47 -8.33 -18.33
CA PRO A 658 4.31 -8.11 -17.17
C PRO A 658 5.75 -8.47 -17.51
N HIS A 659 6.71 -7.67 -17.04
CA HIS A 659 8.12 -7.92 -17.34
C HIS A 659 9.06 -7.24 -16.35
N GLY A 660 10.25 -7.83 -16.20
CA GLY A 660 11.34 -7.21 -15.46
C GLY A 660 11.22 -7.15 -13.94
N LYS A 661 12.20 -6.49 -13.33
CA LYS A 661 12.30 -6.40 -11.89
C LYS A 661 12.82 -5.02 -11.49
N TYR A 662 12.21 -4.45 -10.46
CA TYR A 662 12.74 -3.27 -9.78
C TYR A 662 12.80 -3.58 -8.30
N ASP A 663 13.98 -3.44 -7.72
CA ASP A 663 14.15 -3.68 -6.29
C ASP A 663 14.75 -2.43 -5.67
N GLY A 664 13.92 -1.67 -4.97
CA GLY A 664 14.33 -0.41 -4.36
C GLY A 664 15.13 -0.63 -3.09
N SER A 665 14.96 -1.80 -2.49
CA SER A 665 15.70 -2.14 -1.28
C SER A 665 17.15 -2.47 -1.64
N LEU A 666 17.35 -3.44 -2.55
CA LEU A 666 18.69 -3.83 -2.96
C LEU A 666 19.27 -2.94 -4.08
N GLU A 667 18.44 -2.06 -4.62
CA GLU A 667 18.84 -1.06 -5.64
C GLU A 667 19.34 -1.69 -6.96
N THR A 668 18.49 -2.54 -7.54
CA THR A 668 18.77 -3.21 -8.81
C THR A 668 17.54 -3.15 -9.72
N THR A 669 17.77 -3.27 -11.02
CA THR A 669 16.72 -3.49 -12.01
C THR A 669 17.20 -4.46 -13.08
N SER A 670 16.26 -5.13 -13.75
CA SER A 670 16.53 -5.92 -14.93
C SER A 670 15.26 -6.05 -15.77
N GLY A 671 15.43 -6.19 -17.08
CA GLY A 671 14.32 -6.41 -18.00
C GLY A 671 13.27 -5.31 -17.98
N ALA A 672 13.71 -4.09 -17.73
CA ALA A 672 12.78 -2.96 -17.52
C ALA A 672 12.10 -2.51 -18.81
N TYR A 673 12.68 -2.87 -19.95
CA TYR A 673 12.06 -2.59 -21.25
C TYR A 673 11.14 -3.72 -21.68
N SER A 674 10.01 -3.35 -22.29
CA SER A 674 9.10 -4.32 -22.91
C SER A 674 9.84 -5.23 -23.90
N ASN A 675 9.43 -6.49 -23.97
CA ASN A 675 9.95 -7.41 -24.99
C ASN A 675 9.09 -7.48 -26.24
N VAL A 676 8.02 -6.68 -26.26
CA VAL A 676 7.11 -6.65 -27.39
C VAL A 676 7.52 -5.48 -28.27
N LYS A 677 7.94 -5.79 -29.49
CA LYS A 677 8.33 -4.78 -30.45
C LYS A 677 7.09 -4.07 -31.01
N SER A 678 6.09 -4.86 -31.42
CA SER A 678 4.88 -4.32 -32.03
C SER A 678 3.77 -5.36 -32.03
N VAL A 679 2.55 -4.87 -32.24
CA VAL A 679 1.39 -5.72 -32.43
C VAL A 679 0.71 -5.29 -33.73
N LYS A 680 0.35 -6.26 -34.56
CA LYS A 680 -0.30 -5.99 -35.83
C LYS A 680 -1.58 -6.79 -35.92
N HIS A 681 -2.59 -6.21 -36.57
CA HIS A 681 -3.87 -6.90 -36.74
C HIS A 681 -4.36 -6.90 -38.18
N VAL A 682 -4.94 -8.02 -38.59
CA VAL A 682 -5.60 -8.16 -39.88
C VAL A 682 -6.93 -8.88 -39.69
N SER A 683 -7.98 -8.35 -40.33
CA SER A 683 -9.28 -9.00 -40.41
C SER A 683 -9.57 -9.37 -41.87
N GLU A 684 -10.06 -10.58 -42.08
CA GLU A 684 -10.48 -11.05 -43.40
C GLU A 684 -11.70 -11.96 -43.25
N ASN A 685 -12.79 -11.55 -43.89
CA ASN A 685 -14.06 -12.29 -43.86
C ASN A 685 -14.57 -12.54 -42.43
N GLY A 686 -14.39 -11.53 -41.57
CA GLY A 686 -14.80 -11.63 -40.18
C GLY A 686 -13.89 -12.49 -39.31
N LYS A 687 -12.74 -12.89 -39.86
CA LYS A 687 -11.76 -13.67 -39.10
C LYS A 687 -10.54 -12.81 -38.77
N ASP A 688 -10.10 -12.89 -37.52
CA ASP A 688 -9.02 -12.02 -37.02
C ASP A 688 -7.68 -12.74 -36.86
N VAL A 689 -6.62 -12.06 -37.26
CA VAL A 689 -5.26 -12.51 -36.99
C VAL A 689 -4.49 -11.39 -36.30
N VAL A 690 -3.89 -11.70 -35.16
CA VAL A 690 -3.03 -10.78 -34.41
C VAL A 690 -1.61 -11.35 -34.41
N VAL A 691 -0.64 -10.53 -34.78
CA VAL A 691 0.77 -10.92 -34.74
C VAL A 691 1.48 -10.04 -33.73
N VAL A 692 2.08 -10.69 -32.74
CA VAL A 692 2.87 -9.99 -31.72
C VAL A 692 4.35 -10.24 -32.02
N ASP A 693 5.05 -9.22 -32.49
CA ASP A 693 6.47 -9.35 -32.78
C ASP A 693 7.30 -9.07 -31.53
N LEU A 694 8.16 -10.01 -31.18
CA LEU A 694 8.99 -9.88 -29.99
C LEU A 694 10.37 -9.36 -30.37
N LYS A 695 11.04 -8.70 -29.43
CA LYS A 695 12.35 -8.12 -29.67
C LYS A 695 13.46 -9.11 -30.06
N ASP A 696 13.32 -10.36 -29.64
CA ASP A 696 14.31 -11.38 -30.04
C ASP A 696 14.08 -11.94 -31.45
N GLY A 697 13.11 -11.38 -32.16
CA GLY A 697 12.84 -11.78 -33.55
C GLY A 697 11.81 -12.88 -33.72
N SER A 698 11.39 -13.46 -32.60
CA SER A 698 10.30 -14.43 -32.61
C SER A 698 8.96 -13.69 -32.67
N ASN A 699 7.89 -14.44 -32.92
CA ASN A 699 6.54 -13.86 -32.86
C ASN A 699 5.48 -14.81 -32.30
N VAL A 700 4.34 -14.24 -31.94
CA VAL A 700 3.18 -15.00 -31.48
C VAL A 700 2.02 -14.67 -32.42
N VAL A 701 1.39 -15.70 -32.96
CA VAL A 701 0.26 -15.51 -33.85
C VAL A 701 -1.02 -16.01 -33.20
N VAL A 702 -1.98 -15.10 -33.04
CA VAL A 702 -3.29 -15.43 -32.51
C VAL A 702 -4.30 -15.33 -33.65
N ALA A 703 -5.03 -16.42 -33.86
CA ALA A 703 -6.04 -16.47 -34.90
C ALA A 703 -7.41 -16.76 -34.30
N LEU A 704 -8.39 -15.97 -34.72
CA LEU A 704 -9.77 -16.12 -34.27
C LEU A 704 -10.75 -16.25 -35.42
N SER A 705 -11.48 -17.35 -35.46
CA SER A 705 -12.47 -17.57 -36.52
C SER A 705 -13.91 -17.31 -36.09
N TYR A 706 -14.17 -17.36 -34.78
CA TYR A 706 -15.54 -17.22 -34.22
C TYR A 706 -16.47 -18.33 -34.70
N ASN A 707 -15.88 -19.43 -35.15
CA ASN A 707 -16.62 -20.62 -35.58
C ASN A 707 -16.29 -21.75 -34.61
N ALA A 708 -17.32 -22.23 -33.90
CA ALA A 708 -17.14 -23.20 -32.82
C ALA A 708 -16.76 -24.62 -33.27
N ASN A 709 -16.86 -24.88 -34.58
CA ASN A 709 -16.53 -26.20 -35.12
C ASN A 709 -15.03 -26.47 -35.09
N SER A 710 -14.61 -27.33 -34.16
CA SER A 710 -13.19 -27.59 -33.90
C SER A 710 -12.41 -28.14 -35.12
N GLU A 711 -13.13 -28.65 -36.11
CA GLU A 711 -12.49 -29.26 -37.29
C GLU A 711 -12.42 -28.35 -38.52
N GLN A 712 -13.13 -27.23 -38.48
CA GLN A 712 -13.20 -26.32 -39.62
C GLN A 712 -11.86 -25.59 -39.89
N VAL A 713 -11.33 -25.76 -41.10
CA VAL A 713 -10.12 -25.06 -41.54
C VAL A 713 -10.42 -23.61 -41.91
N HIS A 714 -9.51 -22.70 -41.55
CA HIS A 714 -9.64 -21.28 -41.87
C HIS A 714 -8.35 -20.72 -42.48
N LYS A 715 -8.49 -19.71 -43.32
CA LYS A 715 -7.34 -19.04 -43.94
C LYS A 715 -7.49 -17.52 -43.96
N VAL A 716 -6.44 -16.83 -43.52
CA VAL A 716 -6.35 -15.37 -43.62
C VAL A 716 -4.98 -14.96 -44.15
N ASN A 717 -4.97 -14.06 -45.13
CA ASN A 717 -3.72 -13.48 -45.65
C ASN A 717 -3.27 -12.30 -44.78
N ALA A 718 -2.21 -12.52 -44.01
CA ALA A 718 -1.68 -11.52 -43.07
C ALA A 718 -0.82 -10.46 -43.78
N GLY A 719 0.50 -10.60 -43.70
CA GLY A 719 1.42 -9.74 -44.44
C GLY A 719 1.44 -10.21 -45.89
N GLU A 720 2.47 -10.96 -46.24
CA GLU A 720 2.47 -11.72 -47.49
C GLU A 720 2.22 -13.20 -47.15
N GLU A 721 2.47 -13.54 -45.89
CA GLU A 721 2.26 -14.88 -45.36
C GLU A 721 0.77 -15.22 -45.24
N ALA A 722 0.45 -16.50 -45.42
CA ALA A 722 -0.92 -16.98 -45.28
C ALA A 722 -1.06 -17.73 -43.95
N ILE A 723 -1.99 -17.28 -43.12
CA ILE A 723 -2.23 -17.90 -41.82
C ILE A 723 -3.37 -18.90 -41.92
N GLU A 724 -3.08 -20.14 -41.56
CA GLU A 724 -4.02 -21.24 -41.64
C GLU A 724 -4.17 -21.95 -40.30
N TRP A 725 -5.40 -22.28 -39.93
CA TRP A 725 -5.67 -22.98 -38.67
C TRP A 725 -7.03 -23.66 -38.66
N LYS A 726 -7.25 -24.49 -37.65
CA LYS A 726 -8.54 -25.11 -37.40
C LYS A 726 -9.16 -24.59 -36.11
N GLY A 727 -10.49 -24.46 -36.10
CA GLY A 727 -11.23 -24.19 -34.87
C GLY A 727 -11.54 -22.74 -34.61
N PHE A 728 -12.15 -22.48 -33.45
CA PHE A 728 -12.51 -21.13 -33.02
C PHE A 728 -11.28 -20.23 -32.88
N SER A 729 -10.22 -20.78 -32.31
CA SER A 729 -9.01 -20.02 -32.05
C SER A 729 -7.75 -20.84 -32.22
N SER A 730 -6.65 -20.14 -32.50
CA SER A 730 -5.34 -20.75 -32.58
C SER A 730 -4.30 -19.77 -32.04
N VAL A 731 -3.34 -20.31 -31.29
CA VAL A 731 -2.18 -19.52 -30.85
C VAL A 731 -0.92 -20.31 -31.13
N VAL A 732 -0.05 -19.73 -31.95
CA VAL A 732 1.22 -20.35 -32.30
C VAL A 732 2.39 -19.40 -31.99
N VAL A 733 3.36 -19.91 -31.26
CA VAL A 733 4.59 -19.16 -31.00
C VAL A 733 5.60 -19.61 -32.04
N ARG A 734 6.14 -18.66 -32.80
CA ARG A 734 7.10 -18.97 -33.87
C ARG A 734 8.47 -18.43 -33.52
N ARG A 735 9.41 -19.34 -33.24
CA ARG A 735 10.76 -18.98 -32.86
C ARG A 735 11.51 -18.25 -33.97
N HIS B 30 43.85 -15.26 4.68
CA HIS B 30 42.71 -14.89 3.78
C HIS B 30 41.56 -15.89 3.86
N PRO B 31 40.31 -15.40 4.05
CA PRO B 31 39.94 -13.98 4.14
C PRO B 31 40.29 -13.33 5.47
N ASN B 32 40.47 -12.02 5.45
CA ASN B 32 40.77 -11.22 6.65
C ASN B 32 40.46 -9.75 6.38
N LEU B 33 39.17 -9.45 6.28
CA LEU B 33 38.73 -8.10 5.93
C LEU B 33 37.35 -7.85 6.56
N ILE B 34 36.29 -8.22 5.84
CA ILE B 34 34.93 -8.12 6.35
C ILE B 34 34.54 -9.41 7.07
N VAL B 35 35.11 -10.53 6.62
CA VAL B 35 35.06 -11.78 7.36
C VAL B 35 36.50 -12.26 7.57
N THR B 36 36.72 -12.98 8.66
CA THR B 36 38.03 -13.55 8.97
C THR B 36 38.00 -15.07 8.77
N GLU B 37 39.17 -15.69 8.78
CA GLU B 37 39.26 -17.14 8.69
C GLU B 37 38.48 -17.81 9.81
N GLN B 38 38.62 -17.28 11.03
CA GLN B 38 37.85 -17.76 12.18
C GLN B 38 36.33 -17.59 11.98
N ASP B 39 35.92 -16.46 11.41
CA ASP B 39 34.51 -16.26 11.07
C ASP B 39 33.99 -17.37 10.16
N VAL B 40 34.73 -17.65 9.09
CA VAL B 40 34.37 -18.69 8.13
C VAL B 40 34.20 -20.04 8.83
N ALA B 41 35.15 -20.37 9.70
CA ALA B 41 35.11 -21.62 10.48
C ALA B 41 33.85 -21.68 11.37
N ASN B 42 33.53 -20.57 12.03
CA ASN B 42 32.33 -20.50 12.87
C ASN B 42 31.05 -20.60 12.05
N ILE B 43 31.00 -19.91 10.91
CA ILE B 43 29.84 -19.97 10.01
C ILE B 43 29.63 -21.39 9.49
N ALA B 44 30.68 -22.00 8.95
CA ALA B 44 30.62 -23.39 8.48
C ALA B 44 30.03 -24.30 9.55
N ALA B 45 30.47 -24.13 10.79
CA ALA B 45 30.06 -24.99 11.91
C ALA B 45 28.58 -24.90 12.30
N SER B 46 27.95 -23.74 12.11
CA SER B 46 26.64 -23.52 12.74
C SER B 46 25.56 -22.80 11.93
N TRP B 47 25.84 -22.43 10.68
CA TRP B 47 24.88 -21.63 9.91
C TRP B 47 23.54 -22.33 9.68
N GLU B 48 23.59 -23.65 9.51
CA GLU B 48 22.39 -24.45 9.30
C GLU B 48 21.51 -24.51 10.55
N SER B 49 22.09 -24.20 11.71
CA SER B 49 21.39 -24.23 13.00
C SER B 49 20.50 -23.02 13.25
N TYR B 50 20.70 -21.94 12.50
CA TYR B 50 19.92 -20.73 12.67
C TYR B 50 19.02 -20.50 11.46
N ASP B 51 17.71 -20.63 11.68
CA ASP B 51 16.73 -20.67 10.59
C ASP B 51 16.73 -19.49 9.61
N ALA B 52 16.72 -18.27 10.13
CA ALA B 52 16.70 -17.08 9.27
C ALA B 52 18.03 -16.89 8.52
N TYR B 53 19.15 -17.11 9.22
CA TYR B 53 20.48 -17.06 8.60
C TYR B 53 20.60 -18.10 7.47
N ALA B 54 20.17 -19.33 7.78
CA ALA B 54 20.18 -20.43 6.80
C ALA B 54 19.26 -20.16 5.60
N GLU B 55 18.08 -19.61 5.86
CA GLU B 55 17.15 -19.26 4.78
C GLU B 55 17.77 -18.19 3.88
N GLN B 56 18.40 -17.20 4.51
CA GLN B 56 19.11 -16.12 3.82
C GLN B 56 20.25 -16.68 2.97
N LEU B 57 21.11 -17.48 3.60
CA LEU B 57 22.25 -18.09 2.90
C LEU B 57 21.80 -18.98 1.74
N ASN B 58 20.74 -19.77 1.97
CA ASN B 58 20.22 -20.66 0.93
C ASN B 58 19.62 -19.92 -0.27
N ALA B 59 18.93 -18.81 0.01
CA ALA B 59 18.39 -17.94 -1.02
C ALA B 59 19.49 -17.38 -1.91
N ASP B 60 20.55 -16.87 -1.28
CA ASP B 60 21.72 -16.36 -1.99
C ASP B 60 22.38 -17.43 -2.86
N LYS B 61 22.54 -18.62 -2.27
CA LYS B 61 23.12 -19.77 -2.96
C LYS B 61 22.29 -20.10 -4.20
N THR B 62 20.99 -20.30 -4.01
CA THR B 62 20.06 -20.59 -5.11
C THR B 62 20.15 -19.54 -6.22
N ASN B 63 20.06 -18.26 -5.84
CA ASN B 63 20.13 -17.17 -6.82
C ASN B 63 21.45 -17.13 -7.57
N LEU B 64 22.56 -17.37 -6.86
CA LEU B 64 23.87 -17.41 -7.49
C LEU B 64 23.99 -18.59 -8.46
N ASP B 65 23.47 -19.75 -8.04
CA ASP B 65 23.44 -20.93 -8.90
C ASP B 65 22.76 -20.62 -10.25
N ALA B 66 21.62 -19.92 -10.18
CA ALA B 66 20.89 -19.51 -11.38
C ALA B 66 21.72 -18.54 -12.24
N PHE B 67 22.34 -17.56 -11.58
CA PHE B 67 23.20 -16.60 -12.26
C PHE B 67 24.39 -17.27 -12.94
N MET B 68 24.98 -18.26 -12.26
CA MET B 68 26.13 -19.01 -12.79
C MET B 68 25.81 -19.80 -14.05
N ALA B 69 24.59 -20.34 -14.12
CA ALA B 69 24.12 -21.11 -15.28
C ALA B 69 24.10 -20.27 -16.57
N GLU B 70 24.05 -18.96 -16.42
CA GLU B 70 24.13 -18.04 -17.56
C GLU B 70 25.56 -17.84 -18.09
N GLY B 71 26.55 -18.35 -17.36
CA GLY B 71 27.94 -18.27 -17.77
C GLY B 71 28.64 -17.02 -17.24
N VAL B 72 29.89 -16.84 -17.64
CA VAL B 72 30.66 -15.64 -17.28
C VAL B 72 30.36 -14.54 -18.29
N VAL B 73 29.57 -13.55 -17.85
CA VAL B 73 29.07 -12.50 -18.75
C VAL B 73 29.58 -11.13 -18.29
N VAL B 74 30.62 -10.67 -18.98
CA VAL B 74 31.29 -9.42 -18.64
C VAL B 74 31.29 -8.52 -19.88
N PRO B 75 30.24 -7.70 -20.03
CA PRO B 75 30.14 -6.88 -21.24
C PRO B 75 31.08 -5.68 -21.22
N MET B 76 31.46 -5.22 -22.41
CA MET B 76 32.15 -3.95 -22.56
C MET B 76 31.20 -2.85 -22.07
N PRO B 77 31.73 -1.85 -21.33
CA PRO B 77 30.88 -0.79 -20.79
C PRO B 77 30.18 -0.02 -21.90
N LYS B 78 28.90 0.31 -21.69
CA LYS B 78 28.12 1.00 -22.71
C LYS B 78 27.05 1.90 -22.11
N ASP B 79 26.24 1.33 -21.22
CA ASP B 79 25.05 1.99 -20.69
C ASP B 79 25.32 2.71 -19.39
N ALA B 80 24.63 3.83 -19.19
CA ALA B 80 24.72 4.58 -17.94
C ALA B 80 23.75 3.99 -16.91
N GLY B 81 23.32 4.80 -15.95
CA GLY B 81 22.48 4.35 -14.83
C GLY B 81 21.27 3.55 -15.25
N GLY B 82 21.10 2.38 -14.65
CA GLY B 82 19.94 1.51 -14.90
C GLY B 82 19.98 0.73 -16.22
N GLY B 83 20.94 1.04 -17.08
CA GLY B 83 21.08 0.32 -18.36
C GLY B 83 21.68 -1.05 -18.18
N TYR B 84 21.66 -1.84 -19.26
CA TYR B 84 22.09 -3.25 -19.19
C TYR B 84 23.50 -3.44 -18.62
N THR B 85 24.50 -2.77 -19.20
CA THR B 85 25.90 -3.01 -18.75
C THR B 85 26.11 -2.56 -17.30
N HIS B 86 25.46 -1.46 -16.93
CA HIS B 86 25.45 -0.96 -15.57
C HIS B 86 24.95 -2.04 -14.59
N GLU B 87 23.74 -2.53 -14.82
CA GLU B 87 23.16 -3.53 -13.92
C GLU B 87 23.85 -4.90 -14.02
N GLN B 88 24.47 -5.18 -15.16
CA GLN B 88 25.20 -6.43 -15.33
C GLN B 88 26.49 -6.43 -14.50
N HIS B 89 27.23 -5.32 -14.53
CA HIS B 89 28.43 -5.20 -13.73
C HIS B 89 28.14 -5.12 -12.22
N LYS B 90 26.97 -4.60 -11.88
CA LYS B 90 26.46 -4.67 -10.49
C LYS B 90 26.17 -6.11 -10.08
N ARG B 91 25.50 -6.86 -10.95
CA ARG B 91 25.23 -8.28 -10.70
C ARG B 91 26.54 -9.04 -10.51
N ASN B 92 27.55 -8.71 -11.32
CA ASN B 92 28.85 -9.37 -11.21
C ASN B 92 29.59 -9.10 -9.89
N TYR B 93 29.57 -7.85 -9.41
CA TYR B 93 30.28 -7.59 -8.14
C TYR B 93 29.64 -8.31 -6.96
N LYS B 94 28.32 -8.43 -6.98
CA LYS B 94 27.58 -9.18 -5.98
C LYS B 94 27.89 -10.68 -6.10
N ALA B 95 27.96 -11.16 -7.35
CA ALA B 95 28.31 -12.55 -7.63
C ALA B 95 29.72 -12.89 -7.15
N ILE B 96 30.67 -11.99 -7.42
CA ILE B 96 32.06 -12.19 -6.99
C ILE B 96 32.11 -12.32 -5.47
N ARG B 97 31.48 -11.39 -4.78
CA ARG B 97 31.44 -11.41 -3.30
C ARG B 97 30.73 -12.65 -2.77
N ASN B 98 29.56 -12.97 -3.31
CA ASN B 98 28.78 -14.12 -2.83
C ASN B 98 29.46 -15.45 -3.13
N ALA B 99 30.05 -15.56 -4.32
CA ALA B 99 30.77 -16.76 -4.72
C ALA B 99 31.96 -17.03 -3.80
N GLY B 100 32.75 -15.99 -3.53
CA GLY B 100 33.86 -16.08 -2.59
C GLY B 100 33.42 -16.56 -1.21
N PHE B 101 32.35 -15.96 -0.69
CA PHE B 101 31.81 -16.34 0.61
C PHE B 101 31.34 -17.80 0.61
N LEU B 102 30.60 -18.19 -0.42
CA LEU B 102 30.06 -19.54 -0.49
C LEU B 102 31.14 -20.60 -0.72
N TYR B 103 32.23 -20.21 -1.39
CA TYR B 103 33.39 -21.09 -1.52
C TYR B 103 34.00 -21.36 -0.15
N GLN B 104 34.20 -20.31 0.63
CA GLN B 104 34.75 -20.46 1.98
C GLN B 104 33.88 -21.31 2.90
N VAL B 105 32.56 -21.09 2.83
CA VAL B 105 31.62 -21.70 3.77
C VAL B 105 31.24 -23.13 3.40
N THR B 106 31.10 -23.43 2.11
CA THR B 106 30.71 -24.77 1.68
C THR B 106 31.88 -25.62 1.15
N GLY B 107 32.96 -24.98 0.71
CA GLY B 107 34.10 -25.68 0.12
C GLY B 107 33.93 -26.05 -1.34
N ASP B 108 32.77 -25.74 -1.90
CA ASP B 108 32.46 -26.10 -3.30
C ASP B 108 33.26 -25.29 -4.32
N GLU B 109 34.12 -25.99 -5.07
CA GLU B 109 35.04 -25.36 -6.05
C GLU B 109 34.34 -24.63 -7.20
N LYS B 110 33.07 -24.96 -7.46
CA LYS B 110 32.32 -24.27 -8.52
C LYS B 110 32.17 -22.76 -8.23
N TYR B 111 32.14 -22.40 -6.95
CA TYR B 111 32.06 -20.99 -6.56
C TYR B 111 33.41 -20.28 -6.69
N LEU B 112 34.49 -20.99 -6.35
CA LEU B 112 35.85 -20.52 -6.60
C LEU B 112 36.04 -20.27 -8.09
N THR B 113 35.66 -21.25 -8.91
CA THR B 113 35.87 -21.19 -10.34
C THR B 113 35.09 -20.03 -10.97
N PHE B 114 33.85 -19.84 -10.52
CA PHE B 114 33.05 -18.75 -11.06
C PHE B 114 33.61 -17.37 -10.70
N ALA B 115 33.95 -17.16 -9.42
CA ALA B 115 34.55 -15.93 -8.96
C ALA B 115 35.87 -15.65 -9.69
N LYS B 116 36.71 -16.69 -9.79
CA LYS B 116 37.99 -16.62 -10.49
C LYS B 116 37.82 -16.21 -11.95
N ASP B 117 36.91 -16.90 -12.65
CA ASP B 117 36.70 -16.66 -14.08
C ASP B 117 36.19 -15.25 -14.35
N LEU B 118 35.28 -14.77 -13.49
CA LEU B 118 34.80 -13.39 -13.58
C LEU B 118 35.95 -12.41 -13.44
N LEU B 119 36.75 -12.57 -12.40
CA LEU B 119 37.84 -11.65 -12.12
C LEU B 119 38.92 -11.65 -13.21
N LEU B 120 39.20 -12.83 -13.77
CA LEU B 120 40.15 -12.96 -14.89
C LEU B 120 39.62 -12.27 -16.15
N ALA B 121 38.31 -12.37 -16.38
CA ALA B 121 37.67 -11.67 -17.48
C ALA B 121 37.81 -10.16 -17.29
N TYR B 122 37.56 -9.69 -16.07
CA TYR B 122 37.77 -8.28 -15.73
C TYR B 122 39.23 -7.87 -15.88
N ALA B 123 40.16 -8.73 -15.44
CA ALA B 123 41.59 -8.44 -15.54
C ALA B 123 42.05 -8.30 -16.99
N LYS B 124 41.43 -9.07 -17.88
CA LYS B 124 41.72 -8.99 -19.31
C LYS B 124 41.18 -7.68 -19.90
N MET B 125 39.96 -7.31 -19.51
CA MET B 125 39.24 -6.16 -20.07
C MET B 125 39.71 -4.80 -19.53
N TYR B 126 39.95 -4.72 -18.23
CA TYR B 126 40.14 -3.43 -17.57
C TYR B 126 41.28 -2.54 -18.11
N PRO B 127 42.48 -3.12 -18.35
CA PRO B 127 43.59 -2.27 -18.82
C PRO B 127 43.31 -1.49 -20.12
N SER B 128 42.41 -1.99 -20.95
CA SER B 128 42.09 -1.33 -22.22
C SER B 128 41.05 -0.21 -22.08
N LEU B 129 40.39 -0.13 -20.93
CA LEU B 129 39.26 0.78 -20.76
C LEU B 129 39.66 2.25 -20.62
N GLY B 130 39.08 3.08 -21.48
CA GLY B 130 39.13 4.52 -21.28
C GLY B 130 37.87 4.95 -20.55
N GLU B 131 37.60 6.25 -20.59
CA GLU B 131 36.39 6.86 -20.06
C GLU B 131 35.13 6.16 -20.60
N HIS B 132 34.17 5.90 -19.72
CA HIS B 132 32.89 5.28 -20.10
C HIS B 132 32.24 6.03 -21.28
N PRO B 133 31.66 5.32 -22.26
CA PRO B 133 31.13 6.03 -23.44
C PRO B 133 29.97 6.97 -23.15
N ASN B 134 29.25 6.74 -22.04
CA ASN B 134 28.17 7.63 -21.63
C ASN B 134 28.42 8.19 -20.24
N ARG B 135 29.65 8.65 -20.04
CA ARG B 135 30.17 9.05 -18.72
C ARG B 135 29.44 10.24 -18.11
N LYS B 136 29.39 10.25 -16.78
CA LYS B 136 28.95 11.42 -16.04
C LYS B 136 30.02 12.51 -16.18
N GLU B 137 29.57 13.74 -16.42
CA GLU B 137 30.45 14.88 -16.65
C GLU B 137 31.46 15.13 -15.50
N GLN B 138 30.97 15.19 -14.27
CA GLN B 138 31.78 15.66 -13.15
C GLN B 138 32.73 14.62 -12.51
N SER B 139 32.32 13.35 -12.51
CA SER B 139 33.16 12.28 -11.96
C SER B 139 33.01 10.99 -12.77
N PRO B 140 33.62 10.95 -13.97
CA PRO B 140 33.38 9.82 -14.88
C PRO B 140 34.01 8.52 -14.36
N GLY B 141 33.41 7.39 -14.72
CA GLY B 141 34.03 6.08 -14.47
C GLY B 141 34.59 5.48 -15.75
N ARG B 142 34.97 4.21 -15.67
CA ARG B 142 35.43 3.47 -16.86
C ARG B 142 34.49 2.28 -17.08
N LEU B 143 34.47 1.37 -16.11
CA LEU B 143 33.51 0.28 -16.07
C LEU B 143 32.09 0.81 -16.02
N PHE B 144 31.90 1.89 -15.26
CA PHE B 144 30.59 2.50 -15.03
C PHE B 144 30.57 3.93 -15.52
N TRP B 145 29.36 4.47 -15.72
CA TRP B 145 29.22 5.84 -16.22
C TRP B 145 29.83 6.87 -15.25
N GLN B 146 29.78 6.56 -13.97
CA GLN B 146 30.31 7.45 -12.94
C GLN B 146 31.22 6.63 -12.02
N SER B 147 32.24 7.28 -11.46
CA SER B 147 33.20 6.58 -10.61
C SER B 147 32.62 6.07 -9.29
N LEU B 148 31.48 6.63 -8.86
CA LEU B 148 30.81 6.16 -7.65
C LEU B 148 30.56 4.64 -7.67
N ASN B 149 29.91 4.17 -8.74
CA ASN B 149 29.60 2.73 -8.84
C ASN B 149 30.84 1.88 -9.01
N GLU B 150 31.87 2.46 -9.61
CA GLU B 150 33.18 1.79 -9.74
C GLU B 150 33.77 1.50 -8.36
N ALA B 151 33.67 2.48 -7.45
CA ALA B 151 34.10 2.28 -6.07
C ALA B 151 33.30 1.16 -5.39
N VAL B 152 31.98 1.17 -5.59
CA VAL B 152 31.11 0.13 -5.02
C VAL B 152 31.55 -1.24 -5.56
N TRP B 153 31.77 -1.31 -6.88
CA TRP B 153 32.25 -2.53 -7.52
C TRP B 153 33.48 -3.07 -6.81
N LEU B 154 34.43 -2.17 -6.53
CA LEU B 154 35.69 -2.56 -5.91
C LEU B 154 35.51 -3.04 -4.47
N VAL B 155 34.73 -2.30 -3.69
CA VAL B 155 34.38 -2.67 -2.31
C VAL B 155 33.87 -4.12 -2.24
N TYR B 156 32.94 -4.47 -3.12
CA TYR B 156 32.36 -5.81 -3.14
C TYR B 156 33.32 -6.86 -3.73
N SER B 157 33.92 -6.54 -4.88
CA SER B 157 34.77 -7.49 -5.59
C SER B 157 36.03 -7.88 -4.82
N ILE B 158 36.62 -6.92 -4.10
CA ILE B 158 37.81 -7.20 -3.30
C ILE B 158 37.52 -8.21 -2.18
N GLN B 159 36.32 -8.18 -1.62
CA GLN B 159 35.92 -9.15 -0.60
C GLN B 159 35.86 -10.57 -1.19
N GLY B 160 35.26 -10.67 -2.38
CA GLY B 160 35.23 -11.94 -3.13
C GLY B 160 36.65 -12.47 -3.36
N TYR B 161 37.55 -11.57 -3.77
CA TYR B 161 38.94 -11.92 -4.01
C TYR B 161 39.62 -12.42 -2.73
N ASP B 162 39.46 -11.64 -1.66
CA ASP B 162 39.95 -12.02 -0.33
C ASP B 162 39.55 -13.45 0.00
N ALA B 163 38.30 -13.80 -0.32
CA ALA B 163 37.74 -15.11 -0.01
C ALA B 163 38.17 -16.26 -0.93
N ILE B 164 38.72 -15.95 -2.11
CA ILE B 164 39.16 -17.01 -3.03
C ILE B 164 40.68 -17.18 -3.15
N ILE B 165 41.46 -16.30 -2.51
CA ILE B 165 42.92 -16.36 -2.56
C ILE B 165 43.43 -17.77 -2.23
N ASP B 166 42.81 -18.42 -1.25
CA ASP B 166 43.09 -19.81 -0.86
C ASP B 166 43.23 -20.78 -2.03
N GLY B 167 42.44 -20.56 -3.08
CA GLY B 167 42.35 -21.51 -4.17
C GLY B 167 42.94 -21.04 -5.48
N LEU B 168 43.66 -19.92 -5.44
CA LEU B 168 44.25 -19.37 -6.65
C LEU B 168 45.75 -19.67 -6.72
N ALA B 169 46.24 -19.89 -7.93
CA ALA B 169 47.67 -20.01 -8.17
C ALA B 169 48.33 -18.63 -8.14
N ALA B 170 49.64 -18.60 -7.89
CA ALA B 170 50.39 -17.35 -7.82
C ALA B 170 50.19 -16.48 -9.08
N GLU B 171 50.20 -17.12 -10.25
CA GLU B 171 50.07 -16.41 -11.51
C GLU B 171 48.68 -15.81 -11.71
N GLU B 172 47.66 -16.51 -11.22
CA GLU B 172 46.29 -16.02 -11.27
C GLU B 172 46.11 -14.77 -10.39
N LYS B 173 46.68 -14.81 -9.19
CA LYS B 173 46.68 -13.66 -8.29
C LYS B 173 47.34 -12.46 -8.99
N GLN B 174 48.54 -12.68 -9.52
CA GLN B 174 49.29 -11.66 -10.24
C GLN B 174 48.50 -11.05 -11.40
N GLU B 175 47.82 -11.89 -12.18
CA GLU B 175 47.04 -11.43 -13.32
C GLU B 175 45.85 -10.56 -12.89
N ILE B 176 45.12 -11.04 -11.90
CA ILE B 176 43.96 -10.32 -11.36
C ILE B 176 44.39 -9.00 -10.71
N GLU B 177 45.44 -9.06 -9.90
CA GLU B 177 45.95 -7.87 -9.20
C GLU B 177 46.47 -6.78 -10.14
N SER B 178 47.31 -7.17 -11.10
CA SER B 178 47.85 -6.21 -12.06
C SER B 178 46.84 -5.83 -13.15
N GLY B 179 45.88 -6.71 -13.41
CA GLY B 179 44.89 -6.51 -14.46
C GLY B 179 43.75 -5.56 -14.10
N VAL B 180 43.14 -5.77 -12.93
CA VAL B 180 41.97 -4.97 -12.54
C VAL B 180 42.10 -4.21 -11.23
N PHE B 181 42.59 -4.87 -10.17
CA PHE B 181 42.61 -4.25 -8.85
C PHE B 181 43.55 -3.05 -8.72
N LEU B 182 44.81 -3.23 -9.12
CA LEU B 182 45.77 -2.13 -9.05
C LEU B 182 45.43 -0.98 -10.03
N PRO B 183 45.08 -1.30 -11.29
CA PRO B 183 44.66 -0.22 -12.20
C PRO B 183 43.40 0.52 -11.75
N MET B 184 42.46 -0.20 -11.14
CA MET B 184 41.23 0.45 -10.67
C MET B 184 41.50 1.30 -9.42
N ALA B 185 42.29 0.77 -8.49
CA ALA B 185 42.70 1.54 -7.30
C ALA B 185 43.43 2.82 -7.70
N LYS B 186 44.32 2.72 -8.68
CA LYS B 186 45.02 3.88 -9.22
C LYS B 186 44.05 4.89 -9.80
N PHE B 187 43.07 4.41 -10.58
CA PHE B 187 42.07 5.28 -11.21
C PHE B 187 41.25 6.04 -10.17
N LEU B 188 40.81 5.33 -9.14
CA LEU B 188 39.92 5.90 -8.12
C LEU B 188 40.65 6.81 -7.14
N SER B 189 41.98 6.70 -7.08
CA SER B 189 42.79 7.51 -6.18
C SER B 189 43.60 8.59 -6.92
N VAL B 190 44.83 8.26 -7.30
CA VAL B 190 45.77 9.26 -7.83
C VAL B 190 45.30 9.91 -9.15
N GLU B 191 44.50 9.19 -9.91
CA GLU B 191 43.98 9.69 -11.18
C GLU B 191 42.65 10.41 -11.02
N SER B 192 42.09 10.36 -9.81
CA SER B 192 40.85 11.08 -9.50
C SER B 192 40.95 11.87 -8.18
N PRO B 193 41.92 12.81 -8.07
CA PRO B 193 42.14 13.51 -6.80
C PRO B 193 40.92 14.29 -6.29
N GLU B 194 40.12 14.84 -7.20
CA GLU B 194 38.97 15.65 -6.81
C GLU B 194 37.85 14.83 -6.16
N THR B 195 37.87 13.52 -6.37
CA THR B 195 36.96 12.61 -5.68
C THR B 195 37.64 12.03 -4.44
N PHE B 196 38.86 11.54 -4.62
CA PHE B 196 39.56 10.82 -3.55
C PHE B 196 39.85 11.70 -2.34
N ASN B 197 40.14 12.97 -2.58
CA ASN B 197 40.40 13.93 -1.50
C ASN B 197 39.14 14.70 -1.07
N LYS B 198 38.00 14.35 -1.65
CA LYS B 198 36.74 15.02 -1.35
C LYS B 198 36.28 14.67 0.07
N ILE B 199 35.82 15.67 0.80
CA ILE B 199 35.22 15.45 2.11
C ILE B 199 33.70 15.33 1.90
N HIS B 200 33.28 14.13 1.52
CA HIS B 200 31.95 13.84 0.95
C HIS B 200 31.83 12.32 0.90
N ASN B 201 30.59 11.81 0.87
CA ASN B 201 30.38 10.36 0.82
C ASN B 201 30.96 9.68 -0.43
N HIS B 202 31.11 10.44 -1.51
CA HIS B 202 31.76 9.93 -2.72
C HIS B 202 33.26 9.72 -2.47
N GLY B 203 33.83 10.58 -1.63
CA GLY B 203 35.18 10.38 -1.12
C GLY B 203 35.25 9.17 -0.21
N THR B 204 34.23 8.99 0.64
CA THR B 204 34.18 7.84 1.55
C THR B 204 34.19 6.52 0.80
N TRP B 205 33.35 6.40 -0.23
CA TRP B 205 33.32 5.21 -1.09
C TRP B 205 34.68 4.94 -1.74
N ALA B 206 35.30 5.99 -2.29
CA ALA B 206 36.62 5.89 -2.94
C ALA B 206 37.72 5.43 -2.00
N VAL B 207 37.81 6.03 -0.80
CA VAL B 207 38.86 5.64 0.14
C VAL B 207 38.61 4.25 0.73
N ALA B 208 37.34 3.87 0.89
CA ALA B 208 37.00 2.52 1.34
C ALA B 208 37.42 1.50 0.27
N ALA B 209 37.10 1.78 -0.99
CA ALA B 209 37.45 0.88 -2.08
C ALA B 209 38.98 0.68 -2.17
N VAL B 210 39.72 1.78 -2.16
CA VAL B 210 41.18 1.73 -2.30
C VAL B 210 41.84 1.16 -1.04
N GLY B 211 41.35 1.55 0.13
CA GLY B 211 41.88 1.07 1.41
C GLY B 211 41.69 -0.42 1.65
N MET B 212 40.49 -0.91 1.31
CA MET B 212 40.21 -2.34 1.43
C MET B 212 41.07 -3.15 0.46
N THR B 213 41.23 -2.64 -0.76
CA THR B 213 42.17 -3.20 -1.73
C THR B 213 43.57 -3.24 -1.11
N GLY B 214 43.98 -2.12 -0.52
CA GLY B 214 45.26 -2.03 0.20
C GLY B 214 45.48 -3.14 1.19
N TYR B 215 44.47 -3.41 2.03
CA TYR B 215 44.56 -4.45 3.05
C TYR B 215 44.63 -5.85 2.48
N VAL B 216 43.82 -6.13 1.45
CA VAL B 216 43.79 -7.45 0.82
C VAL B 216 45.11 -7.73 0.10
N LEU B 217 45.59 -6.74 -0.66
CA LEU B 217 46.81 -6.89 -1.46
C LEU B 217 48.11 -6.72 -0.66
N GLY B 218 47.99 -6.33 0.61
CA GLY B 218 49.16 -6.05 1.46
C GLY B 218 49.95 -4.87 0.93
N ASN B 219 49.23 -3.85 0.47
CA ASN B 219 49.84 -2.68 -0.13
C ASN B 219 49.69 -1.48 0.81
N ASP B 220 50.75 -1.19 1.56
CA ASP B 220 50.73 -0.14 2.57
C ASP B 220 50.40 1.23 2.00
N GLU B 221 50.90 1.53 0.79
CA GLU B 221 50.62 2.80 0.13
C GLU B 221 49.12 3.06 -0.03
N LEU B 222 48.40 2.08 -0.56
CA LEU B 222 46.97 2.22 -0.77
C LEU B 222 46.22 2.43 0.54
N VAL B 223 46.60 1.69 1.58
CA VAL B 223 46.01 1.87 2.90
C VAL B 223 46.26 3.30 3.43
N GLU B 224 47.53 3.73 3.36
CA GLU B 224 47.92 5.03 3.92
C GLU B 224 47.24 6.22 3.24
N ILE B 225 47.17 6.21 1.91
CA ILE B 225 46.51 7.30 1.18
C ILE B 225 44.98 7.34 1.44
N SER B 226 44.41 6.18 1.72
CA SER B 226 42.98 6.10 2.03
C SER B 226 42.70 6.67 3.41
N LEU B 227 43.58 6.37 4.36
CA LEU B 227 43.45 6.90 5.72
C LEU B 227 43.76 8.40 5.84
N MET B 228 44.76 8.86 5.08
CA MET B 228 45.35 10.18 5.31
C MET B 228 45.41 11.09 4.07
N GLY B 229 44.73 10.68 3.00
CA GLY B 229 44.69 11.47 1.76
C GLY B 229 45.88 11.17 0.84
N LEU B 230 45.80 11.66 -0.39
CA LEU B 230 46.86 11.42 -1.39
C LEU B 230 48.25 11.86 -0.94
N ASP B 231 48.34 13.03 -0.31
CA ASP B 231 49.62 13.53 0.19
C ASP B 231 49.98 13.02 1.60
N LYS B 232 49.10 12.20 2.18
CA LYS B 232 49.31 11.55 3.48
C LYS B 232 49.37 12.48 4.70
N THR B 233 49.00 13.75 4.53
CA THR B 233 49.06 14.72 5.63
C THR B 233 47.87 14.65 6.57
N GLY B 234 46.80 13.99 6.14
CA GLY B 234 45.56 13.94 6.91
C GLY B 234 44.63 15.14 6.68
N LYS B 235 44.98 16.01 5.73
CA LYS B 235 44.08 17.10 5.34
C LYS B 235 42.82 16.54 4.67
N ALA B 236 42.99 15.43 3.95
CA ALA B 236 41.86 14.69 3.38
C ALA B 236 42.00 13.24 3.80
N GLY B 237 41.08 12.39 3.36
CA GLY B 237 41.12 10.96 3.67
C GLY B 237 40.08 10.55 4.70
N PHE B 238 40.08 9.26 5.03
CA PHE B 238 39.09 8.63 5.92
C PHE B 238 38.98 9.24 7.31
N MET B 239 40.11 9.53 7.94
CA MET B 239 40.10 10.09 9.29
C MET B 239 39.45 11.48 9.29
N LYS B 240 39.80 12.30 8.30
CA LYS B 240 39.18 13.61 8.12
C LYS B 240 37.66 13.51 7.88
N GLN B 241 37.25 12.53 7.09
CA GLN B 241 35.82 12.31 6.83
C GLN B 241 35.05 11.97 8.11
N LEU B 242 35.65 11.12 8.95
CA LEU B 242 35.07 10.76 10.24
C LEU B 242 34.83 11.98 11.16
N ASP B 243 35.74 12.96 11.07
CA ASP B 243 35.65 14.20 11.82
C ASP B 243 34.65 15.20 11.26
N LYS B 244 34.50 15.21 9.93
CA LYS B 244 33.75 16.26 9.25
C LYS B 244 32.33 15.88 8.82
N LEU B 245 32.12 14.60 8.52
CA LEU B 245 30.89 14.18 7.88
C LEU B 245 29.77 13.76 8.84
N PHE B 246 30.09 13.74 10.13
CA PHE B 246 29.10 13.51 11.17
C PHE B 246 29.13 14.60 12.23
N SER B 247 27.96 14.95 12.75
CA SER B 247 27.89 15.74 13.97
C SER B 247 28.45 14.86 15.09
N PRO B 248 28.74 15.43 16.28
CA PRO B 248 29.23 14.58 17.37
C PRO B 248 28.26 13.45 17.76
N ASP B 249 26.98 13.61 17.45
CA ASP B 249 25.98 12.57 17.75
C ASP B 249 25.79 11.55 16.62
N GLY B 250 26.59 11.68 15.56
CA GLY B 250 26.51 10.77 14.43
C GLY B 250 25.45 11.11 13.40
N TYR B 251 25.13 12.39 13.25
CA TYR B 251 24.17 12.83 12.24
C TYR B 251 24.86 13.38 10.99
N TYR B 252 24.40 12.91 9.83
CA TYR B 252 24.94 13.28 8.52
C TYR B 252 24.06 14.40 7.94
N THR B 253 24.65 15.55 7.64
CA THR B 253 23.90 16.76 7.27
C THR B 253 22.93 16.62 6.10
N GLU B 254 23.33 15.89 5.06
CA GLU B 254 22.48 15.73 3.89
C GLU B 254 21.14 15.02 4.17
N GLY B 255 21.09 14.25 5.26
CA GLY B 255 19.87 13.55 5.68
C GLY B 255 20.02 12.03 5.75
N PRO B 256 18.97 11.34 6.24
CA PRO B 256 18.95 9.88 6.39
C PRO B 256 19.30 9.10 5.11
N TYR B 257 18.81 9.58 3.96
CA TYR B 257 19.05 8.90 2.69
C TYR B 257 20.54 8.87 2.36
N ALA B 258 21.20 10.02 2.50
CA ALA B 258 22.65 10.10 2.33
C ALA B 258 23.39 9.36 3.45
N GLN B 259 22.87 9.48 4.67
CA GLN B 259 23.51 8.84 5.83
C GLN B 259 23.64 7.32 5.68
N ARG B 260 22.54 6.65 5.35
CA ARG B 260 22.57 5.19 5.22
C ARG B 260 23.51 4.74 4.10
N TYR B 261 23.64 5.56 3.05
CA TYR B 261 24.51 5.22 1.93
C TYR B 261 25.98 5.38 2.33
N ALA B 262 26.26 6.43 3.10
CA ALA B 262 27.62 6.65 3.61
C ALA B 262 28.01 5.58 4.64
N LEU B 263 27.00 5.02 5.31
CA LEU B 263 27.23 4.08 6.38
C LEU B 263 28.01 2.82 5.94
N MET B 264 27.79 2.36 4.71
CA MET B 264 28.50 1.16 4.24
C MET B 264 30.02 1.36 4.10
N PRO B 265 30.46 2.36 3.30
CA PRO B 265 31.92 2.48 3.22
C PRO B 265 32.56 2.89 4.56
N PHE B 266 31.87 3.69 5.38
CA PHE B 266 32.39 3.98 6.72
C PHE B 266 32.54 2.70 7.56
N ILE B 267 31.49 1.88 7.61
CA ILE B 267 31.50 0.74 8.53
C ILE B 267 32.32 -0.44 7.99
N TRP B 268 32.36 -0.57 6.67
CA TRP B 268 33.14 -1.65 6.06
C TRP B 268 34.64 -1.35 6.04
N PHE B 269 35.01 -0.11 5.71
CA PHE B 269 36.43 0.25 5.82
C PHE B 269 36.87 0.15 7.29
N ALA B 270 36.02 0.60 8.22
CA ALA B 270 36.30 0.46 9.64
C ALA B 270 36.50 -1.01 10.06
N LYS B 271 35.60 -1.87 9.58
CA LYS B 271 35.70 -3.32 9.85
C LYS B 271 37.02 -3.87 9.34
N ALA B 272 37.41 -3.47 8.13
CA ALA B 272 38.68 -3.87 7.52
C ALA B 272 39.89 -3.38 8.34
N ILE B 273 39.82 -2.13 8.80
CA ILE B 273 40.85 -1.54 9.65
C ILE B 273 40.94 -2.32 10.97
N GLU B 274 39.78 -2.65 11.55
CA GLU B 274 39.74 -3.40 12.81
C GLU B 274 40.31 -4.82 12.71
N THR B 275 40.01 -5.51 11.60
CA THR B 275 40.46 -6.89 11.44
C THR B 275 41.95 -7.00 11.08
N ASN B 276 42.49 -5.92 10.50
CA ASN B 276 43.89 -5.89 10.08
C ASN B 276 44.82 -5.12 11.00
N GLU B 277 44.35 -3.97 11.48
CA GLU B 277 45.14 -3.10 12.38
C GLU B 277 44.26 -2.70 13.58
N PRO B 278 43.99 -3.66 14.49
CA PRO B 278 43.15 -3.40 15.66
C PRO B 278 43.70 -2.29 16.57
N GLU B 279 45.03 -2.15 16.59
CA GLU B 279 45.69 -1.13 17.38
C GLU B 279 45.29 0.32 17.01
N ARG B 280 44.71 0.51 15.83
CA ARG B 280 44.22 1.84 15.45
C ARG B 280 42.94 2.21 16.22
N LYS B 281 42.31 1.22 16.85
CA LYS B 281 41.09 1.43 17.64
C LYS B 281 40.04 2.29 16.90
N ILE B 282 39.75 1.89 15.66
CA ILE B 282 38.85 2.66 14.79
C ILE B 282 37.42 2.82 15.35
N PHE B 283 36.94 1.81 16.09
CA PHE B 283 35.59 1.87 16.63
C PHE B 283 35.49 2.66 17.94
N GLU B 284 36.64 3.12 18.43
CA GLU B 284 36.70 4.04 19.56
C GLU B 284 36.83 5.49 19.09
N TYR B 285 37.30 5.68 17.86
CA TYR B 285 37.63 7.01 17.34
C TYR B 285 36.50 8.03 17.53
N ARG B 286 36.88 9.25 17.89
CA ARG B 286 35.97 10.39 18.06
C ARG B 286 34.75 10.01 18.93
N ASN B 287 35.04 9.58 20.16
CA ASN B 287 34.00 9.16 21.11
C ASN B 287 32.98 8.21 20.45
N ASN B 288 33.51 7.14 19.84
CA ASN B 288 32.73 6.09 19.20
C ASN B 288 31.78 6.63 18.13
N ILE B 289 32.31 7.48 17.24
CA ILE B 289 31.48 8.12 16.22
C ILE B 289 30.75 7.10 15.33
N LEU B 290 31.44 6.02 14.94
CA LEU B 290 30.85 5.04 14.04
C LEU B 290 29.68 4.29 14.69
N LEU B 291 29.82 3.97 15.98
CA LEU B 291 28.71 3.39 16.72
C LEU B 291 27.53 4.35 16.77
N LYS B 292 27.82 5.61 17.11
CA LYS B 292 26.78 6.65 17.16
C LYS B 292 26.07 6.83 15.80
N ALA B 293 26.84 6.81 14.71
CA ALA B 293 26.29 6.92 13.36
C ALA B 293 25.26 5.85 13.04
N VAL B 294 25.50 4.64 13.53
CA VAL B 294 24.59 3.51 13.29
C VAL B 294 23.29 3.65 14.07
N TYR B 295 23.39 3.95 15.37
CA TYR B 295 22.19 4.17 16.19
C TYR B 295 21.36 5.33 15.64
N THR B 296 22.05 6.39 15.25
CA THR B 296 21.39 7.58 14.67
C THR B 296 20.68 7.26 13.35
N THR B 297 21.27 6.40 12.52
CA THR B 297 20.59 5.92 11.31
C THR B 297 19.25 5.29 11.66
N ILE B 298 19.25 4.37 12.63
CA ILE B 298 18.00 3.79 13.13
C ILE B 298 17.03 4.86 13.65
N ASP B 299 17.54 5.82 14.41
CA ASP B 299 16.73 6.89 14.99
C ASP B 299 16.18 7.85 13.93
N LEU B 300 16.67 7.74 12.70
CA LEU B 300 16.15 8.50 11.56
C LEU B 300 15.13 7.71 10.75
N SER B 301 14.52 6.70 11.37
CA SER B 301 13.52 5.88 10.68
C SER B 301 12.24 5.71 11.49
N TYR B 302 11.17 5.35 10.80
CA TYR B 302 9.92 5.04 11.45
C TYR B 302 9.23 3.91 10.70
N ALA B 303 8.79 2.90 11.44
CA ALA B 303 8.09 1.73 10.88
C ALA B 303 8.84 1.15 9.68
N GLY B 304 10.16 1.22 9.74
CA GLY B 304 11.01 0.59 8.73
C GLY B 304 11.55 1.49 7.63
N TYR B 305 11.10 2.75 7.58
CA TYR B 305 11.50 3.67 6.51
C TYR B 305 12.17 4.95 7.03
N PHE B 306 13.14 5.44 6.27
CA PHE B 306 13.87 6.65 6.64
C PHE B 306 13.03 7.87 6.33
N PHE B 307 13.20 8.91 7.15
CA PHE B 307 12.47 10.16 6.94
C PHE B 307 12.89 10.75 5.60
N PRO B 308 11.93 10.94 4.69
CA PRO B 308 12.33 11.33 3.33
C PRO B 308 12.57 12.83 3.16
N ILE B 309 13.47 13.38 3.98
CA ILE B 309 13.84 14.79 3.91
C ILE B 309 15.00 14.99 2.95
N ASN B 310 15.06 16.17 2.32
CA ASN B 310 16.04 16.45 1.25
C ASN B 310 15.94 15.42 0.11
N ASP B 311 17.03 15.20 -0.62
CA ASP B 311 17.03 14.20 -1.66
C ASP B 311 16.91 12.83 -0.98
N ALA B 312 15.86 12.10 -1.35
CA ALA B 312 15.48 10.85 -0.69
C ALA B 312 14.46 10.14 -1.55
N LEU B 313 14.49 8.81 -1.52
CA LEU B 313 13.47 8.01 -2.18
C LEU B 313 12.64 7.35 -1.11
N LYS B 314 11.33 7.34 -1.32
CA LYS B 314 10.37 6.95 -0.28
C LYS B 314 10.39 5.46 0.03
N ASP B 315 10.94 4.64 -0.87
CA ASP B 315 10.98 3.21 -0.65
C ASP B 315 12.24 2.71 0.06
N LYS B 316 13.10 3.65 0.47
CA LYS B 316 14.32 3.30 1.19
C LYS B 316 14.08 3.12 2.69
N GLY B 317 14.47 1.97 3.20
CA GLY B 317 14.20 1.64 4.59
C GLY B 317 15.30 0.80 5.21
N ILE B 318 15.04 0.32 6.42
CA ILE B 318 16.07 -0.27 7.28
C ILE B 318 16.64 -1.60 6.81
N ASP B 319 15.97 -2.24 5.86
CA ASP B 319 16.52 -3.48 5.28
C ASP B 319 17.58 -3.20 4.21
N THR B 320 17.82 -1.93 3.92
CA THR B 320 18.94 -1.54 3.04
C THR B 320 20.25 -2.15 3.57
N VAL B 321 21.06 -2.69 2.68
CA VAL B 321 22.17 -3.57 3.12
C VAL B 321 23.19 -2.86 4.02
N GLU B 322 23.37 -1.56 3.81
CA GLU B 322 24.32 -0.78 4.63
C GLU B 322 23.97 -0.86 6.11
N LEU B 323 22.67 -0.79 6.43
CA LEU B 323 22.24 -0.83 7.82
C LEU B 323 22.18 -2.26 8.37
N VAL B 324 21.85 -3.21 7.50
CA VAL B 324 21.87 -4.63 7.87
C VAL B 324 23.28 -5.03 8.35
N HIS B 325 24.29 -4.72 7.53
CA HIS B 325 25.69 -4.97 7.91
C HIS B 325 26.16 -4.15 9.12
N ALA B 326 25.84 -2.85 9.12
CA ALA B 326 26.23 -1.97 10.22
C ALA B 326 25.65 -2.41 11.56
N LEU B 327 24.39 -2.84 11.56
CA LEU B 327 23.74 -3.28 12.79
C LEU B 327 24.46 -4.51 13.35
N ALA B 328 24.79 -5.45 12.46
CA ALA B 328 25.47 -6.68 12.88
C ALA B 328 26.81 -6.36 13.51
N ILE B 329 27.57 -5.47 12.85
CA ILE B 329 28.89 -5.04 13.34
C ILE B 329 28.77 -4.37 14.73
N VAL B 330 27.79 -3.49 14.88
CA VAL B 330 27.57 -2.81 16.17
C VAL B 330 27.07 -3.78 17.24
N TYR B 331 26.20 -4.72 16.86
CA TYR B 331 25.77 -5.74 17.82
C TYR B 331 26.94 -6.59 18.33
N SER B 332 27.81 -6.98 17.40
CA SER B 332 29.03 -7.74 17.70
C SER B 332 29.95 -7.00 18.68
N ILE B 333 30.03 -5.67 18.54
CA ILE B 333 30.86 -4.84 19.41
C ILE B 333 30.22 -4.62 20.78
N THR B 334 28.93 -4.29 20.79
CA THR B 334 28.26 -3.79 22.00
C THR B 334 27.48 -4.84 22.79
N GLY B 335 26.97 -5.85 22.09
CA GLY B 335 26.04 -6.81 22.70
C GLY B 335 24.71 -6.19 23.10
N ASP B 336 24.38 -5.04 22.51
CA ASP B 336 23.12 -4.36 22.78
C ASP B 336 21.94 -5.17 22.23
N ASN B 337 21.24 -5.85 23.13
CA ASN B 337 20.13 -6.74 22.74
C ASN B 337 18.89 -6.04 22.18
N THR B 338 18.78 -4.73 22.42
CA THR B 338 17.72 -3.93 21.79
C THR B 338 17.90 -3.79 20.28
N LEU B 339 19.15 -3.95 19.80
CA LEU B 339 19.42 -3.96 18.36
C LEU B 339 18.78 -5.16 17.67
N LEU B 340 18.56 -6.24 18.41
CA LEU B 340 17.92 -7.42 17.85
C LEU B 340 16.46 -7.20 17.46
N ASP B 341 15.80 -6.28 18.16
CA ASP B 341 14.45 -5.86 17.79
C ASP B 341 14.46 -5.29 16.36
N ILE B 342 15.34 -4.33 16.11
CA ILE B 342 15.51 -3.74 14.78
C ILE B 342 15.90 -4.82 13.76
N ALA B 343 16.77 -5.73 14.15
CA ALA B 343 17.20 -6.83 13.27
C ALA B 343 16.00 -7.64 12.76
N GLN B 344 15.05 -7.94 13.65
CA GLN B 344 13.84 -8.67 13.27
C GLN B 344 12.98 -7.84 12.33
N GLU B 345 12.90 -6.53 12.59
CA GLU B 345 12.14 -5.62 11.72
C GLU B 345 12.78 -5.48 10.34
N GLN B 346 14.10 -5.63 10.27
CA GLN B 346 14.80 -5.63 8.99
C GLN B 346 14.40 -6.81 8.11
N GLY B 347 14.25 -8.00 8.73
CA GLY B 347 13.87 -9.22 7.99
C GLY B 347 14.95 -9.65 7.02
N ARG B 348 16.18 -9.23 7.31
CA ARG B 348 17.34 -9.49 6.48
C ARG B 348 18.55 -9.45 7.40
N ILE B 349 19.46 -10.41 7.24
CA ILE B 349 20.60 -10.54 8.12
C ILE B 349 21.92 -10.50 7.32
N SER B 350 22.95 -9.92 7.94
CA SER B 350 24.28 -9.82 7.37
C SER B 350 24.90 -11.22 7.28
N LEU B 351 25.25 -11.67 6.07
CA LEU B 351 25.88 -12.99 5.92
C LEU B 351 27.39 -12.86 6.17
N THR B 352 27.71 -12.67 7.44
CA THR B 352 29.07 -12.42 7.91
C THR B 352 29.20 -13.11 9.26
N GLY B 353 30.38 -13.00 9.87
CA GLY B 353 30.58 -13.51 11.23
C GLY B 353 29.79 -12.68 12.24
N ASP B 354 29.66 -11.38 11.96
CA ASP B 354 28.91 -10.48 12.81
C ASP B 354 27.41 -10.78 12.73
N GLY B 355 26.93 -11.03 11.52
CA GLY B 355 25.55 -11.49 11.30
C GLY B 355 25.23 -12.80 12.00
N LEU B 356 26.19 -13.74 12.00
CA LEU B 356 26.01 -15.02 12.70
C LEU B 356 25.71 -14.79 14.18
N LYS B 357 26.43 -13.86 14.80
CA LYS B 357 26.21 -13.47 16.20
C LYS B 357 24.80 -12.92 16.45
N VAL B 358 24.29 -12.15 15.51
CA VAL B 358 22.90 -11.64 15.59
C VAL B 358 21.91 -12.80 15.52
N ALA B 359 22.12 -13.71 14.57
CA ALA B 359 21.24 -14.86 14.37
C ALA B 359 21.21 -15.74 15.62
N LYS B 360 22.37 -15.96 16.21
CA LYS B 360 22.51 -16.78 17.40
C LYS B 360 21.77 -16.16 18.59
N ALA B 361 21.97 -14.86 18.80
CA ALA B 361 21.32 -14.13 19.89
C ALA B 361 19.79 -14.07 19.75
N VAL B 362 19.31 -13.89 18.53
CA VAL B 362 17.87 -13.92 18.24
C VAL B 362 17.31 -15.31 18.53
N GLY B 363 18.04 -16.35 18.10
CA GLY B 363 17.65 -17.73 18.36
C GLY B 363 17.63 -18.11 19.83
N GLU B 364 18.46 -17.44 20.63
CA GLU B 364 18.52 -17.67 22.07
C GLU B 364 17.48 -16.86 22.84
N GLY B 365 16.66 -16.10 22.11
CA GLY B 365 15.58 -15.32 22.71
C GLY B 365 16.04 -14.11 23.49
N LEU B 366 17.17 -13.54 23.09
CA LEU B 366 17.76 -12.40 23.81
C LEU B 366 17.17 -11.03 23.42
N THR B 367 16.28 -11.02 22.42
CA THR B 367 15.71 -9.76 21.91
C THR B 367 15.06 -8.92 22.99
N GLN B 368 15.45 -7.65 23.05
CA GLN B 368 14.77 -6.66 23.87
C GLN B 368 14.23 -5.54 22.97
N PRO B 369 13.17 -4.82 23.42
CA PRO B 369 12.60 -3.75 22.60
C PRO B 369 13.55 -2.56 22.42
N TYR B 370 13.54 -1.98 21.21
CA TYR B 370 14.34 -0.79 20.94
C TYR B 370 13.80 0.38 21.75
N ASN B 371 14.70 1.09 22.43
CA ASN B 371 14.31 2.27 23.18
C ASN B 371 14.32 3.50 22.28
N TYR B 372 13.16 3.82 21.73
CA TYR B 372 13.01 5.03 20.94
C TYR B 372 13.05 6.23 21.88
N ARG B 373 13.83 7.25 21.51
CA ARG B 373 13.93 8.48 22.29
C ARG B 373 13.59 9.69 21.44
N SER B 374 13.02 10.72 22.05
CA SER B 374 12.89 12.02 21.41
C SER B 374 14.27 12.67 21.49
N ILE B 375 14.77 13.13 20.34
CA ILE B 375 16.15 13.62 20.24
C ILE B 375 16.27 14.92 19.48
N LEU B 376 17.26 15.74 19.87
CA LEU B 376 17.63 16.92 19.12
C LEU B 376 18.98 16.66 18.45
N LEU B 377 18.98 16.56 17.13
CA LEU B 377 20.22 16.31 16.41
C LEU B 377 20.78 17.59 15.80
N GLY B 378 21.73 18.20 16.49
CA GLY B 378 22.44 19.37 15.98
C GLY B 378 23.10 19.05 14.65
N ASP B 379 23.03 19.99 13.73
CA ASP B 379 23.50 19.83 12.35
C ASP B 379 24.94 20.34 12.21
N GLY B 380 25.67 19.80 11.24
CA GLY B 380 27.07 20.17 11.00
C GLY B 380 28.06 19.41 11.87
N ALA B 381 29.34 19.47 11.49
CA ALA B 381 30.42 18.73 12.18
C ALA B 381 30.48 18.98 13.69
N ASP B 382 30.12 20.19 14.11
CA ASP B 382 30.11 20.53 15.53
C ASP B 382 28.70 20.51 16.15
N GLY B 383 27.72 20.05 15.37
CA GLY B 383 26.34 19.94 15.82
C GLY B 383 25.72 21.25 16.25
N ASP B 384 26.10 22.33 15.58
CA ASP B 384 25.68 23.68 15.99
C ASP B 384 25.06 24.53 14.88
N GLN B 385 24.58 23.89 13.81
CA GLN B 385 24.04 24.61 12.65
C GLN B 385 22.55 24.31 12.46
N GLY B 386 21.73 24.66 13.45
CA GLY B 386 20.34 24.22 13.43
C GLY B 386 20.30 22.76 13.84
N ALA B 387 19.12 22.15 13.77
CA ALA B 387 18.96 20.79 14.28
C ALA B 387 17.74 20.11 13.68
N LEU B 388 17.78 18.78 13.65
CA LEU B 388 16.61 17.96 13.31
C LEU B 388 16.01 17.45 14.61
N SER B 389 14.79 17.87 14.90
CA SER B 389 14.05 17.40 16.06
C SER B 389 13.25 16.16 15.71
N ILE B 390 13.39 15.11 16.51
CA ILE B 390 12.57 13.92 16.34
C ILE B 390 11.84 13.65 17.65
N HIS B 391 10.52 13.81 17.62
CA HIS B 391 9.69 13.65 18.81
C HIS B 391 8.87 12.39 18.68
N ARG B 392 9.04 11.48 19.63
CA ARG B 392 8.36 10.20 19.63
C ARG B 392 7.51 10.04 20.88
N LEU B 393 6.32 9.48 20.71
CA LEU B 393 5.40 9.26 21.82
C LEU B 393 4.58 8.00 21.53
N GLY B 394 4.56 7.07 22.47
CA GLY B 394 3.80 5.83 22.32
C GLY B 394 4.68 4.59 22.36
N GLU B 395 4.06 3.42 22.53
CA GLU B 395 4.81 2.15 22.63
C GLU B 395 5.02 1.49 21.28
N GLY B 396 5.98 0.57 21.22
CA GLY B 396 6.25 -0.22 20.02
C GLY B 396 6.82 0.57 18.86
N HIS B 397 6.78 -0.03 17.68
CA HIS B 397 7.33 0.57 16.47
C HIS B 397 6.35 1.53 15.81
N ASN B 398 5.06 1.24 15.93
CA ASN B 398 4.03 2.05 15.27
C ASN B 398 3.50 3.13 16.20
N HIS B 399 4.39 3.96 16.73
CA HIS B 399 4.03 5.04 17.65
C HIS B 399 3.70 6.31 16.86
N MET B 400 3.73 7.45 17.55
CA MET B 400 3.54 8.75 16.91
C MET B 400 4.89 9.46 16.86
N ALA B 401 5.28 9.92 15.67
CA ALA B 401 6.57 10.60 15.51
C ALA B 401 6.40 11.92 14.77
N LEU B 402 6.92 12.99 15.37
CA LEU B 402 6.95 14.30 14.73
C LEU B 402 8.39 14.67 14.46
N VAL B 403 8.67 15.04 13.21
CA VAL B 403 9.98 15.48 12.80
C VAL B 403 9.93 16.95 12.44
N ALA B 404 10.79 17.76 13.09
CA ALA B 404 10.86 19.18 12.78
C ALA B 404 12.20 19.49 12.13
N LYS B 405 12.16 19.86 10.85
CA LYS B 405 13.36 20.05 10.05
C LYS B 405 13.85 21.50 10.14
N ASN B 406 14.57 21.78 11.22
CA ASN B 406 15.14 23.11 11.49
C ASN B 406 16.64 23.13 11.19
N THR B 407 16.99 22.47 10.08
CA THR B 407 18.38 22.14 9.75
C THR B 407 19.02 23.08 8.73
N SER B 408 20.36 23.04 8.67
CA SER B 408 21.12 23.75 7.62
C SER B 408 20.75 23.20 6.24
N GLN B 409 21.38 23.74 5.19
CA GLN B 409 20.96 23.43 3.82
C GLN B 409 21.23 21.99 3.37
N GLY B 410 22.46 21.52 3.60
CA GLY B 410 22.87 20.20 3.12
C GLY B 410 23.31 20.20 1.68
N MET B 411 23.87 21.33 1.23
CA MET B 411 24.44 21.48 -0.12
C MET B 411 23.39 21.27 -1.22
N GLY B 412 23.85 20.79 -2.39
CA GLY B 412 22.98 20.57 -3.55
C GLY B 412 21.91 19.52 -3.36
N HIS B 413 22.09 18.66 -2.35
CA HIS B 413 21.11 17.63 -2.02
C HIS B 413 19.92 18.20 -1.25
N GLY B 414 20.10 19.39 -0.69
CA GLY B 414 19.14 19.95 0.26
C GLY B 414 17.90 20.57 -0.36
N HIS B 415 16.80 20.56 0.39
CA HIS B 415 15.56 21.17 -0.06
C HIS B 415 15.36 22.55 0.58
N PHE B 416 14.60 23.40 -0.10
CA PHE B 416 14.35 24.76 0.36
C PHE B 416 13.13 24.75 1.26
N ASP B 417 13.29 24.17 2.45
CA ASP B 417 12.17 23.86 3.30
C ASP B 417 12.48 24.09 4.79
N LYS B 418 13.01 25.27 5.11
CA LYS B 418 13.32 25.60 6.50
C LYS B 418 12.06 25.53 7.37
N LEU B 419 12.17 24.83 8.49
CA LEU B 419 11.08 24.68 9.47
C LEU B 419 9.95 23.76 9.01
N ASN B 420 10.21 22.99 7.95
CA ASN B 420 9.32 21.92 7.49
C ASN B 420 9.07 20.91 8.61
N TRP B 421 7.98 20.15 8.49
CA TRP B 421 7.69 19.10 9.44
C TRP B 421 7.07 17.89 8.78
N LEU B 422 7.24 16.73 9.40
CA LEU B 422 6.61 15.49 8.99
C LEU B 422 5.90 14.88 10.19
N LEU B 423 4.82 14.16 9.94
CA LEU B 423 4.15 13.42 11.01
C LEU B 423 3.95 11.97 10.63
N TYR B 424 4.30 11.09 11.57
CA TYR B 424 4.07 9.66 11.44
C TYR B 424 3.17 9.18 12.55
N ASP B 425 2.30 8.24 12.23
CA ASP B 425 1.37 7.65 13.17
C ASP B 425 0.90 6.31 12.66
N ASN B 426 0.62 5.37 13.57
CA ASN B 426 -0.09 4.13 13.20
C ASN B 426 0.63 3.36 12.10
N GLY B 427 1.96 3.49 12.05
CA GLY B 427 2.79 2.81 11.05
C GLY B 427 2.80 3.48 9.69
N ASN B 428 2.19 4.66 9.60
CA ASN B 428 2.06 5.38 8.33
C ASN B 428 2.68 6.77 8.39
N GLU B 429 3.07 7.28 7.22
CA GLU B 429 3.35 8.71 7.07
C GLU B 429 2.00 9.42 6.90
N ILE B 430 1.79 10.50 7.65
CA ILE B 430 0.50 11.20 7.69
C ILE B 430 0.63 12.57 7.03
N VAL B 431 1.62 13.33 7.49
CA VAL B 431 1.99 14.62 6.91
C VAL B 431 3.38 14.42 6.34
N THR B 432 3.51 14.60 5.03
CA THR B 432 4.56 13.94 4.28
C THR B 432 5.58 14.87 3.63
N ASP B 433 6.72 14.30 3.25
CA ASP B 433 7.76 14.99 2.47
C ASP B 433 7.92 14.22 1.17
N TYR B 434 7.96 14.92 0.05
CA TYR B 434 7.93 14.29 -1.28
C TYR B 434 9.18 13.46 -1.57
N GLY B 435 10.33 13.90 -1.05
CA GLY B 435 11.61 13.30 -1.44
C GLY B 435 11.99 13.82 -2.81
N ALA B 436 12.83 13.07 -3.52
CA ALA B 436 13.35 13.49 -4.82
C ALA B 436 12.47 13.05 -5.98
N ALA B 437 12.53 13.77 -7.11
CA ALA B 437 11.90 13.30 -8.35
C ALA B 437 12.92 12.50 -9.13
N ARG B 438 12.83 11.17 -9.00
CA ARG B 438 13.86 10.25 -9.50
C ARG B 438 13.33 8.83 -9.41
N TYR B 439 13.66 8.01 -10.41
CA TYR B 439 13.32 6.60 -10.41
C TYR B 439 14.60 5.78 -10.49
N LEU B 440 14.99 5.24 -9.34
CA LEU B 440 16.29 4.61 -9.12
C LEU B 440 16.54 3.49 -10.11
N ASN B 441 17.62 3.63 -10.87
CA ASN B 441 18.05 2.61 -11.83
C ASN B 441 17.01 2.24 -12.90
N VAL B 442 16.12 3.19 -13.22
CA VAL B 442 15.16 3.02 -14.30
C VAL B 442 15.68 3.85 -15.47
N GLU B 443 16.33 3.18 -16.43
CA GLU B 443 16.97 3.88 -17.54
C GLU B 443 16.02 4.77 -18.33
N ALA B 444 14.80 4.28 -18.56
CA ALA B 444 13.77 5.04 -19.26
C ALA B 444 13.38 6.33 -18.53
N LYS B 445 13.68 6.42 -17.24
CA LYS B 445 13.52 7.69 -16.52
C LYS B 445 14.89 8.37 -16.38
N TYR B 446 15.38 8.91 -17.50
CA TYR B 446 16.61 9.71 -17.52
C TYR B 446 17.81 9.02 -16.86
N GLY B 447 18.02 7.75 -17.19
CA GLY B 447 19.16 6.99 -16.67
C GLY B 447 19.18 6.87 -15.15
N GLY B 448 17.99 6.85 -14.56
CA GLY B 448 17.82 6.74 -13.11
C GLY B 448 18.33 7.92 -12.32
N HIS B 449 18.61 9.03 -13.02
CA HIS B 449 19.17 10.24 -12.42
C HIS B 449 18.05 11.23 -12.06
N TYR B 450 18.39 12.28 -11.32
CA TYR B 450 17.41 13.31 -10.96
C TYR B 450 16.75 13.87 -12.21
N LEU B 451 15.43 13.90 -12.18
CA LEU B 451 14.65 14.38 -13.31
C LEU B 451 14.55 15.90 -13.28
N ALA B 452 14.12 16.50 -14.38
CA ALA B 452 13.96 17.96 -14.45
C ALA B 452 13.11 18.50 -13.29
N GLU B 453 12.10 17.73 -12.91
CA GLU B 453 11.17 18.11 -11.85
C GLU B 453 11.78 18.01 -10.45
N ASN B 454 12.94 17.36 -10.31
CA ASN B 454 13.61 17.35 -9.01
C ASN B 454 13.94 18.79 -8.55
N ASN B 455 14.48 19.58 -9.47
CA ASN B 455 14.72 20.99 -9.20
C ASN B 455 13.44 21.82 -9.21
N THR B 456 12.59 21.62 -10.22
CA THR B 456 11.44 22.52 -10.42
C THR B 456 10.25 22.22 -9.49
N TRP B 457 10.20 20.99 -8.96
CA TRP B 457 9.16 20.64 -8.00
C TRP B 457 9.71 20.22 -6.63
N ALA B 458 10.46 19.13 -6.59
CA ALA B 458 10.73 18.44 -5.34
C ALA B 458 11.53 19.27 -4.32
N LYS B 459 12.41 20.14 -4.81
CA LYS B 459 13.25 20.98 -3.94
C LYS B 459 12.55 22.23 -3.44
N GLN B 460 11.50 22.65 -4.14
CA GLN B 460 10.87 23.94 -3.89
C GLN B 460 10.04 23.97 -2.62
N THR B 461 9.96 25.15 -2.02
CA THR B 461 9.27 25.35 -0.74
C THR B 461 7.78 24.99 -0.80
N ILE B 462 7.11 25.34 -1.91
CA ILE B 462 5.68 25.04 -2.06
C ILE B 462 5.36 23.55 -1.97
N ALA B 463 6.37 22.72 -2.29
CA ALA B 463 6.27 21.27 -2.20
C ALA B 463 6.36 20.74 -0.77
N HIS B 464 6.54 21.62 0.20
CA HIS B 464 6.75 21.22 1.60
C HIS B 464 5.71 21.82 2.54
N ASN B 465 5.67 21.32 3.78
CA ASN B 465 4.79 21.81 4.84
C ASN B 465 5.41 22.97 5.63
N THR B 466 5.76 24.05 4.94
CA THR B 466 6.32 25.23 5.60
C THR B 466 5.92 26.50 4.84
N LEU B 467 6.30 27.65 5.38
CA LEU B 467 5.83 28.93 4.86
C LEU B 467 6.43 29.29 3.51
N VAL B 468 5.57 29.70 2.57
CA VAL B 468 6.02 30.26 1.29
C VAL B 468 5.57 31.71 1.23
N VAL B 469 6.50 32.61 0.90
CA VAL B 469 6.20 34.05 0.80
C VAL B 469 6.25 34.48 -0.67
N ASN B 470 5.19 35.14 -1.11
CA ASN B 470 5.09 35.67 -2.48
C ASN B 470 5.34 34.63 -3.57
N GLU B 471 4.92 33.39 -3.33
CA GLU B 471 5.12 32.28 -4.27
C GLU B 471 6.58 32.09 -4.69
N GLN B 472 7.50 32.45 -3.80
CA GLN B 472 8.93 32.23 -4.00
C GLN B 472 9.47 31.29 -2.93
N SER B 473 10.47 30.49 -3.30
CA SER B 473 11.06 29.54 -2.36
C SER B 473 12.01 30.25 -1.41
N HIS B 474 12.25 29.64 -0.24
CA HIS B 474 13.26 30.13 0.70
C HIS B 474 14.58 30.39 -0.03
N PHE B 475 15.24 31.50 0.33
CA PHE B 475 16.51 31.91 -0.27
C PHE B 475 16.39 32.11 -1.78
N TYR B 476 15.14 32.29 -2.23
CA TYR B 476 14.80 32.44 -3.64
C TYR B 476 15.26 31.26 -4.50
N GLY B 477 15.32 30.08 -3.87
CA GLY B 477 15.72 28.85 -4.54
C GLY B 477 17.18 28.81 -4.91
N ASP B 478 18.00 29.64 -4.24
CA ASP B 478 19.42 29.72 -4.53
C ASP B 478 20.24 28.98 -3.48
N VAL B 479 20.87 27.89 -3.92
CA VAL B 479 21.65 27.04 -3.01
C VAL B 479 22.83 27.80 -2.37
N THR B 480 23.47 28.67 -3.15
CA THR B 480 24.62 29.42 -2.64
C THR B 480 24.24 30.27 -1.43
N THR B 481 23.10 30.97 -1.54
CA THR B 481 22.58 31.76 -0.43
C THR B 481 22.18 30.89 0.76
N ALA B 482 21.39 29.85 0.48
CA ALA B 482 20.88 28.93 1.50
C ALA B 482 22.00 28.26 2.31
N ASP B 483 23.12 27.99 1.65
CA ASP B 483 24.29 27.37 2.30
C ASP B 483 24.94 28.21 3.39
N LEU B 484 24.68 29.51 3.35
CA LEU B 484 25.29 30.45 4.30
C LEU B 484 24.54 30.53 5.62
N HIS B 485 23.34 29.94 5.66
CA HIS B 485 22.43 30.15 6.79
C HIS B 485 21.89 28.85 7.36
N HIS B 486 21.54 28.87 8.64
CA HIS B 486 20.82 27.78 9.27
C HIS B 486 19.76 28.39 10.19
N PRO B 487 18.64 27.67 10.43
CA PRO B 487 17.66 28.14 11.41
C PRO B 487 18.24 28.22 12.82
N GLU B 488 17.67 29.10 13.63
CA GLU B 488 18.07 29.21 15.03
C GLU B 488 17.11 28.45 15.91
N VAL B 489 17.59 27.39 16.54
CA VAL B 489 16.77 26.60 17.46
C VAL B 489 16.56 27.40 18.74
N LEU B 490 15.31 27.59 19.13
CA LEU B 490 14.98 28.41 20.31
C LEU B 490 14.70 27.57 21.55
N SER B 491 14.10 26.40 21.36
CA SER B 491 13.76 25.52 22.47
C SER B 491 13.55 24.08 22.03
N PHE B 492 13.96 23.16 22.89
CA PHE B 492 13.69 21.75 22.72
C PHE B 492 13.30 21.19 24.08
N TYR B 493 12.15 20.54 24.15
CA TYR B 493 11.68 19.95 25.40
C TYR B 493 11.04 18.59 25.16
N SER B 494 11.36 17.64 26.02
CA SER B 494 10.75 16.32 25.95
C SER B 494 10.37 15.82 27.34
N GLY B 495 9.07 15.81 27.62
CA GLY B 495 8.54 15.31 28.89
C GLY B 495 7.34 14.41 28.69
N GLU B 496 6.83 13.88 29.80
CA GLU B 496 5.66 13.00 29.76
C GLU B 496 4.38 13.78 29.54
N ASP B 497 4.39 15.07 29.88
CA ASP B 497 3.24 15.94 29.64
C ASP B 497 3.12 16.39 28.18
N TYR B 498 4.22 16.90 27.63
CA TYR B 498 4.25 17.33 26.23
C TYR B 498 5.66 17.36 25.66
N GLN B 499 5.73 17.58 24.34
CA GLN B 499 6.99 17.69 23.61
C GLN B 499 6.95 19.01 22.86
N LEU B 500 8.10 19.67 22.73
CA LEU B 500 8.17 20.94 22.00
C LEU B 500 9.49 21.13 21.26
N SER B 501 9.39 21.66 20.04
CA SER B 501 10.52 22.25 19.35
C SER B 501 10.12 23.64 18.89
N SER B 502 11.05 24.58 18.96
CA SER B 502 10.78 25.92 18.48
C SER B 502 12.02 26.46 17.78
N ALA B 503 11.83 27.08 16.62
CA ALA B 503 12.95 27.57 15.82
C ALA B 503 12.60 28.84 15.03
N LYS B 504 13.62 29.64 14.75
CA LYS B 504 13.45 30.91 14.06
C LYS B 504 14.21 30.90 12.74
N GLU B 505 13.55 31.37 11.68
CA GLU B 505 14.19 31.58 10.38
C GLU B 505 14.16 33.06 9.99
N ALA B 506 15.33 33.71 10.12
CA ALA B 506 15.44 35.14 9.92
C ALA B 506 16.01 35.53 8.57
N ASN B 507 16.44 34.53 7.80
CA ASN B 507 17.23 34.79 6.59
C ASN B 507 16.67 34.27 5.25
N ALA B 508 15.47 33.68 5.28
CA ALA B 508 14.91 33.00 4.09
C ALA B 508 14.42 33.99 3.02
N TYR B 509 13.92 35.14 3.47
CA TYR B 509 13.49 36.19 2.57
C TYR B 509 13.95 37.55 3.06
N ASP B 510 14.17 38.47 2.13
CA ASP B 510 14.45 39.87 2.46
C ASP B 510 13.27 40.45 3.22
N GLY B 511 13.55 41.00 4.40
CA GLY B 511 12.52 41.69 5.19
C GLY B 511 11.42 40.80 5.74
N VAL B 512 11.74 39.53 5.97
CA VAL B 512 10.78 38.58 6.54
C VAL B 512 11.46 37.76 7.64
N GLU B 513 10.77 37.57 8.75
CA GLU B 513 11.17 36.61 9.77
C GLU B 513 9.99 35.72 10.11
N PHE B 514 10.26 34.43 10.29
CA PHE B 514 9.25 33.52 10.81
C PHE B 514 9.78 32.58 11.88
N VAL B 515 8.89 32.22 12.79
CA VAL B 515 9.18 31.37 13.93
C VAL B 515 8.13 30.26 13.91
N ARG B 516 8.56 29.03 14.16
CA ARG B 516 7.60 27.94 14.26
C ARG B 516 7.85 27.12 15.50
N SER B 517 6.79 26.89 16.27
CA SER B 517 6.81 26.02 17.44
C SER B 517 5.86 24.87 17.21
N MET B 518 6.36 23.65 17.44
CA MET B 518 5.56 22.46 17.22
C MET B 518 5.55 21.63 18.48
N LEU B 519 4.36 21.14 18.84
CA LEU B 519 4.17 20.41 20.09
C LEU B 519 3.47 19.08 19.87
N LEU B 520 3.86 18.08 20.68
CA LEU B 520 3.08 16.88 20.84
C LEU B 520 2.52 16.93 22.25
N VAL B 521 1.20 16.89 22.37
CA VAL B 521 0.56 17.09 23.67
C VAL B 521 -0.20 15.83 24.07
N ASN B 522 0.15 15.29 25.23
CA ASN B 522 -0.57 14.17 25.84
C ASN B 522 -1.82 14.67 26.56
N VAL B 523 -2.99 14.37 26.00
CA VAL B 523 -4.27 14.71 26.62
C VAL B 523 -4.93 13.41 27.10
N PRO B 524 -4.96 13.21 28.44
CA PRO B 524 -5.47 11.95 29.03
C PRO B 524 -6.85 11.52 28.53
N SER B 525 -7.73 12.48 28.25
CA SER B 525 -9.08 12.16 27.80
C SER B 525 -9.15 11.70 26.34
N LEU B 526 -8.06 11.86 25.60
CA LEU B 526 -8.04 11.50 24.18
C LEU B 526 -7.26 10.21 23.92
N GLU B 527 -7.60 9.54 22.83
CA GLU B 527 -6.98 8.26 22.47
C GLU B 527 -5.50 8.41 22.11
N HIS B 528 -5.17 9.51 21.44
CA HIS B 528 -3.83 9.73 20.90
C HIS B 528 -3.33 11.13 21.20
N PRO B 529 -1.99 11.30 21.27
CA PRO B 529 -1.45 12.65 21.41
C PRO B 529 -1.90 13.52 20.24
N ILE B 530 -1.93 14.83 20.46
CA ILE B 530 -2.27 15.78 19.40
C ILE B 530 -1.08 16.67 19.07
N VAL B 531 -0.97 17.06 17.80
CA VAL B 531 0.03 18.03 17.37
C VAL B 531 -0.58 19.42 17.53
N VAL B 532 0.21 20.36 18.07
CA VAL B 532 -0.14 21.78 18.08
C VAL B 532 0.97 22.51 17.33
N ASP B 533 0.58 23.36 16.39
CA ASP B 533 1.51 24.06 15.49
C ASP B 533 1.23 25.55 15.61
N VAL B 534 2.28 26.35 15.81
CA VAL B 534 2.18 27.81 15.80
C VAL B 534 3.30 28.39 14.93
N LEU B 535 2.94 28.90 13.77
CA LEU B 535 3.92 29.51 12.87
C LEU B 535 3.62 30.99 12.71
N ASN B 536 4.48 31.82 13.27
CA ASN B 536 4.35 33.29 13.21
C ASN B 536 5.24 33.86 12.12
N VAL B 537 4.73 34.86 11.40
CA VAL B 537 5.50 35.54 10.38
C VAL B 537 5.27 37.06 10.42
N SER B 538 6.36 37.80 10.28
CA SER B 538 6.37 39.26 10.13
C SER B 538 7.11 39.62 8.85
N ALA B 539 6.53 40.53 8.07
CA ALA B 539 7.18 41.02 6.86
C ALA B 539 7.15 42.54 6.82
N ASP B 540 8.21 43.13 6.26
CA ASP B 540 8.31 44.57 6.08
C ASP B 540 7.21 45.10 5.18
N LYS B 541 6.91 44.34 4.14
CA LYS B 541 5.95 44.75 3.11
C LYS B 541 4.81 43.73 2.99
N ALA B 542 3.62 44.23 2.63
CA ALA B 542 2.44 43.38 2.43
C ALA B 542 2.79 42.22 1.50
N SER B 543 2.48 41.00 1.93
CA SER B 543 2.88 39.81 1.19
C SER B 543 1.77 38.77 1.08
N THR B 544 2.00 37.77 0.23
CA THR B 544 1.20 36.56 0.24
C THR B 544 1.94 35.54 1.11
N PHE B 545 1.23 34.92 2.04
CA PHE B 545 1.75 33.84 2.86
C PHE B 545 0.99 32.56 2.55
N ASP B 546 1.72 31.49 2.22
CA ASP B 546 1.10 30.17 1.99
C ASP B 546 1.68 29.16 2.97
N LEU B 547 0.81 28.34 3.56
CA LEU B 547 1.25 27.20 4.39
C LEU B 547 0.55 25.92 3.93
N PRO B 548 1.29 25.08 3.19
CA PRO B 548 0.73 23.81 2.73
C PRO B 548 0.72 22.74 3.82
N LEU B 549 -0.14 21.74 3.64
CA LEU B 549 -0.12 20.51 4.40
C LEU B 549 -0.31 19.35 3.44
N TYR B 550 0.77 18.62 3.16
CA TYR B 550 0.72 17.45 2.31
C TYR B 550 0.31 16.26 3.16
N PHE B 551 -0.90 15.76 2.90
CA PHE B 551 -1.49 14.70 3.71
C PHE B 551 -1.59 13.40 2.94
N ASN B 552 -1.62 12.30 3.68
CA ASN B 552 -1.78 10.99 3.13
C ASN B 552 -3.14 10.48 3.60
N GLY B 553 -4.01 10.15 2.65
CA GLY B 553 -5.33 9.62 2.96
C GLY B 553 -6.45 10.19 2.12
N GLN B 554 -7.68 9.79 2.45
CA GLN B 554 -8.85 10.22 1.71
C GLN B 554 -9.69 11.18 2.54
N ILE B 555 -9.96 12.35 1.98
CA ILE B 555 -10.82 13.34 2.63
C ILE B 555 -12.18 12.76 2.97
N ILE B 556 -12.58 12.90 4.23
CA ILE B 556 -13.94 12.56 4.65
C ILE B 556 -14.86 13.78 4.44
N ASP B 557 -14.55 14.87 5.13
CA ASP B 557 -15.29 16.13 4.95
C ASP B 557 -14.51 17.36 5.42
N PHE B 558 -14.97 18.52 4.96
CA PHE B 558 -14.41 19.80 5.36
C PHE B 558 -15.52 20.57 6.06
N SER B 559 -15.14 21.42 7.02
CA SER B 559 -16.12 22.31 7.68
C SER B 559 -16.48 23.50 6.80
N PHE B 560 -15.64 23.80 5.81
CA PHE B 560 -15.83 24.98 4.96
C PHE B 560 -16.52 24.64 3.65
N LYS B 561 -17.00 25.66 2.95
CA LYS B 561 -17.69 25.45 1.68
C LYS B 561 -16.76 25.78 0.52
N VAL B 562 -16.54 24.79 -0.35
CA VAL B 562 -15.71 25.02 -1.53
C VAL B 562 -16.50 25.72 -2.64
N LYS B 563 -15.84 26.65 -3.31
CA LYS B 563 -16.36 27.30 -4.51
C LYS B 563 -16.37 26.31 -5.67
N ASP B 564 -17.43 26.34 -6.47
CA ASP B 564 -17.53 25.52 -7.67
C ASP B 564 -16.32 25.79 -8.58
N ASN B 565 -15.58 24.73 -8.92
CA ASN B 565 -14.41 24.88 -9.79
C ASN B 565 -14.77 25.01 -11.28
N LYS B 566 -16.07 24.95 -11.58
CA LYS B 566 -16.59 25.14 -12.95
C LYS B 566 -15.99 24.17 -13.97
N ASN B 567 -15.72 22.94 -13.53
CA ASN B 567 -15.27 21.85 -14.42
C ASN B 567 -13.97 22.17 -15.14
N VAL B 568 -13.07 22.84 -14.43
CA VAL B 568 -11.74 23.08 -14.93
C VAL B 568 -10.78 23.15 -13.74
N MET B 569 -9.58 22.62 -13.93
CA MET B 569 -8.49 22.86 -12.99
C MET B 569 -7.39 23.59 -13.72
N LYS B 570 -7.05 24.77 -13.22
CA LYS B 570 -5.98 25.54 -13.80
C LYS B 570 -4.75 25.39 -12.93
N MET B 571 -3.59 25.51 -13.58
CA MET B 571 -2.29 25.54 -12.91
C MET B 571 -2.33 26.59 -11.81
N LEU B 572 -1.83 26.22 -10.62
CA LEU B 572 -1.96 27.06 -9.42
C LEU B 572 -1.22 28.41 -9.50
N GLY B 573 -0.01 28.37 -10.04
CA GLY B 573 0.85 29.55 -10.14
C GLY B 573 1.87 29.33 -11.21
N LYS B 574 2.72 30.33 -11.46
CA LYS B 574 3.58 30.34 -12.63
C LYS B 574 4.99 29.81 -12.41
N ARG B 575 5.50 29.94 -11.21
CA ARG B 575 6.91 29.70 -10.94
C ARG B 575 7.16 28.99 -9.61
N ASN B 576 8.39 28.48 -9.44
CA ASN B 576 8.90 28.00 -8.15
C ASN B 576 8.12 26.82 -7.56
N GLY B 577 7.62 25.96 -8.44
CA GLY B 577 6.88 24.77 -8.03
C GLY B 577 5.38 24.89 -8.19
N TYR B 578 4.86 26.12 -8.14
CA TYR B 578 3.43 26.36 -8.32
C TYR B 578 2.91 25.92 -9.69
N GLN B 579 3.80 25.94 -10.69
CA GLN B 579 3.46 25.51 -12.05
C GLN B 579 3.23 23.99 -12.16
N HIS B 580 3.51 23.25 -11.09
CA HIS B 580 3.27 21.81 -11.06
C HIS B 580 1.98 21.41 -10.32
N LEU B 581 1.25 22.40 -9.81
CA LEU B 581 0.02 22.11 -9.08
C LEU B 581 -1.23 22.55 -9.83
N TRP B 582 -2.25 21.69 -9.82
CA TRP B 582 -3.59 22.05 -10.27
C TRP B 582 -4.42 22.56 -9.09
N LEU B 583 -5.16 23.66 -9.29
CA LEU B 583 -6.12 24.09 -8.29
C LEU B 583 -7.45 23.33 -8.47
N ARG B 584 -7.78 22.47 -7.51
CA ARG B 584 -9.05 21.72 -7.56
C ARG B 584 -10.24 22.49 -6.99
N ASN B 585 -10.02 23.15 -5.86
CA ASN B 585 -11.02 24.06 -5.26
C ASN B 585 -10.34 25.15 -4.45
N THR B 586 -10.94 26.34 -4.46
CA THR B 586 -10.64 27.34 -3.44
C THR B 586 -11.83 27.45 -2.50
N ALA B 587 -11.57 27.75 -1.23
CA ALA B 587 -12.62 27.92 -0.21
C ALA B 587 -12.31 29.10 0.70
N PRO B 588 -13.17 30.14 0.68
CA PRO B 588 -12.94 31.29 1.55
C PRO B 588 -13.11 30.94 3.01
N VAL B 589 -12.22 31.46 3.85
CA VAL B 589 -12.29 31.24 5.30
C VAL B 589 -12.15 32.58 6.02
N GLY B 590 -12.41 32.58 7.33
CA GLY B 590 -12.44 33.82 8.10
C GLY B 590 -11.84 33.69 9.49
N ASP B 591 -12.44 34.39 10.45
CA ASP B 591 -11.91 34.46 11.83
C ASP B 591 -11.95 33.11 12.54
N ALA B 592 -13.03 32.35 12.35
CA ALA B 592 -13.26 31.10 13.08
C ALA B 592 -12.36 29.98 12.55
N SER B 593 -12.04 29.02 13.41
CA SER B 593 -11.24 27.86 12.99
C SER B 593 -12.05 26.95 12.08
N GLU B 594 -11.37 26.31 11.13
CA GLU B 594 -11.98 25.37 10.20
C GLU B 594 -11.38 23.98 10.47
N ARG B 595 -11.91 22.96 9.77
CA ARG B 595 -11.46 21.58 9.99
C ARG B 595 -11.47 20.80 8.66
N ALA B 596 -10.45 19.95 8.49
CA ALA B 596 -10.45 18.93 7.45
C ALA B 596 -10.24 17.59 8.14
N THR B 597 -11.10 16.62 7.83
CA THR B 597 -10.96 15.25 8.38
C THR B 597 -10.71 14.26 7.26
N TRP B 598 -9.74 13.38 7.44
CA TRP B 598 -9.46 12.34 6.47
C TRP B 598 -9.25 10.99 7.12
N ILE B 599 -9.32 9.93 6.31
CA ILE B 599 -9.09 8.56 6.77
C ILE B 599 -7.83 8.01 6.12
N LEU B 600 -7.06 7.25 6.89
CA LEU B 600 -5.93 6.52 6.32
C LEU B 600 -5.87 5.19 7.03
N ASP B 601 -6.06 4.13 6.26
CA ASP B 601 -6.17 2.77 6.77
C ASP B 601 -7.26 2.68 7.85
N ASP B 602 -6.89 2.44 9.09
CA ASP B 602 -7.89 2.19 10.14
C ASP B 602 -8.05 3.34 11.14
N ARG B 603 -7.47 4.50 10.83
CA ARG B 603 -7.55 5.66 11.72
C ARG B 603 -7.99 6.92 10.98
N PHE B 604 -8.64 7.82 11.71
CA PHE B 604 -9.01 9.13 11.17
C PHE B 604 -8.04 10.20 11.65
N TYR B 605 -7.90 11.27 10.88
CA TYR B 605 -7.04 12.39 11.25
C TYR B 605 -7.79 13.67 11.00
N SER B 606 -7.79 14.55 12.00
CA SER B 606 -8.46 15.84 11.86
C SER B 606 -7.49 17.00 12.03
N TYR B 607 -7.51 17.89 11.06
CA TYR B 607 -6.66 19.07 11.03
C TYR B 607 -7.56 20.28 11.30
N ALA B 608 -7.46 20.82 12.51
CA ALA B 608 -8.21 22.01 12.91
C ALA B 608 -7.28 23.21 12.81
N PHE B 609 -7.71 24.25 12.09
CA PHE B 609 -6.80 25.35 11.79
C PHE B 609 -7.44 26.74 11.81
N VAL B 610 -6.68 27.71 12.31
CA VAL B 610 -7.10 29.11 12.39
C VAL B 610 -5.87 29.99 12.15
N THR B 611 -6.06 31.13 11.47
CA THR B 611 -4.96 32.04 11.19
C THR B 611 -5.30 33.46 11.66
N SER B 612 -4.56 33.94 12.66
CA SER B 612 -4.70 35.31 13.15
C SER B 612 -3.90 36.26 12.28
N THR B 613 -4.59 37.22 11.67
CA THR B 613 -3.95 38.20 10.78
C THR B 613 -4.88 39.38 10.57
N PRO B 614 -4.32 40.60 10.43
CA PRO B 614 -5.13 41.78 10.12
C PRO B 614 -5.86 41.68 8.78
N SER B 615 -5.29 40.91 7.85
CA SER B 615 -5.86 40.74 6.51
C SER B 615 -7.14 39.91 6.52
N LYS B 616 -8.12 40.32 5.70
CA LYS B 616 -9.36 39.57 5.53
C LYS B 616 -9.30 38.62 4.33
N LYS B 617 -8.20 38.67 3.58
CA LYS B 617 -8.04 37.89 2.36
C LYS B 617 -7.51 36.48 2.67
N GLN B 618 -8.36 35.65 3.28
CA GLN B 618 -7.98 34.28 3.65
C GLN B 618 -8.74 33.24 2.83
N ASN B 619 -8.01 32.29 2.26
CA ASN B 619 -8.62 31.22 1.48
C ASN B 619 -7.86 29.91 1.64
N VAL B 620 -8.57 28.79 1.58
CA VAL B 620 -7.95 27.46 1.55
C VAL B 620 -7.95 26.97 0.11
N LEU B 621 -6.80 26.50 -0.34
CA LEU B 621 -6.66 25.98 -1.69
C LEU B 621 -6.40 24.49 -1.57
N ILE B 622 -7.23 23.71 -2.26
CA ILE B 622 -6.99 22.28 -2.38
C ILE B 622 -6.40 22.08 -3.77
N ALA B 623 -5.19 21.54 -3.79
CA ALA B 623 -4.45 21.42 -5.02
C ALA B 623 -4.01 19.99 -5.25
N GLU B 624 -3.73 19.67 -6.50
CA GLU B 624 -3.28 18.34 -6.88
C GLU B 624 -2.05 18.43 -7.79
N LEU B 625 -1.12 17.51 -7.59
CA LEU B 625 0.15 17.51 -8.34
C LEU B 625 -0.03 16.95 -9.73
N GLY B 626 0.68 17.51 -10.71
CA GLY B 626 0.71 16.97 -12.07
C GLY B 626 0.71 17.93 -13.25
N ALA B 627 0.62 19.22 -12.99
CA ALA B 627 0.76 20.22 -14.06
C ALA B 627 2.23 20.30 -14.49
N ASN B 628 2.47 20.74 -15.73
CA ASN B 628 3.81 20.75 -16.31
C ASN B 628 4.58 19.45 -16.06
N ASP B 629 3.91 18.34 -16.32
CA ASP B 629 4.52 17.01 -16.15
C ASP B 629 4.18 16.15 -17.36
N PRO B 630 4.65 16.55 -18.56
CA PRO B 630 4.31 15.82 -19.76
C PRO B 630 4.91 14.41 -19.76
N ASN B 631 5.97 14.20 -18.97
CA ASN B 631 6.64 12.90 -18.95
C ASN B 631 6.17 11.98 -17.83
N TYR B 632 5.16 12.44 -17.08
CA TYR B 632 4.54 11.62 -16.02
C TYR B 632 5.58 11.15 -15.01
N ASN B 633 6.43 12.08 -14.59
CA ASN B 633 7.44 11.80 -13.58
C ASN B 633 6.93 12.03 -12.16
N LEU B 634 5.84 12.79 -12.03
CA LEU B 634 5.34 13.14 -10.70
C LEU B 634 4.23 12.22 -10.25
N ARG B 635 4.19 11.94 -8.95
CA ARG B 635 3.12 11.12 -8.37
C ARG B 635 1.84 11.93 -8.22
N GLN B 636 0.71 11.25 -8.13
CA GLN B 636 -0.53 11.87 -7.68
C GLN B 636 -0.41 12.22 -6.20
N GLN B 637 -0.91 13.40 -5.83
CA GLN B 637 -0.74 13.92 -4.47
C GLN B 637 -1.70 15.07 -4.26
N GLN B 638 -2.37 15.09 -3.11
CA GLN B 638 -3.21 16.22 -2.73
C GLN B 638 -2.58 17.08 -1.64
N VAL B 639 -3.01 18.34 -1.57
CA VAL B 639 -2.50 19.27 -0.58
C VAL B 639 -3.58 20.27 -0.17
N LEU B 640 -3.56 20.62 1.12
CA LEU B 640 -4.37 21.69 1.67
C LEU B 640 -3.44 22.89 1.91
N ILE B 641 -3.66 23.98 1.19
CA ILE B 641 -2.82 25.17 1.33
C ILE B 641 -3.65 26.28 1.98
N ARG B 642 -3.15 26.82 3.10
CA ARG B 642 -3.76 27.98 3.73
C ARG B 642 -3.06 29.24 3.23
N ARG B 643 -3.85 30.14 2.66
CA ARG B 643 -3.31 31.33 2.01
C ARG B 643 -3.85 32.60 2.65
N VAL B 644 -2.93 33.52 2.98
CA VAL B 644 -3.28 34.88 3.38
C VAL B 644 -2.66 35.82 2.36
N GLU B 645 -3.45 36.78 1.88
CA GLU B 645 -2.96 37.76 0.91
C GLU B 645 -2.90 39.17 1.50
N LYS B 646 -2.00 39.97 0.96
CA LYS B 646 -1.81 41.38 1.35
C LYS B 646 -1.66 41.53 2.87
N ALA B 647 -0.75 40.74 3.45
CA ALA B 647 -0.54 40.75 4.89
C ALA B 647 0.91 41.05 5.25
N LYS B 648 1.10 41.71 6.39
CA LYS B 648 2.43 41.96 6.93
C LYS B 648 2.69 41.05 8.13
N GLN B 649 1.63 40.47 8.68
CA GLN B 649 1.69 39.64 9.88
C GLN B 649 0.65 38.55 9.79
N ALA B 650 1.03 37.34 10.23
CA ALA B 650 0.08 36.24 10.39
C ALA B 650 0.57 35.22 11.43
N SER B 651 -0.38 34.62 12.15
CA SER B 651 -0.10 33.49 13.02
C SER B 651 -0.89 32.28 12.54
N PHE B 652 -0.21 31.36 11.86
CA PHE B 652 -0.83 30.11 11.43
C PHE B 652 -0.84 29.12 12.60
N VAL B 653 -2.03 28.84 13.11
CA VAL B 653 -2.20 27.92 14.23
C VAL B 653 -2.98 26.70 13.75
N SER B 654 -2.58 25.52 14.22
CA SER B 654 -3.33 24.31 13.91
C SER B 654 -3.14 23.19 14.92
N VAL B 655 -4.07 22.24 14.86
CA VAL B 655 -4.04 21.00 15.66
C VAL B 655 -4.16 19.83 14.70
N LEU B 656 -3.36 18.79 14.92
CA LEU B 656 -3.46 17.56 14.13
C LEU B 656 -3.76 16.43 15.10
N GLU B 657 -4.92 15.80 14.90
CA GLU B 657 -5.52 14.90 15.87
C GLU B 657 -5.81 13.52 15.26
N PRO B 658 -5.06 12.48 15.68
CA PRO B 658 -5.45 11.12 15.29
C PRO B 658 -6.62 10.67 16.16
N HIS B 659 -7.64 10.09 15.54
CA HIS B 659 -8.78 9.60 16.32
C HIS B 659 -9.52 8.45 15.65
N GLY B 660 -10.22 7.68 16.48
CA GLY B 660 -11.17 6.68 16.00
C GLY B 660 -10.59 5.43 15.40
N LYS B 661 -11.48 4.56 14.92
CA LYS B 661 -11.12 3.28 14.34
C LYS B 661 -12.05 3.00 13.17
N TYR B 662 -11.49 2.46 12.09
CA TYR B 662 -12.28 1.92 11.00
C TYR B 662 -11.68 0.56 10.66
N ASP B 663 -12.51 -0.47 10.70
CA ASP B 663 -12.05 -1.81 10.35
C ASP B 663 -12.91 -2.32 9.21
N GLY B 664 -12.36 -2.27 7.99
CA GLY B 664 -13.08 -2.70 6.80
C GLY B 664 -13.25 -4.21 6.72
N SER B 665 -12.42 -4.94 7.46
CA SER B 665 -12.49 -6.40 7.48
C SER B 665 -13.65 -6.89 8.34
N LEU B 666 -13.65 -6.48 9.61
CA LEU B 666 -14.72 -6.82 10.55
C LEU B 666 -15.95 -5.91 10.43
N GLU B 667 -15.83 -4.84 9.64
CA GLU B 667 -16.93 -3.92 9.32
C GLU B 667 -17.46 -3.21 10.57
N THR B 668 -16.53 -2.50 11.24
CA THR B 668 -16.85 -1.73 12.43
C THR B 668 -16.17 -0.36 12.36
N THR B 669 -16.68 0.56 13.17
CA THR B 669 -16.08 1.86 13.33
C THR B 669 -16.43 2.42 14.70
N SER B 670 -15.64 3.40 15.15
CA SER B 670 -15.90 4.15 16.38
C SER B 670 -15.06 5.41 16.40
N GLY B 671 -15.53 6.42 17.15
CA GLY B 671 -14.82 7.69 17.32
C GLY B 671 -14.41 8.36 16.03
N ALA B 672 -15.25 8.24 15.01
CA ALA B 672 -14.94 8.76 13.67
C ALA B 672 -15.00 10.30 13.57
N TYR B 673 -15.67 10.94 14.53
CA TYR B 673 -15.74 12.40 14.58
C TYR B 673 -14.60 12.98 15.40
N SER B 674 -14.08 14.13 14.96
CA SER B 674 -13.08 14.86 15.73
C SER B 674 -13.61 15.20 17.12
N ASN B 675 -12.71 15.23 18.11
CA ASN B 675 -13.06 15.62 19.47
C ASN B 675 -12.68 17.07 19.76
N VAL B 676 -12.18 17.75 18.73
CA VAL B 676 -11.84 19.15 18.83
C VAL B 676 -13.03 19.95 18.32
N LYS B 677 -13.60 20.76 19.20
CA LYS B 677 -14.71 21.64 18.85
C LYS B 677 -14.19 22.83 18.05
N SER B 678 -13.14 23.46 18.54
CA SER B 678 -12.55 24.63 17.89
C SER B 678 -11.14 24.90 18.40
N VAL B 679 -10.44 25.77 17.67
CA VAL B 679 -9.13 26.26 18.08
C VAL B 679 -9.14 27.78 18.00
N LYS B 680 -8.69 28.44 19.08
CA LYS B 680 -8.61 29.90 19.11
C LYS B 680 -7.19 30.36 19.46
N HIS B 681 -6.78 31.49 18.89
CA HIS B 681 -5.45 32.03 19.14
C HIS B 681 -5.47 33.51 19.54
N VAL B 682 -4.65 33.84 20.54
CA VAL B 682 -4.43 35.21 20.98
C VAL B 682 -2.93 35.48 21.10
N SER B 683 -2.52 36.62 20.56
CA SER B 683 -1.15 37.11 20.70
C SER B 683 -1.09 38.46 21.43
N GLU B 684 -0.32 38.51 22.51
CA GLU B 684 -0.14 39.75 23.28
C GLU B 684 1.32 39.91 23.68
N ASN B 685 1.90 41.07 23.33
CA ASN B 685 3.33 41.37 23.56
C ASN B 685 4.28 40.33 22.97
N GLY B 686 3.95 39.83 21.79
CA GLY B 686 4.75 38.80 21.11
C GLY B 686 4.69 37.45 21.77
N LYS B 687 3.71 37.26 22.66
CA LYS B 687 3.51 35.98 23.35
C LYS B 687 2.19 35.36 22.89
N ASP B 688 2.21 34.05 22.69
CA ASP B 688 1.06 33.35 22.10
C ASP B 688 0.30 32.47 23.08
N VAL B 689 -1.03 32.49 22.97
CA VAL B 689 -1.90 31.57 23.69
C VAL B 689 -2.84 30.88 22.70
N VAL B 690 -2.82 29.55 22.72
CA VAL B 690 -3.71 28.72 21.90
C VAL B 690 -4.66 27.94 22.82
N VAL B 691 -5.95 28.10 22.59
CA VAL B 691 -6.95 27.33 23.33
C VAL B 691 -7.64 26.33 22.41
N VAL B 692 -7.49 25.04 22.73
CA VAL B 692 -8.13 23.97 21.98
C VAL B 692 -9.37 23.53 22.76
N ASP B 693 -10.54 23.93 22.29
CA ASP B 693 -11.78 23.53 22.95
C ASP B 693 -12.19 22.14 22.50
N LEU B 694 -12.41 21.25 23.47
CA LEU B 694 -12.80 19.87 23.17
C LEU B 694 -14.31 19.69 23.31
N LYS B 695 -14.83 18.68 22.62
CA LYS B 695 -16.28 18.47 22.56
C LYS B 695 -16.93 18.09 23.90
N ASP B 696 -16.18 17.45 24.79
CA ASP B 696 -16.68 17.11 26.12
C ASP B 696 -16.69 18.29 27.11
N GLY B 697 -16.43 19.50 26.61
CA GLY B 697 -16.47 20.70 27.44
C GLY B 697 -15.13 21.11 28.05
N SER B 698 -14.15 20.23 27.98
CA SER B 698 -12.81 20.52 28.48
C SER B 698 -12.01 21.31 27.43
N ASN B 699 -10.86 21.84 27.84
CA ASN B 699 -9.96 22.50 26.90
C ASN B 699 -8.49 22.26 27.21
N VAL B 700 -7.64 22.58 26.24
CA VAL B 700 -6.20 22.51 26.41
C VAL B 700 -5.65 23.89 26.10
N VAL B 701 -4.81 24.41 27.00
CA VAL B 701 -4.22 25.72 26.82
C VAL B 701 -2.72 25.59 26.57
N VAL B 702 -2.28 26.08 25.42
CA VAL B 702 -0.87 26.13 25.07
C VAL B 702 -0.40 27.59 25.10
N ALA B 703 0.65 27.87 25.89
CA ALA B 703 1.18 29.23 26.03
C ALA B 703 2.66 29.31 25.69
N LEU B 704 3.02 30.23 24.81
CA LEU B 704 4.40 30.41 24.36
C LEU B 704 4.89 31.83 24.62
N SER B 705 5.99 31.95 25.38
CA SER B 705 6.60 33.26 25.68
C SER B 705 7.82 33.56 24.82
N TYR B 706 8.46 32.50 24.31
CA TYR B 706 9.71 32.61 23.53
C TYR B 706 10.86 33.18 24.37
N ASN B 707 10.77 32.96 25.68
CA ASN B 707 11.77 33.38 26.64
C ASN B 707 12.30 32.15 27.37
N ALA B 708 13.60 31.91 27.25
CA ALA B 708 14.21 30.69 27.78
C ALA B 708 14.29 30.63 29.31
N ASN B 709 14.22 31.78 29.98
CA ASN B 709 14.26 31.84 31.44
C ASN B 709 13.08 31.10 32.07
N SER B 710 13.35 29.92 32.60
CA SER B 710 12.31 29.02 33.12
C SER B 710 11.52 29.58 34.29
N GLU B 711 12.09 30.60 34.95
CA GLU B 711 11.49 31.16 36.16
C GLU B 711 10.71 32.46 35.90
N GLN B 712 10.89 33.03 34.71
CA GLN B 712 10.18 34.23 34.31
C GLN B 712 8.67 33.99 34.17
N VAL B 713 7.88 34.82 34.85
CA VAL B 713 6.43 34.72 34.82
C VAL B 713 5.86 35.56 33.67
N HIS B 714 4.83 35.04 33.01
CA HIS B 714 4.21 35.72 31.87
C HIS B 714 2.70 35.83 32.04
N LYS B 715 2.11 36.79 31.36
CA LYS B 715 0.67 37.05 31.45
C LYS B 715 0.09 37.45 30.09
N VAL B 716 -1.02 36.82 29.72
CA VAL B 716 -1.72 37.16 28.49
C VAL B 716 -3.23 37.21 28.72
N ASN B 717 -3.87 38.24 28.16
CA ASN B 717 -5.33 38.39 28.21
C ASN B 717 -6.02 37.66 27.06
N ALA B 718 -6.44 36.44 27.33
CA ALA B 718 -7.13 35.61 26.33
C ALA B 718 -8.64 35.85 26.37
N GLY B 719 -9.08 36.93 25.73
CA GLY B 719 -10.49 37.29 25.66
C GLY B 719 -11.09 37.63 27.01
N GLU B 720 -11.61 36.61 27.70
CA GLU B 720 -12.26 36.78 29.01
C GLU B 720 -11.27 36.48 30.13
N GLU B 721 -10.63 35.31 30.04
CA GLU B 721 -9.74 34.81 31.08
C GLU B 721 -8.31 35.32 30.90
N ALA B 722 -7.58 35.40 32.02
CA ALA B 722 -6.17 35.77 32.01
C ALA B 722 -5.30 34.53 32.17
N ILE B 723 -4.33 34.37 31.27
CA ILE B 723 -3.45 33.20 31.26
C ILE B 723 -2.07 33.56 31.82
N GLU B 724 -1.66 32.81 32.84
CA GLU B 724 -0.42 33.08 33.55
C GLU B 724 0.43 31.81 33.64
N TRP B 725 1.71 31.92 33.26
CA TRP B 725 2.62 30.77 33.25
C TRP B 725 4.08 31.18 33.44
N LYS B 726 4.91 30.20 33.79
CA LYS B 726 6.37 30.37 33.84
C LYS B 726 7.03 29.71 32.64
N GLY B 727 8.15 30.29 32.20
CA GLY B 727 9.02 29.65 31.21
C GLY B 727 8.72 29.92 29.75
N PHE B 728 9.47 29.24 28.89
CA PHE B 728 9.32 29.33 27.43
C PHE B 728 7.92 28.89 26.99
N SER B 729 7.43 27.80 27.56
CA SER B 729 6.15 27.24 27.16
C SER B 729 5.38 26.66 28.33
N SER B 730 4.06 26.60 28.20
CA SER B 730 3.23 25.91 29.16
C SER B 730 2.09 25.19 28.45
N VAL B 731 1.75 24.00 28.93
CA VAL B 731 0.57 23.27 28.45
C VAL B 731 -0.29 22.81 29.62
N VAL B 732 -1.54 23.28 29.66
CA VAL B 732 -2.45 22.88 30.73
C VAL B 732 -3.77 22.35 30.18
N VAL B 733 -4.15 21.16 30.63
CA VAL B 733 -5.46 20.59 30.31
C VAL B 733 -6.42 20.92 31.46
N ARG B 734 -7.45 21.69 31.17
CA ARG B 734 -8.47 22.04 32.18
C ARG B 734 -9.69 21.13 32.06
C1 LGU C . -33.12 -2.30 -1.01
C2 LGU C . -32.29 -3.55 -0.66
O2 LGU C . -32.99 -4.73 -1.07
C3 LGU C . -30.89 -3.54 -1.28
O3 LGU C . -30.95 -3.84 -2.69
C4 LGU C . -30.20 -2.20 -1.07
O4 LGU C . -29.98 -1.99 0.34
C5 LGU C . -31.11 -1.09 -1.60
O5 LGU C . -32.34 -1.11 -0.85
C6 LGU C . -30.46 0.26 -1.42
O6B LGU C . -30.88 1.01 -0.51
O6A LGU C . -29.54 0.58 -2.19
O1 LGU C . -33.63 -2.36 -2.35
C1 MAV C . -28.59 -2.17 0.66
C2 MAV C . -28.32 -1.64 2.07
O2 MAV C . -29.15 -2.34 2.99
C3 MAV C . -26.86 -1.86 2.47
O3 MAV C . -26.69 -1.60 3.86
C4 MAV C . -26.38 -3.29 2.13
O4 MAV C . -24.96 -3.35 2.15
C5 MAV C . -26.80 -3.71 0.71
O5 MAV C . -28.20 -3.54 0.58
C6 MAV C . -26.44 -5.15 0.48
O6A MAV C . -27.15 -6.04 0.99
O6B MAV C . -25.43 -5.40 -0.20
C1 BEM C . -24.51 -4.14 3.26
C2 BEM C . -23.11 -4.66 2.99
O2 BEM C . -22.24 -3.54 2.74
C3 BEM C . -22.59 -5.44 4.19
O3 BEM C . -21.17 -5.55 4.08
C4 BEM C . -22.88 -4.80 5.55
C5 BEM C . -24.26 -4.13 5.61
O5 BEM C . -24.48 -3.34 4.45
C6 BEM C . -24.42 -3.24 6.80
O6B BEM C . -25.09 -2.18 6.64
O6A BEM C . -23.91 -3.58 7.89
C1 LGU D . 28.26 15.53 -7.83
C2 LGU D . 28.23 14.50 -6.70
O2 LGU D . 29.22 14.81 -5.71
C3 LGU D . 26.85 14.41 -6.03
O3 LGU D . 26.61 15.54 -5.18
C4 LGU D . 25.75 14.30 -7.08
O4 LGU D . 25.87 13.04 -7.74
C5 LGU D . 25.87 15.41 -8.13
O5 LGU D . 27.17 15.35 -8.75
C6 LGU D . 24.81 15.20 -9.19
O6B LGU D . 25.15 14.85 -10.34
O6A LGU D . 23.62 15.39 -8.86
O1 LGU D . 28.25 16.87 -7.32
C1 MAV D . 24.89 12.11 -7.26
C2 MAV D . 24.91 10.89 -8.18
O2 MAV D . 26.22 10.33 -8.19
C3 MAV D . 23.89 9.88 -7.69
O3 MAV D . 24.02 8.67 -8.45
C4 MAV D . 24.03 9.59 -6.18
O4 MAV D . 22.89 8.88 -5.70
C5 MAV D . 24.11 10.90 -5.40
O5 MAV D . 25.15 11.71 -5.92
C6 MAV D . 24.35 10.63 -3.94
O6A MAV D . 25.41 10.08 -3.58
O6B MAV D . 23.46 10.99 -3.14
C1 BEM D . 23.27 7.55 -5.31
C2 BEM D . 22.23 6.99 -4.36
O2 BEM D . 20.93 7.03 -4.98
C3 BEM D . 22.57 5.54 -4.02
O3 BEM D . 21.45 4.94 -3.36
C4 BEM D . 22.93 4.69 -5.24
C5 BEM D . 23.85 5.40 -6.22
O5 BEM D . 23.37 6.72 -6.47
C6 BEM D . 23.94 4.68 -7.54
O6B BEM D . 23.96 5.37 -8.59
O6A BEM D . 24.02 3.43 -7.56
ZN ZN E . -17.55 -1.71 -11.56
C1 EDO F . -6.87 -16.49 -1.90
O1 EDO F . -7.38 -15.16 -2.05
C2 EDO F . -5.54 -16.49 -1.14
O2 EDO F . -4.59 -15.77 -1.90
ZN ZN G . 11.71 17.55 0.58
C1 EDO H . 12.60 -0.22 13.17
O1 EDO H . 11.34 -0.58 12.58
C2 EDO H . 12.76 1.28 13.09
O2 EDO H . 12.31 1.70 11.80
#